data_6PLT
#
_entry.id   6PLT
#
loop_
_entity.id
_entity.type
_entity.pdbx_description
1 polymer 'Glycine receptor subunit alphaZ1'
2 branched 2-acetamido-2-deoxy-beta-D-glucopyranose-(1-4)-2-acetamido-2-deoxy-beta-D-glucopyranose
3 non-polymer 'UNKNOWN LIGAND'
4 non-polymer '2-AMINOETHANESULFONIC ACID'
#
_entity_poly.entity_id   1
_entity_poly.type   'polypeptide(L)'
_entity_poly.pdbx_seq_one_letter_code
;MFALGIYLWETIVFFSLAASQQAAARKAASPMPPSEFLDKLMGKVSGYDARIRPNFKGPPVNVTCNIFINSFGSIAETTM
DYRVNIFLRQQWNDPRLAYSEYPDDSLDLDPSMLDSIWKPDLFFANEKGANFHEVTTDNKLLRISKNGNVLYSIRITLVL
ACPMDLKNFPMDVQTCIMQLESFGYTMNDLIFEWDEKGAVQVADGLTLPQFILKEEKDLRYCTKHYNTGKFTCIEARFHL
ERQMGYYLIQMYIPSLLIVILSWVSFWINMDAAPARVGLGITTVLTMTTQSSGSRASLPKVSYVKAIDIWMAVCLLFVFS
ALLEYAAVNFIARQHKELLRFQRRRRHLKEDEAGDGRFSFAAYGMGPACLQAKDGMAIKGNNNNAPTSTNPPEKTVEEMR
KLFISRAKRIDTVSRVAFPLVFLIFNIFYWITYKIIRSEDIHKQLVPRGSHHHHHHHH
;
_entity_poly.pdbx_strand_id   A,E,D,C,B
#
loop_
_chem_comp.id
_chem_comp.type
_chem_comp.name
_chem_comp.formula
NAG D-saccharide, beta linking 2-acetamido-2-deoxy-beta-D-glucopyranose 'C8 H15 N O6'
TAU non-polymer '2-AMINOETHANESULFONIC ACID' 'C2 H7 N O3 S'
UNL non-polymer 'UNKNOWN LIGAND' ?
#
# COMPACT_ATOMS: atom_id res chain seq x y z
N PRO A 31 24.36 44.81 -27.74
CA PRO A 31 24.27 45.87 -26.74
C PRO A 31 24.16 45.31 -25.31
N MET A 32 23.15 45.75 -24.59
CA MET A 32 22.94 45.33 -23.22
C MET A 32 22.38 43.91 -23.17
N PRO A 33 22.69 43.14 -22.13
CA PRO A 33 22.22 41.74 -22.06
C PRO A 33 20.73 41.67 -21.84
N PRO A 34 20.09 40.55 -22.22
CA PRO A 34 18.62 40.48 -22.15
C PRO A 34 18.07 40.48 -20.74
N SER A 35 18.85 40.04 -19.76
CA SER A 35 18.36 40.06 -18.38
C SER A 35 18.24 41.47 -17.84
N GLU A 36 19.14 42.37 -18.26
CA GLU A 36 19.01 43.75 -17.86
C GLU A 36 17.96 44.48 -18.70
N PHE A 37 17.73 44.01 -19.93
CA PHE A 37 16.72 44.65 -20.76
C PHE A 37 15.31 44.34 -20.27
N LEU A 38 15.11 43.17 -19.66
CA LEU A 38 13.80 42.85 -19.13
C LEU A 38 13.53 43.54 -17.80
N ASP A 39 14.58 43.86 -17.03
CA ASP A 39 14.37 44.61 -15.81
C ASP A 39 13.99 46.05 -16.10
N LYS A 40 14.45 46.60 -17.23
CA LYS A 40 13.94 47.88 -17.69
C LYS A 40 12.49 47.75 -18.15
N LEU A 41 12.14 46.61 -18.74
CA LEU A 41 10.82 46.43 -19.31
C LEU A 41 9.78 46.10 -18.25
N MET A 42 10.19 45.48 -17.14
CA MET A 42 9.25 45.01 -16.14
C MET A 42 9.37 45.73 -14.81
N GLY A 43 10.31 46.67 -14.67
CA GLY A 43 10.60 47.26 -13.39
C GLY A 43 9.59 48.32 -12.98
N LYS A 44 10.00 49.14 -12.01
CA LYS A 44 9.16 50.27 -11.60
C LYS A 44 9.16 51.35 -12.67
N VAL A 45 10.23 51.45 -13.45
CA VAL A 45 10.18 52.19 -14.70
C VAL A 45 9.24 51.46 -15.64
N SER A 46 8.44 52.22 -16.40
CA SER A 46 7.41 51.82 -17.36
C SER A 46 6.17 51.22 -16.71
N GLY A 47 6.15 51.08 -15.38
CA GLY A 47 4.93 50.82 -14.64
C GLY A 47 4.27 49.49 -14.90
N TYR A 48 5.01 48.48 -15.34
CA TYR A 48 4.42 47.16 -15.55
C TYR A 48 4.10 46.53 -14.20
N ASP A 49 2.83 46.46 -13.87
CA ASP A 49 2.38 45.80 -12.64
C ASP A 49 1.90 44.41 -13.00
N ALA A 50 2.45 43.40 -12.34
CA ALA A 50 2.15 42.01 -12.63
C ALA A 50 0.83 41.55 -12.04
N ARG A 51 0.06 42.43 -11.43
CA ARG A 51 -1.22 42.07 -10.83
C ARG A 51 -2.40 42.55 -11.66
N ILE A 52 -2.15 43.16 -12.81
CA ILE A 52 -3.21 43.60 -13.72
C ILE A 52 -3.02 42.85 -15.03
N ARG A 53 -4.09 42.21 -15.50
CA ARG A 53 -4.05 41.49 -16.76
C ARG A 53 -3.86 42.47 -17.92
N PRO A 54 -3.34 42.01 -19.06
CA PRO A 54 -3.28 42.86 -20.24
C PRO A 54 -4.66 43.17 -20.77
N ASN A 55 -4.75 44.28 -21.52
CA ASN A 55 -5.99 44.83 -22.06
C ASN A 55 -7.01 45.06 -20.96
N PHE A 56 -6.59 45.79 -19.94
CA PHE A 56 -7.43 46.00 -18.78
C PHE A 56 -8.53 46.99 -19.09
N LYS A 57 -9.73 46.71 -18.57
CA LYS A 57 -10.97 47.40 -18.89
C LYS A 57 -11.21 47.47 -20.39
N GLY A 58 -11.09 46.30 -21.04
CA GLY A 58 -11.30 46.21 -22.46
C GLY A 58 -11.77 44.82 -22.86
N PRO A 59 -11.26 44.31 -23.97
CA PRO A 59 -11.61 42.96 -24.39
C PRO A 59 -10.95 41.93 -23.49
N PRO A 60 -11.48 40.72 -23.43
CA PRO A 60 -10.85 39.67 -22.62
C PRO A 60 -9.57 39.16 -23.26
N VAL A 61 -8.82 38.39 -22.48
CA VAL A 61 -7.55 37.84 -22.91
C VAL A 61 -7.78 36.49 -23.53
N ASN A 62 -7.26 36.29 -24.74
CA ASN A 62 -7.46 35.05 -25.48
C ASN A 62 -6.25 34.15 -25.28
N VAL A 63 -6.25 33.45 -24.16
CA VAL A 63 -5.22 32.46 -23.86
C VAL A 63 -5.52 31.21 -24.66
N THR A 64 -4.54 30.76 -25.44
CA THR A 64 -4.66 29.51 -26.16
C THR A 64 -3.68 28.48 -25.61
N CYS A 65 -4.10 27.22 -25.60
CA CYS A 65 -3.40 26.18 -24.87
C CYS A 65 -3.26 24.93 -25.72
N ASN A 66 -2.18 24.18 -25.46
CA ASN A 66 -2.06 22.81 -25.91
C ASN A 66 -1.13 22.07 -24.96
N ILE A 67 -1.38 20.77 -24.80
CA ILE A 67 -0.64 19.96 -23.84
C ILE A 67 0.15 18.91 -24.59
N PHE A 68 1.11 18.32 -23.87
CA PHE A 68 1.96 17.26 -24.42
C PHE A 68 2.12 16.22 -23.33
N ILE A 69 1.58 15.02 -23.55
CA ILE A 69 1.54 14.00 -22.52
C ILE A 69 2.81 13.17 -22.58
N ASN A 70 3.65 13.29 -21.55
CA ASN A 70 4.83 12.45 -21.47
C ASN A 70 4.48 11.05 -20.97
N SER A 71 3.97 10.97 -19.75
CA SER A 71 3.62 9.71 -19.14
C SER A 71 2.12 9.67 -18.89
N PHE A 72 1.59 8.48 -18.72
CA PHE A 72 0.16 8.27 -18.56
C PHE A 72 -0.03 6.89 -17.96
N GLY A 73 -0.81 6.78 -16.90
CA GLY A 73 -1.14 5.45 -16.42
C GLY A 73 -1.38 5.45 -14.93
N SER A 74 -1.26 4.23 -14.38
CA SER A 74 -1.69 3.87 -13.04
C SER A 74 -3.14 4.28 -12.81
N ILE A 75 -4.01 3.75 -13.65
CA ILE A 75 -5.42 4.08 -13.57
C ILE A 75 -6.02 3.23 -12.46
N ALA A 76 -6.02 3.78 -11.25
CA ALA A 76 -6.61 3.07 -10.13
C ALA A 76 -8.13 3.12 -10.23
N GLU A 77 -8.76 2.07 -9.75
CA GLU A 77 -10.20 1.95 -9.83
C GLU A 77 -10.89 1.91 -8.49
N THR A 78 -10.16 1.60 -7.42
CA THR A 78 -10.68 1.84 -6.08
C THR A 78 -10.72 3.33 -5.79
N THR A 79 -9.67 4.04 -6.17
CA THR A 79 -9.62 5.49 -5.97
C THR A 79 -10.35 6.23 -7.08
N MET A 80 -10.53 5.57 -8.24
CA MET A 80 -11.12 6.15 -9.46
C MET A 80 -10.37 7.39 -9.90
N ASP A 81 -9.10 7.20 -10.25
CA ASP A 81 -8.26 8.29 -10.72
C ASP A 81 -7.19 7.72 -11.64
N TYR A 82 -6.38 8.61 -12.19
CA TYR A 82 -5.26 8.22 -13.04
C TYR A 82 -4.27 9.36 -13.00
N ARG A 83 -2.99 9.05 -13.08
CA ARG A 83 -2.01 10.10 -13.05
C ARG A 83 -1.39 10.28 -14.42
N VAL A 84 -1.00 11.51 -14.71
CA VAL A 84 -0.53 11.89 -16.02
C VAL A 84 0.57 12.94 -15.82
N ASN A 85 1.54 12.95 -16.72
CA ASN A 85 2.70 13.83 -16.62
C ASN A 85 2.77 14.63 -17.92
N ILE A 86 2.43 15.92 -17.85
CA ILE A 86 2.21 16.68 -19.06
C ILE A 86 3.18 17.86 -19.14
N PHE A 87 3.31 18.38 -20.35
CA PHE A 87 3.74 19.74 -20.59
C PHE A 87 2.50 20.57 -20.81
N LEU A 88 2.56 21.85 -20.44
CA LEU A 88 1.41 22.74 -20.55
C LEU A 88 1.86 24.04 -21.20
N ARG A 89 1.55 24.20 -22.47
CA ARG A 89 2.00 25.35 -23.24
C ARG A 89 0.86 26.36 -23.29
N GLN A 90 1.14 27.60 -22.91
CA GLN A 90 0.14 28.65 -22.90
C GLN A 90 0.66 29.81 -23.73
N GLN A 91 -0.21 30.36 -24.57
CA GLN A 91 0.15 31.49 -25.39
C GLN A 91 -0.90 32.58 -25.25
N TRP A 92 -0.47 33.80 -24.96
CA TRP A 92 -1.38 34.92 -24.94
C TRP A 92 -0.64 36.14 -25.46
N ASN A 93 -1.33 37.26 -25.54
CA ASN A 93 -0.74 38.50 -25.99
C ASN A 93 -0.71 39.50 -24.84
N ASP A 94 0.33 40.30 -24.79
CA ASP A 94 0.51 41.30 -23.72
C ASP A 94 1.14 42.51 -24.37
N PRO A 95 0.37 43.57 -24.63
CA PRO A 95 0.92 44.73 -25.35
C PRO A 95 1.90 45.53 -24.52
N ARG A 96 1.92 45.36 -23.21
CA ARG A 96 2.88 46.06 -22.37
C ARG A 96 4.28 45.52 -22.53
N LEU A 97 4.42 44.29 -23.01
CA LEU A 97 5.72 43.67 -23.18
C LEU A 97 6.26 43.80 -24.59
N ALA A 98 5.62 44.60 -25.44
CA ALA A 98 6.13 44.81 -26.78
C ALA A 98 7.38 45.69 -26.73
N TYR A 99 8.39 45.31 -27.50
CA TYR A 99 9.64 46.04 -27.53
C TYR A 99 10.10 46.16 -28.97
N SER A 100 10.89 47.19 -29.24
CA SER A 100 11.49 47.39 -30.56
C SER A 100 12.95 47.77 -30.55
N GLU A 101 13.50 48.24 -29.42
CA GLU A 101 14.87 48.72 -29.39
C GLU A 101 15.86 47.55 -29.43
N TYR A 102 15.60 46.50 -28.67
CA TYR A 102 16.50 45.36 -28.63
C TYR A 102 16.43 44.61 -29.94
N PRO A 103 17.56 44.20 -30.51
CA PRO A 103 17.56 43.72 -31.90
C PRO A 103 17.00 42.33 -32.13
N ASP A 104 17.15 41.43 -31.15
CA ASP A 104 16.77 40.04 -31.39
C ASP A 104 15.26 39.84 -31.36
N ASP A 105 14.80 38.86 -32.13
CA ASP A 105 13.38 38.71 -32.38
C ASP A 105 12.65 38.00 -31.24
N SER A 106 13.37 37.43 -30.29
CA SER A 106 12.75 36.74 -29.16
C SER A 106 13.66 36.87 -27.94
N LEU A 107 13.05 36.71 -26.78
CA LEU A 107 13.76 36.74 -25.51
C LEU A 107 13.43 35.48 -24.74
N ASP A 108 13.96 35.40 -23.52
CA ASP A 108 13.60 34.33 -22.60
C ASP A 108 13.84 34.79 -21.18
N LEU A 109 12.78 34.87 -20.39
CA LEU A 109 12.92 35.25 -18.99
C LEU A 109 13.39 34.06 -18.18
N ASP A 110 14.34 34.32 -17.30
CA ASP A 110 14.82 33.27 -16.40
C ASP A 110 13.72 32.91 -15.41
N PRO A 111 13.61 31.64 -15.02
CA PRO A 111 12.55 31.25 -14.07
C PRO A 111 12.68 31.82 -12.67
N SER A 112 13.83 32.40 -12.31
CA SER A 112 13.92 33.09 -11.02
C SER A 112 13.12 34.38 -11.03
N MET A 113 13.16 35.11 -12.14
CA MET A 113 12.47 36.39 -12.29
C MET A 113 11.05 36.22 -12.79
N LEU A 114 10.45 35.04 -12.61
CA LEU A 114 9.19 34.73 -13.26
C LEU A 114 7.99 35.34 -12.55
N ASP A 115 8.15 35.81 -11.32
CA ASP A 115 7.04 36.38 -10.58
C ASP A 115 6.70 37.80 -11.03
N SER A 116 7.45 38.39 -11.94
CA SER A 116 7.19 39.73 -12.44
C SER A 116 6.50 39.73 -13.80
N ILE A 117 5.67 38.72 -14.06
CA ILE A 117 4.90 38.60 -15.30
C ILE A 117 3.49 38.17 -14.94
N TRP A 118 2.50 38.82 -15.54
CA TRP A 118 1.13 38.35 -15.43
C TRP A 118 1.00 36.99 -16.07
N LYS A 119 0.55 36.02 -15.30
CA LYS A 119 0.30 34.69 -15.80
C LYS A 119 -1.13 34.29 -15.54
N PRO A 120 -1.76 33.53 -16.43
CA PRO A 120 -3.15 33.11 -16.18
C PRO A 120 -3.22 32.12 -15.03
N ASP A 121 -4.31 32.19 -14.28
CA ASP A 121 -4.52 31.30 -13.14
C ASP A 121 -5.26 30.03 -13.57
N LEU A 122 -4.65 29.32 -14.51
CA LEU A 122 -5.20 28.07 -14.98
C LEU A 122 -5.08 27.02 -13.89
N PHE A 123 -6.13 26.24 -13.73
CA PHE A 123 -6.06 25.07 -12.87
C PHE A 123 -6.94 24.01 -13.48
N PHE A 124 -6.84 22.80 -12.95
CA PHE A 124 -7.58 21.66 -13.45
C PHE A 124 -8.74 21.41 -12.52
N ALA A 125 -9.94 21.27 -13.08
CA ALA A 125 -11.15 21.18 -12.25
C ALA A 125 -11.26 19.87 -11.50
N ASN A 126 -10.42 18.88 -11.81
CA ASN A 126 -10.42 17.61 -11.12
C ASN A 126 -8.99 17.19 -10.80
N GLU A 127 -8.24 18.10 -10.16
CA GLU A 127 -6.84 17.87 -9.81
C GLU A 127 -6.66 16.64 -8.92
N LYS A 128 -7.31 16.66 -7.74
CA LYS A 128 -7.18 15.65 -6.70
C LYS A 128 -5.71 15.49 -6.29
N GLY A 129 -4.99 16.60 -6.25
CA GLY A 129 -3.57 16.61 -5.94
C GLY A 129 -2.70 16.72 -7.18
N ALA A 130 -1.71 17.61 -7.13
CA ALA A 130 -0.78 17.81 -8.24
C ALA A 130 0.42 18.57 -7.70
N ASN A 131 1.48 18.62 -8.52
CA ASN A 131 2.72 19.26 -8.11
C ASN A 131 3.56 19.57 -9.34
N PHE A 132 4.54 20.46 -9.17
CA PHE A 132 5.49 20.80 -10.21
C PHE A 132 6.68 19.85 -10.15
N HIS A 133 7.74 20.17 -10.88
CA HIS A 133 9.02 19.50 -10.77
C HIS A 133 10.10 20.55 -10.64
N GLU A 134 10.96 20.42 -9.65
CA GLU A 134 11.97 21.41 -9.35
C GLU A 134 13.36 20.79 -9.32
N VAL A 135 13.63 19.86 -10.24
CA VAL A 135 14.89 19.15 -10.24
C VAL A 135 15.88 19.89 -11.13
N THR A 136 16.92 20.43 -10.48
CA THR A 136 18.13 21.10 -10.97
C THR A 136 17.82 22.51 -11.47
N THR A 137 16.54 22.82 -11.67
CA THR A 137 16.00 24.09 -12.14
C THR A 137 14.49 23.90 -12.06
N ASP A 138 13.73 24.96 -11.79
CA ASP A 138 12.30 24.94 -12.03
C ASP A 138 12.05 24.62 -13.49
N ASN A 139 11.23 23.61 -13.76
CA ASN A 139 10.90 23.23 -15.12
C ASN A 139 9.81 24.16 -15.66
N LYS A 140 10.23 25.38 -15.94
CA LYS A 140 9.34 26.46 -16.36
C LYS A 140 10.04 27.23 -17.47
N LEU A 141 9.32 27.51 -18.53
CA LEU A 141 9.86 28.18 -19.70
C LEU A 141 9.04 29.42 -19.99
N LEU A 142 9.71 30.52 -20.31
CA LEU A 142 8.99 31.72 -20.69
C LEU A 142 9.72 32.39 -21.83
N ARG A 143 9.02 32.68 -22.91
CA ARG A 143 9.59 33.41 -24.03
C ARG A 143 8.70 34.60 -24.35
N ILE A 144 9.33 35.68 -24.77
CA ILE A 144 8.62 36.90 -25.15
C ILE A 144 9.01 37.25 -26.57
N SER A 145 8.03 37.25 -27.46
CA SER A 145 8.27 37.64 -28.83
C SER A 145 8.36 39.16 -28.94
N LYS A 146 8.63 39.64 -30.15
CA LYS A 146 8.86 41.08 -30.33
C LYS A 146 7.55 41.85 -30.28
N ASN A 147 6.49 41.32 -30.88
CA ASN A 147 5.21 42.01 -30.87
C ASN A 147 4.49 41.91 -29.54
N GLY A 148 4.93 41.03 -28.63
CA GLY A 148 4.31 40.90 -27.33
C GLY A 148 3.64 39.56 -27.10
N ASN A 149 3.73 38.61 -28.01
CA ASN A 149 3.22 37.27 -27.75
C ASN A 149 4.11 36.58 -26.73
N VAL A 150 3.49 35.88 -25.80
CA VAL A 150 4.18 35.26 -24.68
C VAL A 150 3.93 33.77 -24.72
N LEU A 151 5.00 32.99 -24.73
CA LEU A 151 4.92 31.53 -24.63
C LEU A 151 5.35 31.10 -23.24
N TYR A 152 4.54 30.25 -22.60
CA TYR A 152 4.79 29.82 -21.24
C TYR A 152 4.54 28.33 -21.15
N SER A 153 5.57 27.56 -20.82
CA SER A 153 5.50 26.11 -20.84
C SER A 153 6.04 25.56 -19.54
N ILE A 154 5.24 24.75 -18.85
CA ILE A 154 5.62 24.17 -17.57
C ILE A 154 5.39 22.67 -17.62
N ARG A 155 5.80 21.99 -16.56
CA ARG A 155 5.75 20.53 -16.48
C ARG A 155 5.08 20.13 -15.18
N ILE A 156 3.97 19.42 -15.27
CA ILE A 156 3.10 19.13 -14.14
C ILE A 156 2.87 17.64 -14.06
N THR A 157 2.84 17.08 -12.85
CA THR A 157 2.27 15.77 -12.59
C THR A 157 0.89 15.94 -11.98
N LEU A 158 -0.12 15.40 -12.65
CA LEU A 158 -1.49 15.47 -12.21
C LEU A 158 -1.92 14.12 -11.66
N VAL A 159 -2.92 14.13 -10.77
CA VAL A 159 -3.52 12.92 -10.22
C VAL A 159 -5.01 12.99 -10.53
N LEU A 160 -5.34 13.37 -11.77
CA LEU A 160 -6.70 13.62 -12.24
C LEU A 160 -7.67 12.48 -11.92
N ALA A 161 -8.91 12.84 -11.65
CA ALA A 161 -9.95 11.90 -11.24
C ALA A 161 -10.98 11.77 -12.34
N CYS A 162 -11.28 10.53 -12.72
CA CYS A 162 -12.35 10.28 -13.67
C CYS A 162 -13.30 9.23 -13.09
N PRO A 163 -14.60 9.48 -13.08
CA PRO A 163 -15.54 8.47 -12.59
C PRO A 163 -15.68 7.35 -13.61
N MET A 164 -15.64 6.12 -13.11
CA MET A 164 -15.64 4.94 -13.96
C MET A 164 -16.93 4.16 -13.77
N ASP A 165 -17.33 3.46 -14.82
CA ASP A 165 -18.58 2.72 -14.83
C ASP A 165 -18.25 1.27 -15.14
N LEU A 166 -18.11 0.46 -14.09
CA LEU A 166 -17.76 -0.95 -14.23
C LEU A 166 -18.99 -1.83 -14.25
N LYS A 167 -19.99 -1.52 -15.08
CA LYS A 167 -21.13 -2.41 -15.19
C LYS A 167 -20.76 -3.68 -15.95
N ASN A 168 -20.15 -3.53 -17.10
CA ASN A 168 -19.68 -4.63 -17.92
C ASN A 168 -18.16 -4.60 -17.91
N PHE A 169 -17.57 -5.34 -16.96
CA PHE A 169 -16.19 -5.04 -16.55
C PHE A 169 -15.13 -5.40 -17.59
N PRO A 170 -15.08 -6.61 -18.19
CA PRO A 170 -14.04 -6.81 -19.20
C PRO A 170 -14.37 -6.09 -20.50
N MET A 171 -15.66 -6.01 -20.82
CA MET A 171 -16.10 -5.37 -22.05
C MET A 171 -16.59 -3.96 -21.71
N ASP A 172 -15.64 -3.07 -21.45
CA ASP A 172 -16.00 -1.69 -21.16
C ASP A 172 -15.13 -0.72 -21.95
N VAL A 173 -15.67 0.46 -22.17
CA VAL A 173 -14.95 1.57 -22.78
C VAL A 173 -15.01 2.72 -21.80
N GLN A 174 -13.87 3.03 -21.18
CA GLN A 174 -13.80 4.11 -20.22
C GLN A 174 -13.48 5.41 -20.94
N THR A 175 -14.02 6.50 -20.40
CA THR A 175 -13.78 7.84 -20.92
C THR A 175 -13.36 8.72 -19.76
N CYS A 176 -12.11 9.18 -19.77
CA CYS A 176 -11.58 9.99 -18.68
C CYS A 176 -11.22 11.37 -19.21
N ILE A 177 -11.92 12.38 -18.71
CA ILE A 177 -11.81 13.75 -19.17
C ILE A 177 -10.64 14.45 -18.50
N MET A 178 -10.32 15.65 -18.98
CA MET A 178 -9.23 16.46 -18.45
C MET A 178 -9.59 17.91 -18.75
N GLN A 179 -10.08 18.63 -17.74
CA GLN A 179 -10.66 19.94 -17.96
C GLN A 179 -9.91 21.02 -17.20
N LEU A 180 -9.83 22.20 -17.83
CA LEU A 180 -8.90 23.27 -17.45
C LEU A 180 -9.70 24.55 -17.19
N GLU A 181 -10.13 24.77 -15.97
CA GLU A 181 -10.88 25.98 -15.68
C GLU A 181 -9.95 27.15 -15.44
N SER A 182 -10.52 28.34 -15.47
CA SER A 182 -9.93 29.50 -14.81
C SER A 182 -10.44 29.56 -13.39
N PHE A 183 -9.71 30.25 -12.53
CA PHE A 183 -10.11 30.31 -11.13
C PHE A 183 -10.60 31.67 -10.70
N GLY A 184 -9.84 32.73 -10.93
CA GLY A 184 -10.22 34.03 -10.43
C GLY A 184 -10.89 34.92 -11.44
N TYR A 185 -10.50 34.81 -12.70
CA TYR A 185 -11.03 35.66 -13.75
C TYR A 185 -12.25 35.02 -14.38
N THR A 186 -13.27 35.83 -14.61
CA THR A 186 -14.52 35.33 -15.16
C THR A 186 -14.44 35.27 -16.68
N MET A 187 -15.60 35.09 -17.32
CA MET A 187 -15.65 34.94 -18.78
C MET A 187 -15.29 36.22 -19.50
N ASN A 188 -15.74 37.36 -18.98
CA ASN A 188 -15.49 38.64 -19.64
C ASN A 188 -14.05 39.13 -19.51
N ASP A 189 -13.19 38.44 -18.75
CA ASP A 189 -11.81 38.85 -18.60
C ASP A 189 -10.81 37.89 -19.20
N LEU A 190 -11.12 36.60 -19.25
CA LEU A 190 -10.14 35.62 -19.67
C LEU A 190 -10.87 34.44 -20.32
N ILE A 191 -10.41 34.04 -21.50
CA ILE A 191 -11.07 33.01 -22.30
C ILE A 191 -10.00 32.01 -22.74
N PHE A 192 -10.19 30.75 -22.39
CA PHE A 192 -9.31 29.69 -22.86
C PHE A 192 -9.73 29.18 -24.22
N GLU A 193 -8.76 28.70 -24.99
CA GLU A 193 -8.98 28.15 -26.32
C GLU A 193 -8.02 27.00 -26.53
N TRP A 194 -8.46 25.99 -27.27
CA TRP A 194 -7.52 25.04 -27.85
C TRP A 194 -7.01 25.63 -29.15
N ASP A 195 -5.70 25.57 -29.36
CA ASP A 195 -5.16 26.04 -30.62
C ASP A 195 -5.53 25.08 -31.75
N GLU A 196 -5.58 25.61 -32.96
CA GLU A 196 -6.02 24.85 -34.12
C GLU A 196 -4.88 24.09 -34.78
N LYS A 197 -3.79 23.86 -34.07
CA LYS A 197 -2.62 23.19 -34.63
C LYS A 197 -2.09 22.23 -33.57
N GLY A 198 -2.61 21.01 -33.57
CA GLY A 198 -2.14 19.98 -32.67
C GLY A 198 -2.44 20.26 -31.21
N ALA A 199 -3.71 20.17 -30.81
CA ALA A 199 -4.08 20.62 -29.47
C ALA A 199 -3.64 19.63 -28.39
N VAL A 200 -3.55 18.34 -28.69
CA VAL A 200 -3.04 17.36 -27.75
C VAL A 200 -2.10 16.43 -28.51
N GLN A 201 -0.82 16.45 -28.15
CA GLN A 201 0.10 15.44 -28.65
C GLN A 201 0.39 14.46 -27.53
N VAL A 202 0.70 13.23 -27.92
CA VAL A 202 1.04 12.16 -27.00
C VAL A 202 2.43 11.67 -27.38
N ALA A 203 3.25 11.34 -26.38
CA ALA A 203 4.57 10.77 -26.62
C ALA A 203 4.44 9.41 -27.31
N ASP A 204 5.53 9.00 -27.94
CA ASP A 204 5.47 7.94 -28.95
C ASP A 204 5.32 6.56 -28.32
N GLY A 205 6.33 6.13 -27.58
CA GLY A 205 6.31 4.79 -27.03
C GLY A 205 5.63 4.70 -25.69
N LEU A 206 4.31 4.89 -25.67
CA LEU A 206 3.55 4.98 -24.42
C LEU A 206 2.61 3.80 -24.32
N THR A 207 2.79 3.00 -23.26
CA THR A 207 2.01 1.79 -23.05
C THR A 207 1.23 1.89 -21.75
N LEU A 208 0.32 0.95 -21.57
CA LEU A 208 -0.51 0.85 -20.37
C LEU A 208 -0.60 -0.62 -19.98
N PRO A 209 -0.73 -0.91 -18.68
CA PRO A 209 -0.82 -2.32 -18.27
C PRO A 209 -2.14 -2.97 -18.62
N GLN A 210 -3.25 -2.22 -18.64
CA GLN A 210 -4.54 -2.87 -18.85
C GLN A 210 -5.32 -2.30 -20.01
N PHE A 211 -5.13 -1.02 -20.32
CA PHE A 211 -5.93 -0.34 -21.32
C PHE A 211 -5.12 -0.11 -22.58
N ILE A 212 -5.79 0.34 -23.62
CA ILE A 212 -5.14 0.94 -24.78
C ILE A 212 -5.75 2.32 -24.97
N LEU A 213 -4.94 3.23 -25.50
CA LEU A 213 -5.34 4.62 -25.66
C LEU A 213 -5.62 4.86 -27.13
N LYS A 214 -6.86 5.17 -27.47
CA LYS A 214 -7.23 5.42 -28.84
C LYS A 214 -6.67 6.76 -29.31
N GLU A 215 -6.52 6.89 -30.62
CA GLU A 215 -6.05 8.16 -31.20
C GLU A 215 -7.21 9.03 -31.63
N GLU A 216 -8.14 9.25 -30.70
CA GLU A 216 -9.32 10.08 -30.94
C GLU A 216 -9.50 10.95 -29.70
N LYS A 217 -9.07 12.19 -29.78
CA LYS A 217 -9.14 13.12 -28.66
C LYS A 217 -10.26 14.12 -28.94
N ASP A 218 -11.35 14.03 -28.19
CA ASP A 218 -12.39 15.03 -28.32
C ASP A 218 -11.96 16.33 -27.67
N LEU A 219 -12.51 17.43 -28.16
CA LEU A 219 -12.17 18.76 -27.68
C LEU A 219 -13.44 19.58 -27.63
N ARG A 220 -13.85 19.97 -26.42
CA ARG A 220 -15.10 20.71 -26.31
C ARG A 220 -15.02 21.65 -25.12
N TYR A 221 -15.91 22.63 -25.13
CA TYR A 221 -16.02 23.61 -24.07
C TYR A 221 -16.93 23.07 -22.97
N CYS A 222 -16.77 23.62 -21.79
CA CYS A 222 -17.67 23.23 -20.71
C CYS A 222 -18.33 24.41 -20.01
N THR A 223 -17.60 25.51 -19.80
CA THR A 223 -18.14 26.83 -19.41
C THR A 223 -18.90 26.75 -18.09
N LYS A 224 -18.14 26.56 -17.02
CA LYS A 224 -18.71 26.37 -15.70
C LYS A 224 -19.45 27.61 -15.22
N HIS A 225 -20.59 27.39 -14.59
CA HIS A 225 -21.33 28.42 -13.89
C HIS A 225 -21.28 28.15 -12.40
N TYR A 226 -21.24 29.22 -11.62
CA TYR A 226 -21.41 29.11 -10.18
C TYR A 226 -22.30 30.26 -9.74
N ASN A 227 -22.42 30.42 -8.43
CA ASN A 227 -22.98 31.65 -7.89
C ASN A 227 -21.96 32.77 -7.83
N THR A 228 -20.73 32.51 -8.26
CA THR A 228 -19.67 33.50 -8.33
C THR A 228 -19.60 34.16 -9.70
N GLY A 229 -19.74 33.38 -10.76
CA GLY A 229 -19.73 33.94 -12.10
C GLY A 229 -19.49 32.85 -13.12
N LYS A 230 -19.48 33.29 -14.38
CA LYS A 230 -19.17 32.40 -15.50
C LYS A 230 -17.65 32.25 -15.59
N PHE A 231 -17.16 31.05 -15.37
CA PHE A 231 -15.73 30.77 -15.49
C PHE A 231 -15.50 29.88 -16.70
N THR A 232 -14.53 30.25 -17.53
CA THR A 232 -14.26 29.47 -18.73
C THR A 232 -13.55 28.18 -18.38
N CYS A 233 -13.71 27.19 -19.26
CA CYS A 233 -13.04 25.91 -19.13
C CYS A 233 -13.07 25.22 -20.48
N ILE A 234 -12.01 24.50 -20.78
CA ILE A 234 -11.90 23.67 -21.96
C ILE A 234 -11.52 22.28 -21.49
N GLU A 235 -11.92 21.26 -22.23
CA GLU A 235 -11.62 19.91 -21.81
C GLU A 235 -11.21 19.06 -22.98
N ALA A 236 -10.59 17.93 -22.67
CA ALA A 236 -10.14 16.97 -23.67
C ALA A 236 -10.50 15.58 -23.17
N ARG A 237 -11.25 14.84 -23.97
CA ARG A 237 -11.67 13.50 -23.58
C ARG A 237 -10.71 12.47 -24.12
N PHE A 238 -10.43 11.46 -23.32
CA PHE A 238 -9.59 10.34 -23.72
C PHE A 238 -10.42 9.07 -23.64
N HIS A 239 -10.44 8.31 -24.72
CA HIS A 239 -11.17 7.05 -24.76
C HIS A 239 -10.22 5.91 -24.47
N LEU A 240 -10.57 5.10 -23.48
CA LEU A 240 -9.76 3.97 -23.06
C LEU A 240 -10.55 2.69 -23.31
N GLU A 241 -9.88 1.71 -23.91
CA GLU A 241 -10.51 0.43 -24.23
C GLU A 241 -9.73 -0.67 -23.52
N ARG A 242 -10.41 -1.40 -22.66
CA ARG A 242 -9.74 -2.42 -21.86
C ARG A 242 -9.40 -3.63 -22.71
N GLN A 243 -8.18 -4.14 -22.53
CA GLN A 243 -7.79 -5.36 -23.20
C GLN A 243 -8.51 -6.56 -22.60
N MET A 244 -8.48 -7.67 -23.32
CA MET A 244 -9.34 -8.80 -23.02
C MET A 244 -8.59 -10.09 -22.73
N GLY A 245 -7.40 -10.28 -23.32
CA GLY A 245 -6.77 -11.58 -23.42
C GLY A 245 -6.42 -12.25 -22.11
N TYR A 246 -6.26 -11.48 -21.04
CA TYR A 246 -5.99 -12.11 -19.76
C TYR A 246 -7.24 -12.73 -19.16
N TYR A 247 -8.37 -12.06 -19.27
CA TYR A 247 -9.58 -12.53 -18.62
C TYR A 247 -10.20 -13.72 -19.36
N LEU A 248 -9.91 -13.87 -20.64
CA LEU A 248 -10.37 -15.05 -21.34
C LEU A 248 -9.61 -16.28 -20.90
N ILE A 249 -8.27 -16.19 -20.86
CA ILE A 249 -7.43 -17.37 -20.66
C ILE A 249 -7.56 -17.91 -19.24
N GLN A 250 -7.78 -17.05 -18.25
CA GLN A 250 -7.74 -17.54 -16.90
C GLN A 250 -9.07 -17.41 -16.15
N MET A 251 -10.05 -16.71 -16.68
CA MET A 251 -11.31 -16.63 -15.96
C MET A 251 -12.53 -17.12 -16.73
N TYR A 252 -12.56 -16.95 -18.05
CA TYR A 252 -13.69 -17.47 -18.80
C TYR A 252 -13.49 -18.92 -19.20
N ILE A 253 -12.43 -19.20 -19.94
CA ILE A 253 -12.09 -20.55 -20.43
C ILE A 253 -11.91 -21.57 -19.30
N PRO A 254 -11.25 -21.29 -18.17
CA PRO A 254 -11.25 -22.32 -17.10
C PRO A 254 -12.61 -22.55 -16.48
N SER A 255 -13.40 -21.49 -16.27
CA SER A 255 -14.76 -21.68 -15.81
C SER A 255 -15.64 -22.32 -16.87
N LEU A 256 -15.26 -22.21 -18.14
CA LEU A 256 -15.99 -22.90 -19.19
C LEU A 256 -15.73 -24.40 -19.13
N LEU A 257 -14.50 -24.80 -18.81
CA LEU A 257 -14.15 -26.22 -18.79
C LEU A 257 -14.73 -26.94 -17.60
N ILE A 258 -14.98 -26.22 -16.50
CA ILE A 258 -15.59 -26.85 -15.33
C ILE A 258 -17.03 -27.23 -15.63
N VAL A 259 -17.71 -26.43 -16.46
CA VAL A 259 -19.07 -26.76 -16.87
C VAL A 259 -19.07 -27.98 -17.78
N ILE A 260 -18.04 -28.14 -18.61
CA ILE A 260 -17.96 -29.29 -19.50
C ILE A 260 -17.71 -30.56 -18.69
N LEU A 261 -16.98 -30.46 -17.59
CA LEU A 261 -16.77 -31.62 -16.74
C LEU A 261 -17.98 -31.99 -15.93
N SER A 262 -18.99 -31.13 -15.87
CA SER A 262 -20.25 -31.58 -15.31
C SER A 262 -21.00 -32.50 -16.25
N TRP A 263 -20.85 -32.32 -17.56
CA TRP A 263 -21.69 -33.08 -18.47
C TRP A 263 -21.27 -34.54 -18.58
N VAL A 264 -20.06 -34.89 -18.13
CA VAL A 264 -19.65 -36.28 -18.25
C VAL A 264 -20.29 -37.18 -17.20
N SER A 265 -21.02 -36.63 -16.24
CA SER A 265 -21.78 -37.48 -15.35
C SER A 265 -22.95 -38.14 -16.07
N PHE A 266 -23.46 -37.50 -17.13
CA PHE A 266 -24.59 -38.03 -17.86
C PHE A 266 -24.21 -39.17 -18.80
N TRP A 267 -22.92 -39.48 -18.93
CA TRP A 267 -22.47 -40.61 -19.71
C TRP A 267 -21.92 -41.73 -18.85
N ILE A 268 -21.52 -41.42 -17.62
CA ILE A 268 -21.20 -42.45 -16.64
C ILE A 268 -22.48 -43.18 -16.24
N ASN A 269 -22.35 -44.47 -15.88
CA ASN A 269 -23.44 -45.36 -15.54
C ASN A 269 -24.32 -44.80 -14.44
N MET A 270 -25.59 -45.20 -14.45
CA MET A 270 -26.54 -44.80 -13.43
C MET A 270 -26.20 -45.40 -12.08
N ASP A 271 -25.73 -46.65 -12.08
CA ASP A 271 -25.57 -47.39 -10.84
C ASP A 271 -24.32 -47.01 -10.07
N ALA A 272 -23.32 -46.40 -10.71
CA ALA A 272 -22.07 -46.05 -10.06
C ALA A 272 -22.30 -44.81 -9.19
N ALA A 273 -22.88 -45.04 -8.02
CA ALA A 273 -23.27 -43.98 -7.12
C ALA A 273 -22.11 -43.22 -6.47
N PRO A 274 -20.97 -43.82 -6.07
CA PRO A 274 -19.86 -42.97 -5.62
C PRO A 274 -19.20 -42.21 -6.75
N ALA A 275 -19.31 -42.68 -7.99
CA ALA A 275 -18.65 -42.00 -9.10
C ALA A 275 -19.40 -40.76 -9.53
N ARG A 276 -20.72 -40.75 -9.42
CA ARG A 276 -21.50 -39.60 -9.88
C ARG A 276 -21.39 -38.43 -8.93
N VAL A 277 -21.67 -38.66 -7.64
CA VAL A 277 -21.62 -37.55 -6.69
C VAL A 277 -20.19 -37.17 -6.34
N GLY A 278 -19.23 -38.08 -6.50
CA GLY A 278 -17.84 -37.69 -6.36
C GLY A 278 -17.40 -36.77 -7.48
N LEU A 279 -17.95 -36.96 -8.67
CA LEU A 279 -17.82 -36.01 -9.76
C LEU A 279 -18.67 -34.77 -9.55
N GLY A 280 -19.76 -34.88 -8.82
CA GLY A 280 -20.68 -33.76 -8.62
C GLY A 280 -20.12 -32.63 -7.79
N ILE A 281 -19.84 -32.90 -6.51
CA ILE A 281 -19.44 -31.84 -5.60
C ILE A 281 -18.01 -31.38 -5.90
N THR A 282 -17.16 -32.30 -6.36
CA THR A 282 -15.79 -31.88 -6.65
C THR A 282 -15.73 -31.01 -7.90
N THR A 283 -16.79 -30.99 -8.70
CA THR A 283 -16.92 -29.99 -9.75
C THR A 283 -17.45 -28.67 -9.19
N VAL A 284 -18.33 -28.69 -8.19
CA VAL A 284 -18.81 -27.43 -7.63
C VAL A 284 -17.82 -26.89 -6.61
N LEU A 285 -16.89 -27.73 -6.16
CA LEU A 285 -15.79 -27.23 -5.34
C LEU A 285 -14.78 -26.47 -6.18
N THR A 286 -14.40 -27.03 -7.33
CA THR A 286 -13.45 -26.32 -8.19
C THR A 286 -14.08 -25.15 -8.91
N MET A 287 -15.41 -25.07 -8.97
CA MET A 287 -16.04 -23.86 -9.48
C MET A 287 -16.01 -22.75 -8.44
N THR A 288 -16.09 -23.11 -7.16
CA THR A 288 -15.94 -22.11 -6.10
C THR A 288 -14.50 -21.70 -5.94
N THR A 289 -13.57 -22.66 -6.07
CA THR A 289 -12.14 -22.38 -5.94
C THR A 289 -11.67 -21.48 -7.07
N GLN A 290 -12.24 -21.65 -8.26
CA GLN A 290 -11.95 -20.75 -9.38
C GLN A 290 -12.43 -19.34 -9.08
N SER A 291 -13.60 -19.21 -8.48
CA SER A 291 -14.18 -17.89 -8.24
C SER A 291 -13.56 -17.23 -7.01
N SER A 292 -13.18 -18.01 -6.00
CA SER A 292 -12.72 -17.42 -4.75
C SER A 292 -11.33 -16.82 -4.89
N GLY A 293 -10.44 -17.46 -5.64
CA GLY A 293 -9.10 -16.95 -5.80
C GLY A 293 -9.04 -15.75 -6.72
N SER A 294 -10.06 -15.59 -7.56
CA SER A 294 -10.09 -14.51 -8.52
C SER A 294 -10.65 -13.21 -7.95
N ARG A 295 -11.04 -13.17 -6.68
CA ARG A 295 -11.49 -11.93 -6.08
C ARG A 295 -10.36 -10.97 -5.75
N ALA A 296 -9.12 -11.41 -5.83
CA ALA A 296 -7.99 -10.51 -5.61
C ALA A 296 -7.65 -9.70 -6.86
N SER A 297 -7.78 -10.31 -8.04
CA SER A 297 -7.46 -9.59 -9.27
C SER A 297 -8.57 -8.65 -9.68
N LEU A 298 -9.81 -8.96 -9.33
CA LEU A 298 -10.93 -8.13 -9.72
C LEU A 298 -11.00 -6.88 -8.86
N PRO A 299 -11.65 -5.81 -9.35
CA PRO A 299 -11.87 -4.63 -8.52
C PRO A 299 -12.87 -4.89 -7.40
N LYS A 300 -12.99 -3.93 -6.48
CA LYS A 300 -13.78 -4.13 -5.28
C LYS A 300 -14.99 -3.22 -5.25
N VAL A 301 -15.68 -3.10 -6.38
CA VAL A 301 -16.92 -2.35 -6.38
C VAL A 301 -18.02 -3.17 -5.73
N SER A 302 -19.12 -2.50 -5.38
CA SER A 302 -20.22 -3.11 -4.66
C SER A 302 -21.47 -3.26 -5.52
N TYR A 303 -21.28 -3.42 -6.83
CA TYR A 303 -22.41 -3.68 -7.71
C TYR A 303 -21.99 -4.71 -8.74
N VAL A 304 -22.98 -5.36 -9.33
CA VAL A 304 -22.74 -6.58 -10.10
C VAL A 304 -22.08 -6.24 -11.44
N LYS A 305 -21.03 -6.97 -11.77
CA LYS A 305 -20.28 -6.75 -13.00
C LYS A 305 -20.83 -7.65 -14.09
N ALA A 306 -20.10 -7.78 -15.19
CA ALA A 306 -20.43 -8.79 -16.20
C ALA A 306 -19.62 -10.06 -16.02
N ILE A 307 -18.44 -9.97 -15.41
CA ILE A 307 -17.72 -11.18 -15.04
C ILE A 307 -18.39 -11.87 -13.87
N ASP A 308 -19.16 -11.13 -13.07
CA ASP A 308 -19.80 -11.73 -11.92
C ASP A 308 -21.08 -12.46 -12.31
N ILE A 309 -21.74 -12.02 -13.39
CA ILE A 309 -22.86 -12.79 -13.91
C ILE A 309 -22.39 -14.10 -14.50
N TRP A 310 -21.23 -14.08 -15.17
CA TRP A 310 -20.68 -15.30 -15.75
C TRP A 310 -20.28 -16.29 -14.67
N MET A 311 -19.61 -15.82 -13.62
CA MET A 311 -19.16 -16.73 -12.58
C MET A 311 -20.29 -17.17 -11.65
N ALA A 312 -21.48 -16.60 -11.77
CA ALA A 312 -22.62 -17.03 -11.00
C ALA A 312 -23.56 -17.93 -11.78
N VAL A 313 -23.72 -17.68 -13.08
CA VAL A 313 -24.56 -18.56 -13.89
C VAL A 313 -23.86 -19.88 -14.14
N CYS A 314 -22.54 -19.83 -14.37
CA CYS A 314 -21.76 -21.06 -14.50
C CYS A 314 -21.68 -21.84 -13.20
N LEU A 315 -21.95 -21.19 -12.06
CA LEU A 315 -22.13 -21.95 -10.83
C LEU A 315 -23.44 -22.71 -10.84
N LEU A 316 -24.49 -22.16 -11.48
CA LEU A 316 -25.79 -22.80 -11.47
C LEU A 316 -25.84 -24.06 -12.33
N PHE A 317 -25.12 -24.08 -13.45
CA PHE A 317 -25.09 -25.26 -14.28
C PHE A 317 -24.37 -26.42 -13.62
N VAL A 318 -23.32 -26.13 -12.85
CA VAL A 318 -22.69 -27.17 -12.07
C VAL A 318 -23.59 -27.58 -10.91
N PHE A 319 -24.32 -26.62 -10.35
CA PHE A 319 -25.29 -26.90 -9.31
C PHE A 319 -26.46 -27.71 -9.83
N SER A 320 -26.94 -27.39 -11.03
CA SER A 320 -28.06 -28.15 -11.58
C SER A 320 -27.65 -29.50 -12.13
N ALA A 321 -26.36 -29.72 -12.36
CA ALA A 321 -25.92 -31.01 -12.86
C ALA A 321 -25.90 -32.08 -11.78
N LEU A 322 -25.95 -31.69 -10.51
CA LEU A 322 -26.04 -32.67 -9.44
C LEU A 322 -27.48 -32.97 -9.07
N LEU A 323 -28.34 -31.93 -9.07
CA LEU A 323 -29.75 -32.10 -8.80
C LEU A 323 -30.44 -32.98 -9.82
N GLU A 324 -29.89 -33.07 -11.02
CA GLU A 324 -30.33 -34.09 -11.97
C GLU A 324 -30.08 -35.48 -11.42
N TYR A 325 -28.90 -35.72 -10.86
CA TYR A 325 -28.58 -37.05 -10.36
C TYR A 325 -29.34 -37.36 -9.07
N ALA A 326 -29.67 -36.34 -8.28
CA ALA A 326 -30.52 -36.55 -7.12
C ALA A 326 -31.92 -36.99 -7.55
N ALA A 327 -32.37 -36.57 -8.72
CA ALA A 327 -33.63 -37.10 -9.25
C ALA A 327 -33.45 -38.52 -9.78
N VAL A 328 -32.36 -38.79 -10.49
CA VAL A 328 -32.15 -40.10 -11.10
C VAL A 328 -31.97 -41.18 -10.04
N ASN A 329 -31.22 -40.86 -8.99
CA ASN A 329 -30.99 -41.83 -7.92
C ASN A 329 -32.27 -42.10 -7.13
N PHE A 330 -33.18 -41.13 -7.07
CA PHE A 330 -34.40 -41.34 -6.32
C PHE A 330 -35.44 -42.10 -7.12
N ILE A 331 -35.49 -41.88 -8.44
CA ILE A 331 -36.46 -42.59 -9.26
C ILE A 331 -36.04 -44.04 -9.44
N ALA A 332 -34.75 -44.29 -9.64
CA ALA A 332 -34.27 -45.66 -9.84
C ALA A 332 -34.35 -46.49 -8.57
N ARG A 333 -34.19 -45.86 -7.41
CA ARG A 333 -34.35 -46.57 -6.15
C ARG A 333 -35.81 -46.82 -5.84
N GLN A 334 -36.69 -45.97 -6.37
CA GLN A 334 -38.13 -46.11 -6.14
C GLN A 334 -38.64 -47.40 -6.79
N HIS A 335 -39.53 -48.09 -6.08
CA HIS A 335 -40.12 -49.32 -6.58
C HIS A 335 -41.62 -49.15 -6.75
N GLU A 397 -39.93 -57.98 -11.49
CA GLU A 397 -41.17 -57.28 -11.17
C GLU A 397 -41.37 -56.17 -12.20
N GLU A 398 -42.63 -55.86 -12.50
CA GLU A 398 -42.95 -55.00 -13.63
C GLU A 398 -42.59 -53.54 -13.35
N MET A 399 -42.87 -53.05 -12.14
CA MET A 399 -42.63 -51.66 -11.83
C MET A 399 -41.15 -51.34 -11.64
N ARG A 400 -40.33 -52.35 -11.31
CA ARG A 400 -38.89 -52.13 -11.21
C ARG A 400 -38.24 -51.96 -12.58
N LYS A 401 -38.89 -52.43 -13.64
CA LYS A 401 -38.42 -52.18 -14.99
C LYS A 401 -38.93 -50.86 -15.55
N LEU A 402 -40.13 -50.45 -15.14
CA LEU A 402 -40.70 -49.21 -15.65
C LEU A 402 -39.98 -47.99 -15.11
N PHE A 403 -39.62 -48.00 -13.82
CA PHE A 403 -38.93 -46.85 -13.25
C PHE A 403 -37.49 -46.77 -13.74
N ILE A 404 -36.83 -47.91 -13.93
CA ILE A 404 -35.47 -47.91 -14.43
C ILE A 404 -35.40 -47.51 -15.90
N SER A 405 -36.52 -47.59 -16.61
CA SER A 405 -36.58 -47.07 -17.98
C SER A 405 -36.97 -45.61 -18.01
N ARG A 406 -37.68 -45.13 -17.00
CA ARG A 406 -37.98 -43.70 -16.92
C ARG A 406 -36.77 -42.91 -16.47
N ALA A 407 -35.94 -43.49 -15.59
CA ALA A 407 -34.75 -42.79 -15.14
C ALA A 407 -33.68 -42.73 -16.22
N LYS A 408 -33.66 -43.69 -17.14
CA LYS A 408 -32.80 -43.56 -18.30
C LYS A 408 -33.33 -42.55 -19.30
N ARG A 409 -34.65 -42.32 -19.30
CA ARG A 409 -35.23 -41.33 -20.19
C ARG A 409 -34.80 -39.92 -19.80
N ILE A 410 -34.82 -39.63 -18.50
CA ILE A 410 -34.44 -38.31 -18.03
C ILE A 410 -32.92 -38.11 -18.15
N ASP A 411 -32.16 -39.19 -18.30
CA ASP A 411 -30.74 -39.05 -18.55
C ASP A 411 -30.49 -38.69 -20.01
N THR A 412 -31.08 -39.45 -20.94
CA THR A 412 -30.85 -39.20 -22.37
C THR A 412 -31.47 -37.90 -22.84
N VAL A 413 -32.48 -37.37 -22.15
CA VAL A 413 -32.94 -36.03 -22.44
C VAL A 413 -31.91 -35.01 -21.99
N SER A 414 -31.36 -35.19 -20.80
CA SER A 414 -30.46 -34.20 -20.23
C SER A 414 -29.07 -34.22 -20.87
N ARG A 415 -28.73 -35.26 -21.64
CA ARG A 415 -27.46 -35.25 -22.34
C ARG A 415 -27.46 -34.22 -23.47
N VAL A 416 -28.60 -34.04 -24.12
CA VAL A 416 -28.70 -33.14 -25.25
C VAL A 416 -29.30 -31.80 -24.86
N ALA A 417 -30.34 -31.83 -24.03
CA ALA A 417 -31.11 -30.62 -23.77
C ALA A 417 -30.38 -29.65 -22.86
N PHE A 418 -29.64 -30.15 -21.90
CA PHE A 418 -28.98 -29.22 -20.99
C PHE A 418 -27.72 -28.56 -21.53
N PRO A 419 -26.85 -29.22 -22.33
CA PRO A 419 -25.85 -28.42 -23.05
C PRO A 419 -26.43 -27.52 -24.11
N LEU A 420 -27.65 -27.77 -24.58
CA LEU A 420 -28.28 -26.81 -25.47
C LEU A 420 -28.72 -25.56 -24.72
N VAL A 421 -29.09 -25.71 -23.45
CA VAL A 421 -29.50 -24.55 -22.64
C VAL A 421 -28.29 -23.65 -22.38
N PHE A 422 -27.13 -24.25 -22.14
CA PHE A 422 -25.93 -23.46 -21.87
C PHE A 422 -25.47 -22.68 -23.09
N LEU A 423 -25.69 -23.22 -24.29
CA LEU A 423 -25.33 -22.46 -25.49
C LEU A 423 -26.27 -21.29 -25.70
N ILE A 424 -27.53 -21.41 -25.27
CA ILE A 424 -28.46 -20.29 -25.38
C ILE A 424 -28.05 -19.16 -24.44
N PHE A 425 -27.60 -19.51 -23.23
CA PHE A 425 -27.00 -18.51 -22.36
C PHE A 425 -25.72 -17.96 -22.95
N ASN A 426 -24.93 -18.82 -23.61
CA ASN A 426 -23.65 -18.37 -24.13
C ASN A 426 -23.84 -17.47 -25.36
N ILE A 427 -24.97 -17.58 -26.05
CA ILE A 427 -25.28 -16.64 -27.11
C ILE A 427 -25.78 -15.32 -26.55
N PHE A 428 -26.75 -15.37 -25.64
CA PHE A 428 -27.33 -14.16 -25.08
C PHE A 428 -26.36 -13.37 -24.22
N TYR A 429 -25.30 -14.01 -23.73
CA TYR A 429 -24.31 -13.27 -22.95
C TYR A 429 -23.43 -12.43 -23.85
N TRP A 430 -22.80 -13.04 -24.84
CA TRP A 430 -21.83 -12.32 -25.65
C TRP A 430 -22.47 -11.35 -26.63
N ILE A 431 -23.76 -11.49 -26.92
CA ILE A 431 -24.41 -10.48 -27.74
C ILE A 431 -24.64 -9.21 -26.94
N THR A 432 -25.18 -9.33 -25.74
CA THR A 432 -25.51 -8.14 -24.96
C THR A 432 -24.30 -7.47 -24.33
N TYR A 433 -23.11 -8.05 -24.45
CA TYR A 433 -21.90 -7.39 -23.97
C TYR A 433 -20.91 -7.13 -25.10
N LYS A 434 -21.36 -7.17 -26.35
CA LYS A 434 -20.63 -6.61 -27.46
C LYS A 434 -21.42 -5.57 -28.22
N ILE A 435 -22.75 -5.61 -28.15
CA ILE A 435 -23.57 -4.49 -28.65
C ILE A 435 -23.36 -3.26 -27.78
N ILE A 436 -23.39 -3.44 -26.47
CA ILE A 436 -23.11 -2.35 -25.54
C ILE A 436 -21.62 -2.03 -25.55
N PRO B 31 -9.37 55.62 -13.81
CA PRO B 31 -8.33 56.29 -13.04
C PRO B 31 -7.15 55.37 -12.71
N MET B 32 -6.82 55.28 -11.43
CA MET B 32 -5.71 54.47 -10.97
C MET B 32 -6.09 52.99 -10.97
N PRO B 33 -5.14 52.10 -11.20
CA PRO B 33 -5.45 50.66 -11.28
C PRO B 33 -5.84 50.11 -9.92
N PRO B 34 -6.60 49.01 -9.89
CA PRO B 34 -7.10 48.50 -8.60
C PRO B 34 -6.03 47.96 -7.67
N SER B 35 -4.90 47.52 -8.22
CA SER B 35 -3.84 47.02 -7.35
C SER B 35 -3.18 48.15 -6.56
N GLU B 36 -3.09 49.33 -7.15
CA GLU B 36 -2.57 50.47 -6.41
C GLU B 36 -3.62 51.07 -5.50
N PHE B 37 -4.90 50.90 -5.84
CA PHE B 37 -5.96 51.42 -4.98
C PHE B 37 -6.09 50.60 -3.71
N LEU B 38 -5.80 49.31 -3.77
CA LEU B 38 -5.85 48.49 -2.57
C LEU B 38 -4.64 48.70 -1.67
N ASP B 39 -3.50 49.08 -2.24
CA ASP B 39 -2.36 49.39 -1.39
C ASP B 39 -2.56 50.68 -0.62
N LYS B 40 -3.33 51.62 -1.19
CA LYS B 40 -3.76 52.78 -0.42
C LYS B 40 -4.74 52.37 0.67
N LEU B 41 -5.58 51.38 0.37
CA LEU B 41 -6.64 51.00 1.30
C LEU B 41 -6.12 50.11 2.42
N MET B 42 -5.06 49.35 2.17
CA MET B 42 -4.57 48.39 3.14
C MET B 42 -3.19 48.73 3.71
N GLY B 43 -2.57 49.81 3.27
CA GLY B 43 -1.20 50.11 3.64
C GLY B 43 -1.06 50.69 5.03
N LYS B 44 0.10 51.29 5.28
CA LYS B 44 0.31 51.99 6.54
C LYS B 44 -0.50 53.27 6.61
N VAL B 45 -0.79 53.87 5.47
CA VAL B 45 -1.83 54.87 5.39
C VAL B 45 -3.17 54.18 5.65
N SER B 46 -4.06 54.87 6.38
CA SER B 46 -5.38 54.46 6.85
C SER B 46 -5.35 53.38 7.91
N GLY B 47 -4.17 52.89 8.30
CA GLY B 47 -4.00 52.10 9.51
C GLY B 47 -4.69 50.76 9.53
N TYR B 48 -4.95 50.15 8.38
CA TYR B 48 -5.57 48.83 8.35
C TYR B 48 -4.55 47.80 8.82
N ASP B 49 -4.75 47.27 10.02
CA ASP B 49 -3.91 46.22 10.55
C ASP B 49 -4.62 44.89 10.37
N ALA B 50 -3.95 43.95 9.72
CA ALA B 50 -4.54 42.66 9.39
C ALA B 50 -4.57 41.69 10.56
N ARG B 51 -4.18 42.13 11.75
CA ARG B 51 -4.19 41.28 12.93
C ARG B 51 -5.32 41.60 13.88
N ILE B 52 -6.19 42.53 13.52
CA ILE B 52 -7.36 42.88 14.32
C ILE B 52 -8.59 42.61 13.48
N ARG B 53 -9.52 41.84 14.04
CA ARG B 53 -10.77 41.53 13.36
C ARG B 53 -11.61 42.79 13.18
N PRO B 54 -12.50 42.83 12.20
CA PRO B 54 -13.44 43.94 12.09
C PRO B 54 -14.41 43.98 13.26
N ASN B 55 -14.95 45.17 13.49
CA ASN B 55 -15.85 45.47 14.61
C ASN B 55 -15.20 45.10 15.95
N PHE B 56 -14.00 45.62 16.15
CA PHE B 56 -13.23 45.25 17.32
C PHE B 56 -13.79 45.94 18.56
N LYS B 57 -13.82 45.19 19.67
CA LYS B 57 -14.49 45.57 20.92
C LYS B 57 -15.94 45.96 20.68
N GLY B 58 -16.66 45.10 19.96
CA GLY B 58 -18.04 45.33 19.65
C GLY B 58 -18.79 44.03 19.44
N PRO B 59 -19.68 44.01 18.45
CA PRO B 59 -20.40 42.77 18.15
C PRO B 59 -19.48 41.78 17.47
N PRO B 60 -19.81 40.49 17.52
CA PRO B 60 -18.97 39.49 16.84
C PRO B 60 -19.15 39.55 15.33
N VAL B 61 -18.27 38.85 14.65
CA VAL B 61 -18.24 38.82 13.18
C VAL B 61 -19.11 37.68 12.70
N ASN B 62 -20.03 37.97 11.79
CA ASN B 62 -20.97 36.98 11.30
C ASN B 62 -20.46 36.43 9.97
N VAL B 63 -19.53 35.49 10.07
CA VAL B 63 -19.01 34.79 8.90
C VAL B 63 -20.03 33.77 8.45
N THR B 64 -20.44 33.84 7.19
CA THR B 64 -21.33 32.85 6.61
C THR B 64 -20.59 32.04 5.55
N CYS B 65 -20.94 30.75 5.47
CA CYS B 65 -20.15 29.80 4.71
C CYS B 65 -21.05 28.91 3.86
N ASN B 66 -20.51 28.46 2.73
CA ASN B 66 -21.07 27.36 1.98
C ASN B 66 -19.97 26.69 1.18
N ILE B 67 -20.11 25.38 0.99
CA ILE B 67 -19.07 24.59 0.34
C ILE B 67 -19.60 24.04 -0.97
N PHE B 68 -18.66 23.58 -1.79
CA PHE B 68 -18.99 22.98 -3.09
C PHE B 68 -18.09 21.78 -3.27
N ILE B 69 -18.67 20.59 -3.31
CA ILE B 69 -17.91 19.36 -3.31
C ILE B 69 -17.59 18.98 -4.76
N ASN B 70 -16.31 19.05 -5.13
CA ASN B 70 -15.90 18.59 -6.45
C ASN B 70 -15.79 17.08 -6.49
N SER B 71 -14.89 16.53 -5.69
CA SER B 71 -14.66 15.10 -5.64
C SER B 71 -15.01 14.58 -4.26
N PHE B 72 -15.23 13.27 -4.18
CA PHE B 72 -15.66 12.64 -2.95
C PHE B 72 -15.39 11.15 -3.10
N GLY B 73 -14.75 10.54 -2.13
CA GLY B 73 -14.62 9.11 -2.17
C GLY B 73 -13.36 8.62 -1.48
N SER B 74 -12.99 7.40 -1.87
CA SER B 74 -11.99 6.57 -1.21
C SER B 74 -12.27 6.49 0.29
N ILE B 75 -13.46 5.97 0.60
CA ILE B 75 -13.89 5.85 1.98
C ILE B 75 -13.22 4.61 2.55
N ALA B 76 -12.04 4.79 3.13
CA ALA B 76 -11.35 3.67 3.74
C ALA B 76 -12.01 3.31 5.05
N GLU B 77 -11.97 2.03 5.38
CA GLU B 77 -12.63 1.53 6.58
C GLU B 77 -11.66 0.94 7.59
N THR B 78 -10.45 0.57 7.17
CA THR B 78 -9.39 0.28 8.12
C THR B 78 -8.93 1.56 8.80
N THR B 79 -8.77 2.62 8.01
CA THR B 79 -8.36 3.91 8.55
C THR B 79 -9.55 4.69 9.12
N MET B 80 -10.77 4.34 8.69
CA MET B 80 -12.02 5.03 9.02
C MET B 80 -11.95 6.52 8.68
N ASP B 81 -11.81 6.78 7.39
CA ASP B 81 -11.75 8.15 6.89
C ASP B 81 -12.26 8.18 5.46
N TYR B 82 -12.32 9.38 4.90
CA TYR B 82 -12.72 9.56 3.52
C TYR B 82 -12.14 10.89 3.07
N ARG B 83 -11.76 10.98 1.80
CA ARG B 83 -11.20 12.23 1.34
C ARG B 83 -12.19 12.94 0.43
N VAL B 84 -12.13 14.26 0.44
CA VAL B 84 -13.09 15.10 -0.24
C VAL B 84 -12.33 16.32 -0.76
N ASN B 85 -12.76 16.85 -1.89
CA ASN B 85 -12.10 17.95 -2.55
C ASN B 85 -13.13 19.05 -2.74
N ILE B 86 -13.02 20.12 -1.94
CA ILE B 86 -14.10 21.10 -1.85
C ILE B 86 -13.62 22.47 -2.30
N PHE B 87 -14.59 23.31 -2.61
CA PHE B 87 -14.45 24.76 -2.57
C PHE B 87 -15.01 25.23 -1.24
N LEU B 88 -14.46 26.33 -0.73
CA LEU B 88 -14.87 26.84 0.57
C LEU B 88 -15.09 28.34 0.46
N ARG B 89 -16.35 28.75 0.38
CA ARG B 89 -16.71 30.14 0.17
C ARG B 89 -17.04 30.75 1.51
N GLN B 90 -16.41 31.87 1.84
CA GLN B 90 -16.63 32.55 3.11
C GLN B 90 -17.02 33.99 2.81
N GLN B 91 -18.03 34.47 3.52
CA GLN B 91 -18.49 35.84 3.35
C GLN B 91 -18.59 36.50 4.72
N TRP B 92 -17.99 37.67 4.87
CA TRP B 92 -18.15 38.44 6.08
C TRP B 92 -18.17 39.91 5.69
N ASN B 93 -18.33 40.76 6.69
CA ASN B 93 -18.33 42.20 6.49
C ASN B 93 -17.14 42.81 7.18
N ASP B 94 -16.57 43.84 6.57
CA ASP B 94 -15.38 44.51 7.12
C ASP B 94 -15.55 45.99 6.79
N PRO B 95 -15.93 46.81 7.77
CA PRO B 95 -16.19 48.23 7.49
C PRO B 95 -14.94 49.02 7.18
N ARG B 96 -13.76 48.52 7.51
CA ARG B 96 -12.53 49.21 7.18
C ARG B 96 -12.22 49.15 5.70
N LEU B 97 -12.79 48.20 4.98
CA LEU B 97 -12.54 48.04 3.56
C LEU B 97 -13.59 48.69 2.69
N ALA B 98 -14.49 49.47 3.29
CA ALA B 98 -15.49 50.17 2.49
C ALA B 98 -14.83 51.32 1.74
N TYR B 99 -15.21 51.46 0.47
CA TYR B 99 -14.64 52.51 -0.37
C TYR B 99 -15.77 53.14 -1.19
N SER B 100 -15.55 54.39 -1.59
CA SER B 100 -16.50 55.08 -2.45
C SER B 100 -15.86 55.84 -3.60
N GLU B 101 -14.56 56.13 -3.55
CA GLU B 101 -13.93 56.95 -4.58
C GLU B 101 -13.77 56.18 -5.89
N TYR B 102 -13.32 54.93 -5.80
CA TYR B 102 -13.10 54.12 -6.98
C TYR B 102 -14.45 53.76 -7.60
N PRO B 103 -14.59 53.86 -8.93
CA PRO B 103 -15.92 53.80 -9.53
C PRO B 103 -16.55 52.42 -9.62
N ASP B 104 -15.75 51.37 -9.77
CA ASP B 104 -16.30 50.04 -10.02
C ASP B 104 -16.88 49.43 -8.76
N ASP B 105 -17.91 48.60 -8.95
CA ASP B 105 -18.71 48.12 -7.83
C ASP B 105 -18.05 46.96 -7.09
N SER B 106 -16.99 46.38 -7.64
CA SER B 106 -16.30 45.27 -7.00
C SER B 106 -14.83 45.32 -7.36
N LEU B 107 -14.02 44.68 -6.52
CA LEU B 107 -12.59 44.58 -6.74
C LEU B 107 -12.19 43.11 -6.66
N ASP B 108 -10.89 42.87 -6.77
CA ASP B 108 -10.35 41.53 -6.55
C ASP B 108 -8.89 41.65 -6.17
N LEU B 109 -8.57 41.21 -4.96
CA LEU B 109 -7.19 41.22 -4.50
C LEU B 109 -6.45 40.04 -5.11
N ASP B 110 -5.23 40.30 -5.57
CA ASP B 110 -4.39 39.25 -6.09
C ASP B 110 -3.95 38.32 -4.94
N PRO B 111 -3.83 37.02 -5.18
CA PRO B 111 -3.43 36.11 -4.10
C PRO B 111 -2.01 36.30 -3.57
N SER B 112 -1.16 37.06 -4.25
CA SER B 112 0.14 37.37 -3.68
C SER B 112 0.01 38.33 -2.51
N MET B 113 -0.87 39.32 -2.63
CA MET B 113 -1.08 40.33 -1.61
C MET B 113 -2.12 39.90 -0.57
N LEU B 114 -2.34 38.61 -0.42
CA LEU B 114 -3.47 38.14 0.37
C LEU B 114 -3.20 38.17 1.86
N ASP B 115 -1.94 38.30 2.27
CA ASP B 115 -1.62 38.32 3.70
C ASP B 115 -1.94 39.65 4.37
N SER B 116 -2.41 40.66 3.63
CA SER B 116 -2.76 41.95 4.20
C SER B 116 -4.27 42.11 4.38
N ILE B 117 -4.97 41.01 4.66
CA ILE B 117 -6.41 41.03 4.89
C ILE B 117 -6.69 40.13 6.09
N TRP B 118 -7.52 40.61 7.02
CA TRP B 118 -8.01 39.76 8.09
C TRP B 118 -8.85 38.64 7.51
N LYS B 119 -8.46 37.41 7.80
CA LYS B 119 -9.22 36.25 7.36
C LYS B 119 -9.58 35.40 8.57
N PRO B 120 -10.75 34.76 8.56
CA PRO B 120 -11.11 33.92 9.70
C PRO B 120 -10.24 32.69 9.76
N ASP B 121 -9.98 32.22 10.98
CA ASP B 121 -9.14 31.05 11.20
C ASP B 121 -10.00 29.78 11.26
N LEU B 122 -10.72 29.56 10.17
CA LEU B 122 -11.55 28.37 10.05
C LEU B 122 -10.66 27.15 9.91
N PHE B 123 -11.04 26.08 10.60
CA PHE B 123 -10.40 24.81 10.38
C PHE B 123 -11.46 23.74 10.58
N PHE B 124 -11.11 22.52 10.22
CA PHE B 124 -12.01 21.38 10.30
C PHE B 124 -11.65 20.57 11.52
N ALA B 125 -12.64 20.26 12.34
CA ALA B 125 -12.36 19.60 13.62
C ALA B 125 -11.92 18.16 13.48
N ASN B 126 -12.01 17.58 12.30
CA ASN B 126 -11.57 16.22 12.05
C ASN B 126 -10.79 16.16 10.74
N GLU B 127 -9.79 17.05 10.61
CA GLU B 127 -8.97 17.13 9.40
C GLU B 127 -8.27 15.82 9.09
N LYS B 128 -7.44 15.34 10.02
CA LYS B 128 -6.59 14.16 9.86
C LYS B 128 -5.68 14.31 8.64
N GLY B 129 -5.20 15.53 8.43
CA GLY B 129 -4.37 15.86 7.28
C GLY B 129 -5.15 16.54 6.18
N ALA B 130 -4.60 17.63 5.64
CA ALA B 130 -5.21 18.38 4.55
C ALA B 130 -4.15 19.27 3.94
N ASN B 131 -4.48 19.85 2.78
CA ASN B 131 -3.54 20.68 2.04
C ASN B 131 -4.29 21.54 1.04
N PHE B 132 -3.62 22.58 0.56
CA PHE B 132 -4.17 23.44 -0.48
C PHE B 132 -3.79 22.89 -1.86
N HIS B 133 -4.01 23.70 -2.90
CA HIS B 133 -3.51 23.41 -4.23
C HIS B 133 -2.82 24.65 -4.76
N GLU B 134 -1.60 24.50 -5.25
CA GLU B 134 -0.80 25.62 -5.69
C GLU B 134 -0.34 25.44 -7.12
N VAL B 135 -1.20 24.90 -7.98
CA VAL B 135 -0.82 24.61 -9.35
C VAL B 135 -1.14 25.81 -10.23
N THR B 136 -0.07 26.43 -10.75
CA THR B 136 0.05 27.52 -11.72
C THR B 136 -0.33 28.87 -11.09
N THR B 137 -0.95 28.84 -9.91
CA THR B 137 -1.40 29.98 -9.12
C THR B 137 -1.93 29.35 -7.84
N ASP B 138 -1.81 30.04 -6.71
CA ASP B 138 -2.60 29.69 -5.54
C ASP B 138 -4.07 29.71 -5.88
N ASN B 139 -4.78 28.62 -5.60
CA ASN B 139 -6.21 28.54 -5.88
C ASN B 139 -6.97 29.23 -4.76
N LYS B 140 -6.90 30.56 -4.77
CA LYS B 140 -7.45 31.41 -3.73
C LYS B 140 -8.09 32.60 -4.41
N LEU B 141 -9.30 32.94 -4.01
CA LEU B 141 -10.06 34.02 -4.61
C LEU B 141 -10.45 35.01 -3.53
N LEU B 142 -10.32 36.29 -3.82
CA LEU B 142 -10.76 37.31 -2.86
C LEU B 142 -11.42 38.44 -3.63
N ARG B 143 -12.63 38.79 -3.23
CA ARG B 143 -13.34 39.92 -3.82
C ARG B 143 -13.79 40.85 -2.72
N ILE B 144 -13.78 42.15 -3.00
CA ILE B 144 -14.21 43.16 -2.06
C ILE B 144 -15.31 43.97 -2.71
N SER B 145 -16.49 43.94 -2.13
CA SER B 145 -17.60 44.74 -2.63
C SER B 145 -17.44 46.18 -2.18
N LYS B 146 -18.36 47.04 -2.63
CA LYS B 146 -18.23 48.46 -2.36
C LYS B 146 -18.56 48.79 -0.92
N ASN B 147 -19.60 48.17 -0.37
CA ASN B 147 -19.99 48.43 1.01
C ASN B 147 -19.06 47.78 2.03
N GLY B 148 -18.20 46.86 1.60
CA GLY B 148 -17.28 46.20 2.50
C GLY B 148 -17.51 44.71 2.68
N ASN B 149 -18.45 44.11 1.96
CA ASN B 149 -18.60 42.66 2.01
C ASN B 149 -17.43 42.01 1.30
N VAL B 150 -16.93 40.94 1.88
CA VAL B 150 -15.73 40.26 1.40
C VAL B 150 -16.09 38.83 1.06
N LEU B 151 -15.78 38.41 -0.16
CA LEU B 151 -15.96 37.03 -0.59
C LEU B 151 -14.59 36.37 -0.70
N TYR B 152 -14.43 35.20 -0.09
CA TYR B 152 -13.16 34.51 -0.04
C TYR B 152 -13.38 33.04 -0.32
N SER B 153 -12.81 32.54 -1.40
CA SER B 153 -13.06 31.19 -1.88
C SER B 153 -11.75 30.49 -2.14
N ILE B 154 -11.55 29.33 -1.52
CA ILE B 154 -10.32 28.56 -1.67
C ILE B 154 -10.68 27.12 -2.03
N ARG B 155 -9.65 26.33 -2.31
CA ARG B 155 -9.81 24.96 -2.77
C ARG B 155 -8.95 24.05 -1.91
N ILE B 156 -9.57 23.10 -1.22
CA ILE B 156 -8.91 22.29 -0.22
C ILE B 156 -9.15 20.82 -0.53
N THR B 157 -8.13 19.99 -0.33
CA THR B 157 -8.32 18.54 -0.22
C THR B 157 -8.27 18.14 1.25
N LEU B 158 -9.34 17.54 1.72
CA LEU B 158 -9.45 17.08 3.10
C LEU B 158 -9.31 15.57 3.15
N VAL B 159 -8.88 15.07 4.31
CA VAL B 159 -8.79 13.62 4.56
C VAL B 159 -9.65 13.35 5.80
N LEU B 160 -10.84 13.95 5.83
CA LEU B 160 -11.75 13.90 6.99
C LEU B 160 -12.00 12.50 7.52
N ALA B 161 -12.18 12.40 8.83
CA ALA B 161 -12.33 11.14 9.52
C ALA B 161 -13.76 11.02 10.04
N CYS B 162 -14.40 9.89 9.74
CA CYS B 162 -15.72 9.61 10.30
C CYS B 162 -15.71 8.22 10.92
N PRO B 163 -16.16 8.08 12.17
CA PRO B 163 -16.23 6.75 12.77
C PRO B 163 -17.37 5.95 12.17
N MET B 164 -17.08 4.70 11.84
CA MET B 164 -18.02 3.84 11.15
C MET B 164 -18.46 2.71 12.06
N ASP B 165 -19.68 2.23 11.82
CA ASP B 165 -20.29 1.19 12.65
C ASP B 165 -20.65 0.04 11.74
N LEU B 166 -19.76 -0.94 11.66
CA LEU B 166 -19.96 -2.10 10.79
C LEU B 166 -20.58 -3.26 11.55
N LYS B 167 -21.67 -3.04 12.27
CA LYS B 167 -22.35 -4.16 12.93
C LYS B 167 -23.08 -5.01 11.91
N ASN B 168 -23.87 -4.39 11.06
CA ASN B 168 -24.60 -5.05 9.99
C ASN B 168 -24.00 -4.60 8.66
N PHE B 169 -23.02 -5.36 8.17
CA PHE B 169 -22.08 -4.80 7.20
C PHE B 169 -22.66 -4.55 5.82
N PRO B 170 -23.37 -5.49 5.15
CA PRO B 170 -23.91 -5.10 3.85
C PRO B 170 -25.13 -4.20 4.01
N MET B 171 -25.90 -4.40 5.06
CA MET B 171 -27.10 -3.60 5.30
C MET B 171 -26.77 -2.54 6.34
N ASP B 172 -26.04 -1.52 5.92
CA ASP B 172 -25.71 -0.43 6.82
C ASP B 172 -25.95 0.92 6.15
N VAL B 173 -26.19 1.92 6.99
CA VAL B 173 -26.31 3.30 6.57
C VAL B 173 -25.26 4.08 7.35
N GLN B 174 -24.22 4.53 6.65
CA GLN B 174 -23.15 5.28 7.28
C GLN B 174 -23.49 6.76 7.25
N THR B 175 -23.05 7.47 8.28
CA THR B 175 -23.24 8.91 8.39
C THR B 175 -21.89 9.53 8.71
N CYS B 176 -21.35 10.30 7.78
CA CYS B 176 -20.04 10.90 7.94
C CYS B 176 -20.17 12.42 7.96
N ILE B 177 -19.84 13.02 9.11
CA ILE B 177 -20.02 14.44 9.36
C ILE B 177 -18.85 15.24 8.79
N MET B 178 -19.00 16.56 8.80
CA MET B 178 -17.98 17.47 8.31
C MET B 178 -18.17 18.79 9.06
N GLN B 179 -17.33 19.04 10.06
CA GLN B 179 -17.56 20.14 10.97
C GLN B 179 -16.42 21.14 10.94
N LEU B 180 -16.79 22.42 11.10
CA LEU B 180 -15.93 23.57 10.79
C LEU B 180 -15.82 24.45 12.03
N GLU B 181 -14.83 24.20 12.88
CA GLU B 181 -14.69 25.02 14.07
C GLU B 181 -13.93 26.29 13.74
N SER B 182 -14.00 27.23 14.67
CA SER B 182 -13.01 28.29 14.77
C SER B 182 -11.90 27.83 15.69
N PHE B 183 -10.73 28.44 15.57
CA PHE B 183 -9.60 28.00 16.37
C PHE B 183 -9.20 28.99 17.44
N GLY B 184 -8.96 30.26 17.08
CA GLY B 184 -8.46 31.21 18.04
C GLY B 184 -9.51 32.11 18.64
N TYR B 185 -10.51 32.45 17.86
CA TYR B 185 -11.55 33.37 18.31
C TYR B 185 -12.69 32.60 18.95
N THR B 186 -13.18 33.12 20.07
CA THR B 186 -14.23 32.45 20.82
C THR B 186 -15.60 32.83 20.25
N MET B 187 -16.65 32.50 21.00
CA MET B 187 -18.02 32.73 20.53
C MET B 187 -18.35 34.22 20.47
N ASN B 188 -17.88 35.00 21.43
CA ASN B 188 -18.20 36.42 21.47
C ASN B 188 -17.46 37.25 20.42
N ASP B 189 -16.54 36.65 19.66
CA ASP B 189 -15.80 37.38 18.64
C ASP B 189 -16.12 36.93 17.22
N LEU B 190 -16.47 35.68 17.02
CA LEU B 190 -16.62 35.17 15.67
C LEU B 190 -17.65 34.05 15.67
N ILE B 191 -18.63 34.14 14.77
CA ILE B 191 -19.74 33.21 14.71
C ILE B 191 -19.90 32.71 13.28
N PHE B 192 -19.83 31.41 13.08
CA PHE B 192 -20.07 30.81 11.78
C PHE B 192 -21.55 30.58 11.55
N GLU B 193 -21.95 30.63 10.28
CA GLU B 193 -23.32 30.41 9.87
C GLU B 193 -23.32 29.68 8.54
N TRP B 194 -24.32 28.83 8.33
CA TRP B 194 -24.62 28.38 6.98
C TRP B 194 -25.52 29.42 6.33
N ASP B 195 -25.22 29.79 5.10
CA ASP B 195 -26.09 30.71 4.40
C ASP B 195 -27.39 30.02 4.03
N GLU B 196 -28.44 30.83 3.89
CA GLU B 196 -29.78 30.32 3.64
C GLU B 196 -30.06 30.10 2.16
N LYS B 197 -29.02 30.03 1.34
CA LYS B 197 -29.18 29.90 -0.11
C LYS B 197 -28.15 28.88 -0.60
N GLY B 198 -28.54 27.60 -0.57
CA GLY B 198 -27.68 26.54 -1.08
C GLY B 198 -26.43 26.32 -0.27
N ALA B 199 -26.56 25.78 0.94
CA ALA B 199 -25.42 25.72 1.84
C ALA B 199 -24.41 24.65 1.44
N VAL B 200 -24.85 23.57 0.81
CA VAL B 200 -23.94 22.56 0.28
C VAL B 200 -24.40 22.17 -1.11
N GLN B 201 -23.58 22.47 -2.12
CA GLN B 201 -23.82 21.93 -3.44
C GLN B 201 -22.83 20.80 -3.71
N VAL B 202 -23.26 19.87 -4.55
CA VAL B 202 -22.45 18.73 -4.95
C VAL B 202 -22.33 18.78 -6.46
N ALA B 203 -21.15 18.45 -6.99
CA ALA B 203 -20.95 18.36 -8.43
C ALA B 203 -21.83 17.26 -9.03
N ASP B 204 -22.05 17.36 -10.34
CA ASP B 204 -23.15 16.64 -10.97
C ASP B 204 -22.83 15.16 -11.14
N GLY B 205 -21.83 14.84 -11.96
CA GLY B 205 -21.54 13.46 -12.26
C GLY B 205 -20.59 12.82 -11.26
N LEU B 206 -21.04 12.61 -10.04
CA LEU B 206 -20.19 12.16 -8.95
C LEU B 206 -20.62 10.76 -8.52
N THR B 207 -19.72 9.81 -8.64
CA THR B 207 -19.99 8.41 -8.33
C THR B 207 -19.09 7.93 -7.20
N LEU B 208 -19.42 6.76 -6.68
CA LEU B 208 -18.67 6.10 -5.62
C LEU B 208 -18.55 4.63 -5.96
N PRO B 209 -17.47 3.97 -5.54
CA PRO B 209 -17.33 2.54 -5.84
C PRO B 209 -18.25 1.65 -5.02
N GLN B 210 -18.59 2.03 -3.80
CA GLN B 210 -19.37 1.13 -2.95
C GLN B 210 -20.65 1.75 -2.43
N PHE B 211 -20.66 3.05 -2.22
CA PHE B 211 -21.79 3.72 -1.59
C PHE B 211 -22.59 4.51 -2.62
N ILE B 212 -23.74 5.00 -2.18
CA ILE B 212 -24.45 6.05 -2.89
C ILE B 212 -24.66 7.20 -1.92
N LEU B 213 -24.68 8.41 -2.46
CA LEU B 213 -24.79 9.62 -1.65
C LEU B 213 -26.20 10.16 -1.79
N LYS B 214 -26.93 10.17 -0.68
CA LYS B 214 -28.29 10.67 -0.70
C LYS B 214 -28.30 12.19 -0.85
N GLU B 215 -29.42 12.71 -1.35
CA GLU B 215 -29.59 14.16 -1.49
C GLU B 215 -30.29 14.75 -0.27
N GLU B 216 -29.77 14.43 0.91
CA GLU B 216 -30.33 14.93 2.16
C GLU B 216 -29.14 15.34 3.03
N LYS B 217 -28.86 16.63 3.08
CA LYS B 217 -27.74 17.17 3.83
C LYS B 217 -28.28 17.84 5.08
N ASP B 218 -28.02 17.25 6.24
CA ASP B 218 -28.39 17.90 7.49
C ASP B 218 -27.45 19.06 7.77
N LEU B 219 -27.94 20.03 8.51
CA LEU B 219 -27.17 21.24 8.83
C LEU B 219 -27.49 21.61 10.26
N ARG B 220 -26.50 21.53 11.15
CA ARG B 220 -26.77 21.82 12.54
C ARG B 220 -25.51 22.39 13.18
N TYR B 221 -25.73 23.05 14.32
CA TYR B 221 -24.64 23.62 15.10
C TYR B 221 -24.08 22.58 16.04
N CYS B 222 -22.86 22.82 16.48
CA CYS B 222 -22.29 21.91 17.47
C CYS B 222 -21.71 22.61 18.69
N THR B 223 -21.09 23.78 18.51
CA THR B 223 -20.74 24.73 19.58
C THR B 223 -19.85 24.09 20.64
N LYS B 224 -18.61 23.84 20.23
CA LYS B 224 -17.65 23.15 21.08
C LYS B 224 -17.30 23.96 22.33
N HIS B 225 -17.21 23.25 23.45
CA HIS B 225 -16.71 23.81 24.68
C HIS B 225 -15.36 23.17 25.01
N TYR B 226 -14.49 23.96 25.61
CA TYR B 226 -13.25 23.43 26.16
C TYR B 226 -13.02 24.11 27.50
N ASN B 227 -11.85 23.88 28.07
CA ASN B 227 -11.40 24.69 29.18
C ASN B 227 -10.79 26.00 28.71
N THR B 228 -10.74 26.24 27.39
CA THR B 228 -10.24 27.47 26.81
C THR B 228 -11.37 28.46 26.56
N GLY B 229 -12.51 27.99 26.07
CA GLY B 229 -13.64 28.86 25.83
C GLY B 229 -14.65 28.21 24.92
N LYS B 230 -15.73 28.95 24.67
CA LYS B 230 -16.75 28.52 23.73
C LYS B 230 -16.28 28.84 22.32
N PHE B 231 -16.07 27.81 21.51
CA PHE B 231 -15.67 28.00 20.12
C PHE B 231 -16.81 27.56 19.22
N THR B 232 -17.14 28.39 18.25
CA THR B 232 -18.25 28.09 17.35
C THR B 232 -17.85 27.01 16.36
N CYS B 233 -18.85 26.29 15.88
CA CYS B 233 -18.67 25.27 14.86
C CYS B 233 -20.00 24.98 14.22
N ILE B 234 -19.98 24.71 12.93
CA ILE B 234 -21.15 24.29 12.17
C ILE B 234 -20.76 22.99 11.48
N GLU B 235 -21.75 22.14 11.23
CA GLU B 235 -21.44 20.87 10.61
C GLU B 235 -22.48 20.52 9.57
N ALA B 236 -22.12 19.57 8.71
CA ALA B 236 -23.00 19.08 7.67
C ALA B 236 -22.89 17.57 7.62
N ARG B 237 -24.01 16.89 7.78
CA ARG B 237 -24.03 15.44 7.78
C ARG B 237 -24.29 14.90 6.38
N PHE B 238 -23.60 13.84 6.02
CA PHE B 238 -23.82 13.15 4.76
C PHE B 238 -24.24 11.73 5.04
N HIS B 239 -25.35 11.31 4.45
CA HIS B 239 -25.85 9.95 4.62
C HIS B 239 -25.39 9.08 3.47
N LEU B 240 -24.73 7.99 3.79
CA LEU B 240 -24.21 7.05 2.80
C LEU B 240 -24.93 5.73 2.95
N GLU B 241 -25.36 5.17 1.83
CA GLU B 241 -26.08 3.91 1.80
C GLU B 241 -25.31 2.93 0.95
N ARG B 242 -24.89 1.83 1.55
CA ARG B 242 -24.05 0.87 0.84
C ARG B 242 -24.87 0.08 -0.16
N GLN B 243 -24.31 -0.09 -1.36
CA GLN B 243 -24.95 -0.92 -2.37
C GLN B 243 -24.86 -2.39 -1.97
N MET B 244 -25.67 -3.21 -2.64
CA MET B 244 -25.90 -4.58 -2.19
C MET B 244 -25.53 -5.62 -3.23
N GLY B 245 -25.63 -5.31 -4.52
CA GLY B 245 -25.68 -6.30 -5.58
C GLY B 245 -24.45 -7.16 -5.72
N TYR B 246 -23.30 -6.70 -5.24
CA TYR B 246 -22.12 -7.54 -5.32
C TYR B 246 -22.14 -8.63 -4.26
N TYR B 247 -22.58 -8.31 -3.05
CA TYR B 247 -22.53 -9.27 -1.96
C TYR B 247 -23.60 -10.33 -2.07
N LEU B 248 -24.68 -10.05 -2.79
CA LEU B 248 -25.68 -11.08 -3.04
C LEU B 248 -25.15 -12.12 -4.01
N ILE B 249 -24.60 -11.66 -5.14
CA ILE B 249 -24.26 -12.56 -6.24
C ILE B 249 -23.10 -13.46 -5.88
N GLN B 250 -22.17 -13.01 -5.06
CA GLN B 250 -20.98 -13.81 -4.85
C GLN B 250 -20.79 -14.28 -3.40
N MET B 251 -21.55 -13.76 -2.46
CA MET B 251 -21.36 -14.24 -1.09
C MET B 251 -22.60 -14.82 -0.44
N TYR B 252 -23.80 -14.34 -0.77
CA TYR B 252 -24.99 -14.94 -0.19
C TYR B 252 -25.49 -16.10 -1.03
N ILE B 253 -25.81 -15.86 -2.29
CA ILE B 253 -26.31 -16.86 -3.22
C ILE B 253 -25.37 -18.06 -3.41
N PRO B 254 -24.03 -17.93 -3.53
CA PRO B 254 -23.22 -19.15 -3.57
C PRO B 254 -23.21 -19.91 -2.26
N SER B 255 -23.17 -19.23 -1.12
CA SER B 255 -23.30 -19.92 0.15
C SER B 255 -24.69 -20.47 0.36
N LEU B 256 -25.68 -19.91 -0.33
CA LEU B 256 -27.02 -20.49 -0.27
C LEU B 256 -27.09 -21.80 -1.03
N LEU B 257 -26.38 -21.91 -2.15
CA LEU B 257 -26.45 -23.11 -2.97
C LEU B 257 -25.69 -24.26 -2.34
N ILE B 258 -24.69 -23.97 -1.52
CA ILE B 258 -23.95 -25.04 -0.85
C ILE B 258 -24.82 -25.71 0.19
N VAL B 259 -25.72 -24.95 0.81
CA VAL B 259 -26.67 -25.53 1.76
C VAL B 259 -27.68 -26.41 1.03
N ILE B 260 -28.06 -26.03 -0.19
CA ILE B 260 -29.00 -26.84 -0.95
C ILE B 260 -28.36 -28.15 -1.38
N LEU B 261 -27.06 -28.14 -1.65
CA LEU B 261 -26.38 -29.38 -1.99
C LEU B 261 -26.16 -30.29 -0.79
N SER B 262 -26.37 -29.80 0.41
CA SER B 262 -26.39 -30.71 1.53
C SER B 262 -27.68 -31.52 1.56
N TRP B 263 -28.80 -30.96 1.09
CA TRP B 263 -30.06 -31.67 1.26
C TRP B 263 -30.21 -32.86 0.33
N VAL B 264 -29.40 -32.96 -0.71
CA VAL B 264 -29.54 -34.09 -1.62
C VAL B 264 -28.96 -35.37 -1.06
N SER B 265 -28.29 -35.33 0.09
CA SER B 265 -27.90 -36.58 0.73
C SER B 265 -29.10 -37.32 1.29
N PHE B 266 -30.15 -36.59 1.63
CA PHE B 266 -31.35 -37.20 2.20
C PHE B 266 -32.22 -37.89 1.16
N TRP B 267 -31.88 -37.78 -0.11
CA TRP B 267 -32.59 -38.47 -1.16
C TRP B 267 -31.76 -39.58 -1.79
N ILE B 268 -30.44 -39.52 -1.64
CA ILE B 268 -29.57 -40.64 -1.99
C ILE B 268 -29.81 -41.77 -1.00
N ASN B 269 -29.62 -43.01 -1.48
CA ASN B 269 -29.87 -44.24 -0.73
C ASN B 269 -29.11 -44.27 0.59
N MET B 270 -29.68 -45.00 1.55
CA MET B 270 -29.05 -45.18 2.85
C MET B 270 -27.77 -46.00 2.75
N ASP B 271 -27.77 -47.01 1.89
CA ASP B 271 -26.69 -47.98 1.87
C ASP B 271 -25.45 -47.48 1.15
N ALA B 272 -25.58 -46.47 0.30
CA ALA B 272 -24.44 -45.96 -0.48
C ALA B 272 -23.56 -45.12 0.44
N ALA B 273 -22.75 -45.82 1.23
CA ALA B 273 -21.91 -45.19 2.25
C ALA B 273 -20.77 -44.33 1.70
N PRO B 274 -20.05 -44.67 0.62
CA PRO B 274 -19.10 -43.69 0.08
C PRO B 274 -19.77 -42.50 -0.58
N ALA B 275 -21.01 -42.63 -1.04
CA ALA B 275 -21.66 -41.52 -1.71
C ALA B 275 -22.15 -40.46 -0.73
N ARG B 276 -22.57 -40.88 0.46
CA ARG B 276 -23.12 -39.92 1.42
C ARG B 276 -22.03 -39.06 2.04
N VAL B 277 -21.00 -39.69 2.61
CA VAL B 277 -19.95 -38.92 3.25
C VAL B 277 -19.02 -38.25 2.25
N GLY B 278 -18.93 -38.78 1.03
CA GLY B 278 -18.22 -38.06 -0.01
C GLY B 278 -18.93 -36.79 -0.41
N LEU B 279 -20.26 -36.80 -0.36
CA LEU B 279 -21.06 -35.60 -0.48
C LEU B 279 -21.02 -34.75 0.79
N GLY B 280 -20.78 -35.36 1.94
CA GLY B 280 -20.79 -34.65 3.20
C GLY B 280 -19.65 -33.67 3.38
N ILE B 281 -18.43 -34.18 3.44
CA ILE B 281 -17.28 -33.32 3.75
C ILE B 281 -16.94 -32.43 2.57
N THR B 282 -17.16 -32.89 1.36
CA THR B 282 -16.84 -32.05 0.20
C THR B 282 -17.83 -30.89 0.08
N THR B 283 -18.97 -30.97 0.77
CA THR B 283 -19.82 -29.81 0.92
C THR B 283 -19.32 -28.89 2.03
N VAL B 284 -18.76 -29.42 3.11
CA VAL B 284 -18.24 -28.54 4.16
C VAL B 284 -16.85 -28.05 3.81
N LEU B 285 -16.20 -28.68 2.83
CA LEU B 285 -14.96 -28.12 2.31
C LEU B 285 -15.23 -26.91 1.42
N THR B 286 -16.21 -27.00 0.54
CA THR B 286 -16.52 -25.85 -0.31
C THR B 286 -17.25 -24.75 0.45
N MET B 287 -17.80 -25.05 1.62
CA MET B 287 -18.34 -23.98 2.45
C MET B 287 -17.22 -23.23 3.16
N THR B 288 -16.13 -23.92 3.49
CA THR B 288 -14.97 -23.25 4.06
C THR B 288 -14.20 -22.50 2.98
N THR B 289 -14.10 -23.09 1.78
CA THR B 289 -13.40 -22.46 0.67
C THR B 289 -14.11 -21.18 0.22
N GLN B 290 -15.45 -21.19 0.29
CA GLN B 290 -16.21 -19.98 0.02
C GLN B 290 -15.92 -18.90 1.05
N SER B 291 -15.81 -19.28 2.31
CA SER B 291 -15.61 -18.29 3.36
C SER B 291 -14.16 -17.83 3.46
N SER B 292 -13.21 -18.71 3.16
CA SER B 292 -11.80 -18.38 3.34
C SER B 292 -11.30 -17.39 2.30
N GLY B 293 -11.74 -17.53 1.05
CA GLY B 293 -11.29 -16.63 0.01
C GLY B 293 -11.94 -15.26 0.11
N SER B 294 -13.07 -15.18 0.81
CA SER B 294 -13.80 -13.94 0.92
C SER B 294 -13.30 -13.04 2.05
N ARG B 295 -12.30 -13.47 2.80
CA ARG B 295 -11.74 -12.61 3.85
C ARG B 295 -10.86 -11.50 3.31
N ALA B 296 -10.51 -11.54 2.03
CA ALA B 296 -9.76 -10.44 1.44
C ALA B 296 -10.63 -9.27 1.04
N SER B 297 -11.85 -9.54 0.57
CA SER B 297 -12.75 -8.47 0.16
C SER B 297 -13.41 -7.80 1.35
N LEU B 298 -13.61 -8.54 2.44
CA LEU B 298 -14.28 -7.99 3.60
C LEU B 298 -13.33 -7.08 4.38
N PRO B 299 -13.88 -6.16 5.18
CA PRO B 299 -13.04 -5.36 6.07
C PRO B 299 -12.44 -6.18 7.20
N LYS B 300 -11.51 -5.58 7.94
CA LYS B 300 -10.74 -6.31 8.93
C LYS B 300 -11.04 -5.81 10.33
N VAL B 301 -12.32 -5.61 10.64
CA VAL B 301 -12.68 -5.26 12.00
C VAL B 301 -12.64 -6.51 12.87
N SER B 302 -12.64 -6.30 14.18
CA SER B 302 -12.50 -7.37 15.14
C SER B 302 -13.79 -7.63 15.93
N TYR B 303 -14.93 -7.38 15.30
CA TYR B 303 -16.21 -7.70 15.91
C TYR B 303 -17.13 -8.25 14.85
N VAL B 304 -18.16 -8.98 15.30
CA VAL B 304 -18.94 -9.81 14.41
C VAL B 304 -19.85 -8.95 13.55
N LYS B 305 -19.86 -9.24 12.25
CA LYS B 305 -20.65 -8.50 11.28
C LYS B 305 -22.00 -9.19 11.11
N ALA B 306 -22.75 -8.80 10.07
CA ALA B 306 -23.92 -9.56 9.68
C ALA B 306 -23.64 -10.54 8.56
N ILE B 307 -22.62 -10.30 7.75
CA ILE B 307 -22.18 -11.29 6.79
C ILE B 307 -21.49 -12.44 7.50
N ASP B 308 -20.94 -12.18 8.69
CA ASP B 308 -20.22 -13.22 9.40
C ASP B 308 -21.17 -14.16 10.13
N ILE B 309 -22.34 -13.66 10.53
CA ILE B 309 -23.37 -14.54 11.08
C ILE B 309 -23.91 -15.46 10.00
N TRP B 310 -24.08 -14.93 8.79
CA TRP B 310 -24.58 -15.74 7.68
C TRP B 310 -23.58 -16.83 7.29
N MET B 311 -22.30 -16.49 7.21
CA MET B 311 -21.31 -17.48 6.81
C MET B 311 -20.96 -18.44 7.93
N ALA B 312 -21.45 -18.23 9.15
CA ALA B 312 -21.24 -19.17 10.24
C ALA B 312 -22.45 -20.05 10.49
N VAL B 313 -23.67 -19.52 10.32
CA VAL B 313 -24.85 -20.35 10.49
C VAL B 313 -25.00 -21.29 9.30
N CYS B 314 -24.71 -20.81 8.10
CA CYS B 314 -24.70 -21.69 6.92
C CYS B 314 -23.60 -22.73 6.98
N LEU B 315 -22.57 -22.52 7.80
CA LEU B 315 -21.64 -23.59 8.07
C LEU B 315 -22.25 -24.67 8.95
N LEU B 316 -23.16 -24.28 9.86
CA LEU B 316 -23.74 -25.25 10.78
C LEU B 316 -24.73 -26.18 10.09
N PHE B 317 -25.47 -25.69 9.11
CA PHE B 317 -26.40 -26.56 8.39
C PHE B 317 -25.68 -27.60 7.55
N VAL B 318 -24.54 -27.24 6.98
CA VAL B 318 -23.73 -28.23 6.29
C VAL B 318 -23.09 -29.18 7.29
N PHE B 319 -22.72 -28.63 8.46
CA PHE B 319 -22.18 -29.45 9.54
C PHE B 319 -23.23 -30.40 10.10
N SER B 320 -24.46 -29.92 10.26
CA SER B 320 -25.51 -30.77 10.80
C SER B 320 -26.04 -31.76 9.77
N ALA B 321 -25.79 -31.54 8.49
CA ALA B 321 -26.26 -32.46 7.47
C ALA B 321 -25.42 -33.73 7.42
N LEU B 322 -24.24 -33.73 8.00
CA LEU B 322 -23.44 -34.95 8.06
C LEU B 322 -23.69 -35.72 9.33
N LEU B 323 -23.88 -35.01 10.45
CA LEU B 323 -24.19 -35.66 11.72
C LEU B 323 -25.52 -36.39 11.69
N GLU B 324 -26.42 -35.99 10.80
CA GLU B 324 -27.61 -36.79 10.52
C GLU B 324 -27.21 -38.16 9.97
N TYR B 325 -26.28 -38.18 9.01
CA TYR B 325 -25.89 -39.46 8.41
C TYR B 325 -25.06 -40.30 9.37
N ALA B 326 -24.32 -39.67 10.27
CA ALA B 326 -23.63 -40.42 11.31
C ALA B 326 -24.61 -41.11 12.25
N ALA B 327 -25.79 -40.54 12.42
CA ALA B 327 -26.83 -41.23 13.16
C ALA B 327 -27.46 -42.35 12.34
N VAL B 328 -27.73 -42.10 11.06
CA VAL B 328 -28.39 -43.09 10.21
C VAL B 328 -27.51 -44.30 9.98
N ASN B 329 -26.22 -44.08 9.77
CA ASN B 329 -25.31 -45.20 9.55
C ASN B 329 -25.12 -46.02 10.82
N PHE B 330 -25.26 -45.40 11.98
CA PHE B 330 -25.08 -46.14 13.22
C PHE B 330 -26.33 -46.93 13.61
N ILE B 331 -27.51 -46.38 13.33
CA ILE B 331 -28.75 -47.09 13.65
C ILE B 331 -28.96 -48.26 12.71
N ALA B 332 -28.67 -48.07 11.42
CA ALA B 332 -28.88 -49.13 10.44
C ALA B 332 -27.87 -50.26 10.61
N ARG B 333 -26.67 -49.95 11.05
CA ARG B 333 -25.68 -50.99 11.33
C ARG B 333 -26.00 -51.72 12.63
N GLN B 334 -26.69 -51.05 13.54
CA GLN B 334 -27.06 -51.64 14.82
C GLN B 334 -28.03 -52.80 14.61
N HIS B 335 -27.82 -53.87 15.35
CA HIS B 335 -28.68 -55.04 15.27
C HIS B 335 -29.39 -55.26 16.60
N GLU B 397 -34.36 -61.64 10.43
CA GLU B 397 -34.45 -61.44 11.87
C GLU B 397 -35.30 -60.20 12.13
N GLU B 398 -36.01 -60.19 13.26
CA GLU B 398 -37.04 -59.17 13.49
C GLU B 398 -36.43 -57.82 13.80
N MET B 399 -35.37 -57.77 14.60
CA MET B 399 -34.78 -56.50 14.99
C MET B 399 -34.00 -55.84 13.86
N ARG B 400 -33.53 -56.62 12.88
CA ARG B 400 -32.85 -56.04 11.73
C ARG B 400 -33.82 -55.33 10.80
N LYS B 401 -35.11 -55.65 10.86
CA LYS B 401 -36.13 -54.94 10.12
C LYS B 401 -36.63 -53.72 10.87
N LEU B 402 -36.66 -53.79 12.21
CA LEU B 402 -37.16 -52.68 13.00
C LEU B 402 -36.22 -51.48 12.97
N PHE B 403 -34.90 -51.74 13.05
CA PHE B 403 -33.94 -50.64 13.04
C PHE B 403 -33.83 -50.02 11.65
N ILE B 404 -33.92 -50.84 10.60
CA ILE B 404 -33.85 -50.31 9.25
C ILE B 404 -35.10 -49.53 8.88
N SER B 405 -36.20 -49.73 9.61
CA SER B 405 -37.39 -48.90 9.42
C SER B 405 -37.36 -47.66 10.29
N ARG B 406 -36.63 -47.69 11.40
CA ARG B 406 -36.47 -46.50 12.20
C ARG B 406 -35.47 -45.54 11.58
N ALA B 407 -34.45 -46.07 10.90
CA ALA B 407 -33.47 -45.21 10.26
C ALA B 407 -34.03 -44.56 9.00
N LYS B 408 -35.01 -45.19 8.35
CA LYS B 408 -35.70 -44.51 7.27
C LYS B 408 -36.68 -43.48 7.80
N ARG B 409 -37.15 -43.63 9.04
CA ARG B 409 -38.04 -42.65 9.63
C ARG B 409 -37.31 -41.34 9.89
N ILE B 410 -36.10 -41.42 10.42
CA ILE B 410 -35.33 -40.21 10.70
C ILE B 410 -34.82 -39.57 9.41
N ASP B 411 -34.82 -40.31 8.30
CA ASP B 411 -34.49 -39.71 7.03
C ASP B 411 -35.67 -38.92 6.48
N THR B 412 -36.85 -39.53 6.44
CA THR B 412 -38.02 -38.86 5.88
C THR B 412 -38.51 -37.70 6.74
N VAL B 413 -38.19 -37.69 8.03
CA VAL B 413 -38.44 -36.51 8.85
C VAL B 413 -37.48 -35.40 8.44
N SER B 414 -36.20 -35.73 8.26
CA SER B 414 -35.19 -34.72 8.00
C SER B 414 -35.25 -34.16 6.59
N ARG B 415 -35.97 -34.81 5.68
CA ARG B 415 -36.13 -34.26 4.34
C ARG B 415 -37.00 -33.02 4.36
N VAL B 416 -38.00 -32.99 5.23
CA VAL B 416 -38.94 -31.89 5.28
C VAL B 416 -38.61 -30.93 6.42
N ALA B 417 -38.26 -31.48 7.59
CA ALA B 417 -38.15 -30.65 8.79
C ALA B 417 -36.89 -29.81 8.78
N PHE B 418 -35.81 -30.31 8.24
CA PHE B 418 -34.58 -29.52 8.29
C PHE B 418 -34.50 -28.40 7.24
N PRO B 419 -34.99 -28.54 6.01
CA PRO B 419 -35.14 -27.34 5.18
C PRO B 419 -36.21 -26.37 5.69
N LEU B 420 -37.13 -26.83 6.53
CA LEU B 420 -38.05 -25.88 7.14
C LEU B 420 -37.36 -25.07 8.22
N VAL B 421 -36.36 -25.64 8.90
CA VAL B 421 -35.61 -24.91 9.91
C VAL B 421 -34.77 -23.81 9.27
N PHE B 422 -34.19 -24.09 8.11
CA PHE B 422 -33.37 -23.11 7.42
C PHE B 422 -34.19 -21.93 6.92
N LEU B 423 -35.45 -22.16 6.54
CA LEU B 423 -36.29 -21.04 6.12
C LEU B 423 -36.68 -20.17 7.31
N ILE B 424 -36.79 -20.75 8.50
CA ILE B 424 -37.08 -19.96 9.69
C ILE B 424 -35.90 -19.07 10.04
N PHE B 425 -34.67 -19.59 9.89
CA PHE B 425 -33.50 -18.72 10.00
C PHE B 425 -33.46 -17.69 8.88
N ASN B 426 -33.88 -18.08 7.69
CA ASN B 426 -33.81 -17.17 6.56
C ASN B 426 -34.86 -16.06 6.68
N ILE B 427 -35.95 -16.30 7.41
CA ILE B 427 -36.90 -15.23 7.68
C ILE B 427 -36.38 -14.31 8.77
N PHE B 428 -35.94 -14.89 9.90
CA PHE B 428 -35.47 -14.08 11.03
C PHE B 428 -34.20 -13.31 10.72
N TYR B 429 -33.43 -13.73 9.72
CA TYR B 429 -32.23 -12.97 9.36
C TYR B 429 -32.59 -11.70 8.61
N TRP B 430 -33.36 -11.83 7.52
CA TRP B 430 -33.61 -10.67 6.68
C TRP B 430 -34.60 -9.70 7.29
N ILE B 431 -35.38 -10.11 8.29
CA ILE B 431 -36.23 -9.15 8.97
C ILE B 431 -35.40 -8.26 9.87
N THR B 432 -34.53 -8.84 10.68
CA THR B 432 -33.78 -8.05 11.64
C THR B 432 -32.64 -7.26 11.02
N TYR B 433 -32.37 -7.43 9.73
CA TYR B 433 -31.37 -6.60 9.05
C TYR B 433 -31.98 -5.78 7.93
N LYS B 434 -33.30 -5.61 7.92
CA LYS B 434 -33.94 -4.58 7.13
C LYS B 434 -34.80 -3.65 7.97
N ILE B 435 -35.25 -4.08 9.15
CA ILE B 435 -35.85 -3.16 10.11
C ILE B 435 -34.80 -2.20 10.64
N ILE B 436 -33.64 -2.72 11.02
CA ILE B 436 -32.53 -1.89 11.46
C ILE B 436 -31.91 -1.17 10.26
N PRO C 31 -8.05 52.23 24.06
CA PRO C 31 -6.85 52.93 23.64
C PRO C 31 -6.23 52.33 22.38
N MET C 32 -4.94 52.00 22.45
CA MET C 32 -4.22 51.45 21.33
C MET C 32 -4.58 49.98 21.13
N PRO C 33 -4.55 49.49 19.89
CA PRO C 33 -4.96 48.10 19.62
C PRO C 33 -3.95 47.12 20.19
N PRO C 34 -4.37 45.88 20.47
CA PRO C 34 -3.47 44.92 21.13
C PRO C 34 -2.29 44.49 20.28
N SER C 35 -2.41 44.54 18.96
CA SER C 35 -1.28 44.15 18.12
C SER C 35 -0.15 45.17 18.20
N GLU C 36 -0.48 46.44 18.36
CA GLU C 36 0.57 47.44 18.55
C GLU C 36 1.07 47.45 19.98
N PHE C 37 0.25 47.02 20.93
CA PHE C 37 0.70 46.96 22.32
C PHE C 37 1.69 45.83 22.55
N LEU C 38 1.56 44.75 21.79
CA LEU C 38 2.51 43.66 21.93
C LEU C 38 3.82 43.95 21.22
N ASP C 39 3.81 44.77 20.17
CA ASP C 39 5.06 45.16 19.54
C ASP C 39 5.86 46.09 20.43
N LYS C 40 5.21 46.88 21.27
CA LYS C 40 5.91 47.62 22.30
C LYS C 40 6.45 46.68 23.37
N LEU C 41 5.72 45.60 23.65
CA LEU C 41 6.09 44.70 24.73
C LEU C 41 7.18 43.73 24.30
N MET C 42 7.26 43.40 23.02
CA MET C 42 8.20 42.39 22.53
C MET C 42 9.29 42.95 21.64
N GLY C 43 9.29 44.24 21.34
CA GLY C 43 10.20 44.80 20.36
C GLY C 43 11.60 45.00 20.89
N LYS C 44 12.36 45.83 20.17
CA LYS C 44 13.70 46.18 20.63
C LYS C 44 13.64 47.11 21.83
N VAL C 45 12.57 47.89 21.94
CA VAL C 45 12.24 48.54 23.21
C VAL C 45 11.86 47.45 24.21
N SER C 46 12.29 47.63 25.45
CA SER C 46 12.14 46.76 26.63
C SER C 46 12.97 45.48 26.54
N GLY C 47 13.71 45.26 25.45
CA GLY C 47 14.75 44.26 25.39
C GLY C 47 14.31 42.82 25.52
N TYR C 48 13.07 42.50 25.16
CA TYR C 48 12.62 41.12 25.21
C TYR C 48 13.29 40.34 24.10
N ASP C 49 14.23 39.47 24.45
CA ASP C 49 14.89 38.60 23.50
C ASP C 49 14.24 37.23 23.59
N ALA C 50 13.78 36.72 22.45
CA ALA C 50 13.06 35.46 22.40
C ALA C 50 13.97 34.24 22.45
N ARG C 51 15.27 34.44 22.63
CA ARG C 51 16.21 33.33 22.69
C ARG C 51 16.70 33.06 24.11
N ILE C 52 16.17 33.76 25.10
CA ILE C 52 16.50 33.54 26.50
C ILE C 52 15.22 33.16 27.22
N ARG C 53 15.25 32.04 27.93
CA ARG C 53 14.10 31.58 28.70
C ARG C 53 13.80 32.55 29.84
N PRO C 54 12.57 32.59 30.33
CA PRO C 54 12.28 33.38 31.52
C PRO C 54 12.97 32.81 32.75
N ASN C 55 13.15 33.70 33.73
CA ASN C 55 13.86 33.42 34.98
C ASN C 55 15.27 32.90 34.69
N PHE C 56 16.00 33.67 33.89
CA PHE C 56 17.32 33.24 33.46
C PHE C 56 18.33 33.38 34.59
N LYS C 57 19.21 32.38 34.69
CA LYS C 57 20.15 32.21 35.80
C LYS C 57 19.43 32.22 37.15
N GLY C 58 18.37 31.42 37.23
CA GLY C 58 17.60 31.31 38.44
C GLY C 58 16.92 29.97 38.55
N PRO C 59 15.68 29.96 39.01
CA PRO C 59 14.94 28.70 39.11
C PRO C 59 14.53 28.22 37.72
N PRO C 60 14.26 26.93 37.56
CA PRO C 60 13.82 26.43 36.26
C PRO C 60 12.39 26.84 35.96
N VAL C 61 12.00 26.63 34.71
CA VAL C 61 10.68 27.01 34.22
C VAL C 61 9.73 25.84 34.41
N ASN C 62 8.59 26.09 35.05
CA ASN C 62 7.62 25.03 35.36
C ASN C 62 6.53 25.03 34.29
N VAL C 63 6.85 24.41 33.16
CA VAL C 63 5.88 24.23 32.09
C VAL C 63 4.93 23.12 32.49
N THR C 64 3.63 23.40 32.46
CA THR C 64 2.62 22.39 32.71
C THR C 64 1.82 22.14 31.44
N CYS C 65 1.43 20.88 31.25
CA CYS C 65 0.89 20.43 29.97
C CYS C 65 -0.36 19.59 30.17
N ASN C 66 -1.24 19.63 29.19
CA ASN C 66 -2.30 18.64 29.04
C ASN C 66 -2.70 18.56 27.58
N ILE C 67 -3.13 17.37 27.16
CA ILE C 67 -3.43 17.11 25.77
C ILE C 67 -4.91 16.81 25.62
N PHE C 68 -5.38 16.86 24.38
CA PHE C 68 -6.76 16.58 24.04
C PHE C 68 -6.76 15.77 22.75
N ILE C 69 -7.19 14.53 22.83
CA ILE C 69 -7.08 13.61 21.70
C ILE C 69 -8.32 13.74 20.83
N ASN C 70 -8.15 14.26 19.62
CA ASN C 70 -9.27 14.32 18.68
C ASN C 70 -9.48 12.96 18.03
N SER C 71 -8.49 12.50 17.28
CA SER C 71 -8.57 11.23 16.58
C SER C 71 -7.52 10.29 17.13
N PHE C 72 -7.73 9.00 16.87
CA PHE C 72 -6.86 7.96 17.41
C PHE C 72 -7.12 6.71 16.59
N GLY C 73 -6.06 6.08 16.11
CA GLY C 73 -6.27 4.80 15.46
C GLY C 73 -5.23 4.53 14.39
N SER C 74 -5.61 3.61 13.51
CA SER C 74 -4.74 2.96 12.54
C SER C 74 -3.50 2.40 13.22
N ILE C 75 -3.75 1.50 14.17
CA ILE C 75 -2.68 0.90 14.93
C ILE C 75 -2.08 -0.21 14.09
N ALA C 76 -1.07 0.14 13.29
CA ALA C 76 -0.42 -0.86 12.46
C ALA C 76 0.47 -1.73 13.33
N GLU C 77 0.60 -2.99 12.93
CA GLU C 77 1.37 -3.95 13.70
C GLU C 77 2.57 -4.49 12.96
N THR C 78 2.60 -4.38 11.63
CA THR C 78 3.83 -4.60 10.90
C THR C 78 4.82 -3.46 11.17
N THR C 79 4.33 -2.23 11.16
CA THR C 79 5.16 -1.07 11.44
C THR C 79 5.33 -0.85 12.94
N MET C 80 4.41 -1.40 13.74
CA MET C 80 4.33 -1.21 15.20
C MET C 80 4.27 0.27 15.57
N ASP C 81 3.18 0.91 15.14
CA ASP C 81 2.96 2.31 15.44
C ASP C 81 1.47 2.57 15.45
N TYR C 82 1.10 3.81 15.75
CA TYR C 82 -0.28 4.23 15.74
C TYR C 82 -0.27 5.74 15.56
N ARG C 83 -1.26 6.27 14.88
CA ARG C 83 -1.29 7.71 14.69
C ARG C 83 -2.40 8.32 15.53
N VAL C 84 -2.17 9.55 15.95
CA VAL C 84 -3.04 10.24 16.89
C VAL C 84 -3.04 11.71 16.50
N ASN C 85 -4.16 12.38 16.73
CA ASN C 85 -4.35 13.76 16.34
C ASN C 85 -4.75 14.54 17.59
N ILE C 86 -3.83 15.33 18.12
CA ILE C 86 -4.02 15.90 19.44
C ILE C 86 -4.05 17.42 19.38
N PHE C 87 -4.59 18.00 20.45
CA PHE C 87 -4.28 19.36 20.86
C PHE C 87 -3.21 19.29 21.94
N LEU C 88 -2.37 20.31 22.01
CA LEU C 88 -1.26 20.32 22.97
C LEU C 88 -1.24 21.67 23.67
N ARG C 89 -1.74 21.70 24.90
CA ARG C 89 -1.86 22.93 25.65
C ARG C 89 -0.67 23.04 26.59
N GLN C 90 0.03 24.17 26.54
CA GLN C 90 1.20 24.39 27.38
C GLN C 90 0.98 25.68 28.15
N GLN C 91 1.31 25.65 29.44
CA GLN C 91 1.18 26.83 30.28
C GLN C 91 2.48 27.03 31.04
N TRP C 92 3.02 28.24 30.97
CA TRP C 92 4.18 28.58 31.78
C TRP C 92 4.04 30.03 32.20
N ASN C 93 5.00 30.51 32.98
CA ASN C 93 5.03 31.88 33.43
C ASN C 93 6.21 32.59 32.82
N ASP C 94 6.03 33.87 32.50
CA ASP C 94 7.07 34.69 31.88
C ASP C 94 6.93 36.09 32.46
N PRO C 95 7.80 36.47 33.40
CA PRO C 95 7.65 37.77 34.05
C PRO C 95 7.96 38.95 33.15
N ARG C 96 8.65 38.72 32.03
CA ARG C 96 8.92 39.80 31.11
C ARG C 96 7.68 40.24 30.34
N LEU C 97 6.67 39.39 30.27
CA LEU C 97 5.45 39.68 29.54
C LEU C 97 4.35 40.22 30.44
N ALA C 98 4.66 40.53 31.69
CA ALA C 98 3.65 41.10 32.57
C ALA C 98 3.38 42.55 32.19
N TYR C 99 2.10 42.91 32.16
CA TYR C 99 1.70 44.25 31.78
C TYR C 99 0.63 44.74 32.74
N SER C 100 0.52 46.05 32.87
CA SER C 100 -0.53 46.66 33.69
C SER C 100 -1.21 47.85 33.05
N GLU C 101 -0.62 48.47 32.02
CA GLU C 101 -1.21 49.67 31.45
C GLU C 101 -2.43 49.36 30.61
N TYR C 102 -2.37 48.32 29.80
CA TYR C 102 -3.48 47.96 28.94
C TYR C 102 -4.63 47.41 29.81
N PRO C 103 -5.86 47.82 29.54
CA PRO C 103 -6.94 47.54 30.50
C PRO C 103 -7.46 46.11 30.53
N ASP C 104 -7.44 45.42 29.39
CA ASP C 104 -8.08 44.11 29.32
C ASP C 104 -7.25 43.04 30.00
N ASP C 105 -7.94 42.04 30.54
CA ASP C 105 -7.29 41.06 31.42
C ASP C 105 -6.54 39.98 30.65
N SER C 106 -6.71 39.90 29.34
CA SER C 106 -6.02 38.90 28.53
C SER C 106 -5.77 39.46 27.14
N LEU C 107 -4.79 38.88 26.47
CA LEU C 107 -4.47 39.26 25.10
C LEU C 107 -4.45 38.00 24.25
N ASP C 108 -4.09 38.17 22.99
CA ASP C 108 -3.87 37.04 22.09
C ASP C 108 -2.94 37.45 20.98
N LEU C 109 -1.78 36.82 20.91
CA LEU C 109 -0.84 37.10 19.86
C LEU C 109 -1.26 36.39 18.57
N ASP C 110 -1.18 37.09 17.46
CA ASP C 110 -1.48 36.50 16.18
C ASP C 110 -0.40 35.48 15.83
N PRO C 111 -0.77 34.37 15.17
CA PRO C 111 0.24 33.35 14.82
C PRO C 111 1.30 33.79 13.82
N SER C 112 1.12 34.92 13.13
CA SER C 112 2.18 35.42 12.27
C SER C 112 3.33 35.96 13.11
N MET C 113 3.03 36.65 14.21
CA MET C 113 4.04 37.24 15.08
C MET C 113 4.51 36.28 16.15
N LEU C 114 4.38 34.98 15.93
CA LEU C 114 4.59 34.01 17.00
C LEU C 114 6.07 33.72 17.23
N ASP C 115 6.94 34.09 16.32
CA ASP C 115 8.37 33.82 16.48
C ASP C 115 9.05 34.77 17.45
N SER C 116 8.34 35.76 18.00
CA SER C 116 8.91 36.70 18.96
C SER C 116 8.52 36.36 20.39
N ILE C 117 8.33 35.09 20.70
CA ILE C 117 8.01 34.62 22.04
C ILE C 117 8.85 33.40 22.34
N TRP C 118 9.45 33.36 23.53
CA TRP C 118 10.10 32.15 23.99
C TRP C 118 9.09 31.02 24.13
N LYS C 119 9.32 29.93 23.44
CA LYS C 119 8.47 28.77 23.54
C LYS C 119 9.30 27.56 23.94
N PRO C 120 8.76 26.64 24.72
CA PRO C 120 9.53 25.45 25.09
C PRO C 120 9.74 24.54 23.90
N ASP C 121 10.89 23.87 23.88
CA ASP C 121 11.24 22.97 22.79
C ASP C 121 10.78 21.55 23.10
N LEU C 122 9.48 21.43 23.32
CA LEU C 122 8.87 20.13 23.57
C LEU C 122 8.90 19.30 22.31
N PHE C 123 9.23 18.02 22.48
CA PHE C 123 9.09 17.09 21.38
C PHE C 123 8.71 15.75 21.98
N PHE C 124 8.33 14.82 21.11
CA PHE C 124 7.89 13.50 21.52
C PHE C 124 9.03 12.52 21.29
N ALA C 125 9.35 11.74 22.31
CA ALA C 125 10.53 10.87 22.23
C ALA C 125 10.36 9.71 21.27
N ASN C 126 9.16 9.47 20.78
CA ASN C 126 8.90 8.41 19.82
C ASN C 126 8.01 8.92 18.70
N GLU C 127 8.40 10.06 18.10
CA GLU C 127 7.62 10.69 17.03
C GLU C 127 7.42 9.77 15.84
N LYS C 128 8.52 9.31 15.24
CA LYS C 128 8.54 8.51 14.01
C LYS C 128 7.80 9.24 12.88
N GLY C 129 7.97 10.55 12.85
CA GLY C 129 7.29 11.40 11.88
C GLY C 129 6.08 12.11 12.46
N ALA C 130 5.96 13.40 12.21
CA ALA C 130 4.84 14.21 12.67
C ALA C 130 4.82 15.50 11.87
N ASN C 131 3.72 16.25 12.01
CA ASN C 131 3.53 17.48 11.25
C ASN C 131 2.45 18.32 11.90
N PHE C 132 2.42 19.60 11.55
CA PHE C 132 1.40 20.51 12.01
C PHE C 132 0.22 20.49 11.05
N HIS C 133 -0.70 21.44 11.21
CA HIS C 133 -1.76 21.68 10.24
C HIS C 133 -1.80 23.16 9.93
N GLU C 134 -1.80 23.49 8.64
CA GLU C 134 -1.72 24.88 8.21
C GLU C 134 -2.87 25.23 7.30
N VAL C 135 -4.07 24.73 7.59
CA VAL C 135 -5.22 24.92 6.72
C VAL C 135 -5.97 26.17 7.16
N THR C 136 -5.94 27.19 6.28
CA THR C 136 -6.62 28.49 6.27
C THR C 136 -5.98 29.45 7.28
N THR C 137 -5.16 28.93 8.18
CA THR C 137 -4.45 29.63 9.25
C THR C 137 -3.58 28.56 9.89
N ASP C 138 -2.41 28.93 10.40
CA ASP C 138 -1.69 28.06 11.31
C ASP C 138 -2.57 27.76 12.51
N ASN C 139 -2.75 26.48 12.82
CA ASN C 139 -3.56 26.08 13.96
C ASN C 139 -2.73 26.19 15.23
N LYS C 140 -2.52 27.44 15.64
CA LYS C 140 -1.66 27.78 16.77
C LYS C 140 -2.36 28.88 17.54
N LEU C 141 -2.40 28.74 18.85
CA LEU C 141 -3.08 29.69 19.72
C LEU C 141 -2.10 30.19 20.76
N LEU C 142 -2.13 31.49 21.03
CA LEU C 142 -1.29 32.04 22.08
C LEU C 142 -2.06 33.10 22.83
N ARG C 143 -2.13 32.98 24.15
CA ARG C 143 -2.76 33.97 24.98
C ARG C 143 -1.80 34.40 26.07
N ILE C 144 -1.87 35.68 26.44
CA ILE C 144 -1.02 36.23 27.48
C ILE C 144 -1.92 36.84 28.54
N SER C 145 -1.85 36.32 29.75
CA SER C 145 -2.63 36.87 30.85
C SER C 145 -1.95 38.13 31.37
N LYS C 146 -2.58 38.77 32.35
CA LYS C 146 -2.08 40.05 32.84
C LYS C 146 -0.85 39.87 33.70
N ASN C 147 -0.84 38.85 34.56
CA ASN C 147 0.31 38.62 35.42
C ASN C 147 1.50 38.01 34.69
N GLY C 148 1.31 37.51 33.47
CA GLY C 148 2.39 36.93 32.70
C GLY C 148 2.24 35.46 32.43
N ASN C 149 1.14 34.83 32.80
CA ASN C 149 0.91 33.44 32.43
C ASN C 149 0.62 33.36 30.95
N VAL C 150 1.18 32.35 30.30
CA VAL C 150 1.12 32.21 28.85
C VAL C 150 0.46 30.88 28.54
N LEU C 151 -0.60 30.91 27.74
CA LEU C 151 -1.25 29.70 27.24
C LEU C 151 -0.93 29.52 25.78
N TYR C 152 -0.49 28.32 25.41
CA TYR C 152 -0.05 28.03 24.05
C TYR C 152 -0.60 26.69 23.63
N SER C 153 -1.45 26.68 22.60
CA SER C 153 -2.17 25.49 22.20
C SER C 153 -2.01 25.30 20.70
N ILE C 154 -1.54 24.12 20.30
CA ILE C 154 -1.31 23.79 18.90
C ILE C 154 -1.99 22.46 18.57
N ARG C 155 -1.96 22.10 17.30
CA ARG C 155 -2.64 20.92 16.80
C ARG C 155 -1.66 20.10 15.97
N ILE C 156 -1.41 18.86 16.40
CA ILE C 156 -0.35 18.04 15.83
C ILE C 156 -0.95 16.70 15.42
N THR C 157 -0.50 16.17 14.28
CA THR C 157 -0.68 14.76 13.95
C THR C 157 0.62 14.01 14.23
N LEU C 158 0.55 13.02 15.10
CA LEU C 158 1.69 12.20 15.47
C LEU C 158 1.57 10.84 14.82
N VAL C 159 2.72 10.18 14.61
CA VAL C 159 2.77 8.81 14.09
C VAL C 159 3.54 7.99 15.13
N LEU C 160 3.19 8.19 16.40
CA LEU C 160 3.89 7.58 17.55
C LEU C 160 4.07 6.07 17.43
N ALA C 161 5.18 5.58 17.96
CA ALA C 161 5.56 4.19 17.86
C ALA C 161 5.47 3.53 19.22
N CYS C 162 4.78 2.40 19.29
CA CYS C 162 4.74 1.61 20.51
C CYS C 162 5.11 0.17 20.20
N PRO C 163 6.05 -0.42 20.93
CA PRO C 163 6.38 -1.83 20.70
C PRO C 163 5.28 -2.73 21.22
N MET C 164 4.91 -3.71 20.42
CA MET C 164 3.79 -4.58 20.71
C MET C 164 4.28 -6.00 20.97
N ASP C 165 3.53 -6.72 21.79
CA ASP C 165 3.90 -8.07 22.21
C ASP C 165 2.76 -8.99 21.83
N LEU C 166 2.88 -9.62 20.65
CA LEU C 166 1.84 -10.51 20.15
C LEU C 166 2.14 -11.96 20.51
N LYS C 167 2.41 -12.26 21.78
CA LYS C 167 2.56 -13.66 22.16
C LYS C 167 1.23 -14.38 22.18
N ASN C 168 0.25 -13.80 22.84
CA ASN C 168 -1.11 -14.33 22.90
C ASN C 168 -2.01 -13.38 22.12
N PHE C 169 -2.19 -13.68 20.83
CA PHE C 169 -2.64 -12.64 19.89
C PHE C 169 -4.08 -12.20 20.07
N PRO C 170 -5.10 -13.09 20.14
CA PRO C 170 -6.44 -12.54 20.35
C PRO C 170 -6.64 -12.09 21.79
N MET C 171 -6.00 -12.78 22.73
CA MET C 171 -6.14 -12.45 24.15
C MET C 171 -4.91 -11.66 24.58
N ASP C 172 -4.86 -10.39 24.16
CA ASP C 172 -3.75 -9.54 24.55
C ASP C 172 -4.25 -8.20 25.05
N VAL C 173 -3.43 -7.56 25.88
CA VAL C 173 -3.66 -6.21 26.36
C VAL C 173 -2.44 -5.40 25.95
N GLN C 174 -2.60 -4.51 24.99
CA GLN C 174 -1.51 -3.68 24.53
C GLN C 174 -1.44 -2.41 25.35
N THR C 175 -0.23 -1.90 25.54
CA THR C 175 0.01 -0.66 26.26
C THR C 175 0.91 0.21 25.40
N CYS C 176 0.38 1.32 24.91
CA CYS C 176 1.12 2.20 24.03
C CYS C 176 1.31 3.55 24.70
N ILE C 177 2.57 3.89 24.99
CA ILE C 177 2.94 5.09 25.74
C ILE C 177 2.98 6.30 24.83
N MET C 178 3.13 7.48 25.44
CA MET C 178 3.21 8.74 24.72
C MET C 178 4.01 9.70 25.59
N GLN C 179 5.29 9.89 25.27
CA GLN C 179 6.19 10.60 26.16
C GLN C 179 6.75 11.85 25.51
N LEU C 180 6.94 12.88 26.35
CA LEU C 180 7.15 14.26 25.92
C LEU C 180 8.45 14.78 26.52
N GLU C 181 9.58 14.60 25.83
CA GLU C 181 10.82 15.07 26.37
C GLU C 181 11.01 16.55 26.07
N SER C 182 11.96 17.15 26.76
CA SER C 182 12.59 18.38 26.31
C SER C 182 13.79 18.02 25.45
N PHE C 183 14.23 18.95 24.61
CA PHE C 183 15.32 18.64 23.72
C PHE C 183 16.60 19.39 24.06
N GLY C 184 16.54 20.71 24.18
CA GLY C 184 17.76 21.48 24.39
C GLY C 184 18.03 21.85 25.83
N TYR C 185 16.98 22.09 26.60
CA TYR C 185 17.12 22.52 27.98
C TYR C 185 17.16 21.32 28.90
N THR C 186 18.06 21.35 29.86
CA THR C 186 18.23 20.23 30.78
C THR C 186 17.25 20.34 31.94
N MET C 187 17.48 19.55 32.99
CA MET C 187 16.57 19.50 34.12
C MET C 187 16.59 20.79 34.93
N ASN C 188 17.76 21.38 35.11
CA ASN C 188 17.88 22.58 35.91
C ASN C 188 17.34 23.84 35.23
N ASP C 189 16.92 23.75 33.97
CA ASP C 189 16.37 24.91 33.26
C ASP C 189 14.89 24.79 32.94
N LEU C 190 14.39 23.58 32.72
CA LEU C 190 13.01 23.43 32.25
C LEU C 190 12.47 22.12 32.76
N ILE C 191 11.27 22.15 33.36
CA ILE C 191 10.66 20.99 33.98
C ILE C 191 9.23 20.89 33.49
N PHE C 192 8.88 19.75 32.90
CA PHE C 192 7.52 19.48 32.48
C PHE C 192 6.70 18.92 33.63
N GLU C 193 5.40 19.19 33.60
CA GLU C 193 4.47 18.71 34.60
C GLU C 193 3.15 18.38 33.91
N TRP C 194 2.44 17.38 34.41
CA TRP C 194 1.03 17.24 34.09
C TRP C 194 0.25 18.12 35.06
N ASP C 195 -0.70 18.87 34.53
CA ASP C 195 -1.55 19.67 35.42
C ASP C 195 -2.49 18.76 36.20
N GLU C 196 -2.90 19.24 37.37
CA GLU C 196 -3.72 18.45 38.27
C GLU C 196 -5.21 18.58 37.98
N LYS C 197 -5.58 19.01 36.78
CA LYS C 197 -6.96 19.23 36.43
C LYS C 197 -7.16 18.72 35.00
N GLY C 198 -7.48 17.44 34.89
CA GLY C 198 -7.76 16.84 33.59
C GLY C 198 -6.56 16.78 32.66
N ALA C 199 -5.60 15.92 32.96
CA ALA C 199 -4.34 15.95 32.22
C ALA C 199 -4.48 15.36 30.83
N VAL C 200 -5.39 14.41 30.61
CA VAL C 200 -5.65 13.88 29.29
C VAL C 200 -7.16 13.76 29.12
N GLN C 201 -7.72 14.53 28.18
CA GLN C 201 -9.10 14.33 27.79
C GLN C 201 -9.13 13.65 26.43
N VAL C 202 -10.19 12.89 26.20
CA VAL C 202 -10.41 12.18 24.95
C VAL C 202 -11.74 12.66 24.39
N ALA C 203 -11.80 12.83 23.07
CA ALA C 203 -13.05 13.19 22.41
C ALA C 203 -14.09 12.09 22.59
N ASP C 204 -15.35 12.47 22.41
CA ASP C 204 -16.47 11.67 22.92
C ASP C 204 -16.72 10.44 22.04
N GLY C 205 -17.13 10.65 20.80
CA GLY C 205 -17.48 9.54 19.95
C GLY C 205 -16.31 8.97 19.19
N LEU C 206 -15.40 8.31 19.91
CA LEU C 206 -14.14 7.84 19.33
C LEU C 206 -14.13 6.32 19.34
N THR C 207 -14.02 5.73 18.16
CA THR C 207 -14.05 4.28 18.00
C THR C 207 -12.74 3.80 17.38
N LEU C 208 -12.57 2.48 17.40
CA LEU C 208 -11.41 1.81 16.84
C LEU C 208 -11.88 0.57 16.09
N PRO C 209 -11.18 0.16 15.03
CA PRO C 209 -11.62 -1.03 14.32
C PRO C 209 -11.35 -2.33 15.06
N GLN C 210 -10.31 -2.41 15.87
CA GLN C 210 -9.97 -3.68 16.49
C GLN C 210 -9.89 -3.62 18.01
N PHE C 211 -9.53 -2.48 18.55
CA PHE C 211 -9.29 -2.35 19.98
C PHE C 211 -10.41 -1.58 20.64
N ILE C 212 -10.39 -1.57 21.98
CA ILE C 212 -11.15 -0.61 22.75
C ILE C 212 -10.18 0.13 23.66
N LEU C 213 -10.51 1.36 23.95
CA LEU C 213 -9.64 2.24 24.73
C LEU C 213 -10.23 2.37 26.13
N LYS C 214 -9.50 1.88 27.12
CA LYS C 214 -9.97 1.96 28.49
C LYS C 214 -9.89 3.39 29.00
N GLU C 215 -10.70 3.69 30.02
CA GLU C 215 -10.68 5.00 30.64
C GLU C 215 -9.75 5.03 31.85
N GLU C 216 -8.53 4.57 31.66
CA GLU C 216 -7.52 4.53 32.71
C GLU C 216 -6.21 5.01 32.09
N LYS C 217 -5.87 6.27 32.33
CA LYS C 217 -4.67 6.88 31.76
C LYS C 217 -3.65 7.02 32.88
N ASP C 218 -2.58 6.23 32.81
CA ASP C 218 -1.49 6.39 33.75
C ASP C 218 -0.69 7.64 33.44
N LEU C 219 -0.08 8.21 34.46
CA LEU C 219 0.68 9.44 34.32
C LEU C 219 1.93 9.31 35.18
N ARG C 220 3.10 9.28 34.56
CA ARG C 220 4.31 9.11 35.34
C ARG C 220 5.46 9.81 34.65
N TYR C 221 6.51 10.05 35.43
CA TYR C 221 7.72 10.68 34.94
C TYR C 221 8.66 9.62 34.36
N CYS C 222 9.55 10.07 33.51
CA CYS C 222 10.54 9.13 32.99
C CYS C 222 11.97 9.62 33.12
N THR C 223 12.23 10.92 32.94
CA THR C 223 13.48 11.60 33.31
C THR C 223 14.69 10.98 32.63
N LYS C 224 14.76 11.23 31.32
CA LYS C 224 15.80 10.63 30.50
C LYS C 224 17.19 11.14 30.87
N HIS C 225 18.14 10.22 30.89
CA HIS C 225 19.55 10.54 31.03
C HIS C 225 20.27 10.25 29.73
N TYR C 226 21.27 11.06 29.43
CA TYR C 226 22.17 10.78 28.33
C TYR C 226 23.57 11.10 28.79
N ASN C 227 24.52 11.07 27.86
CA ASN C 227 25.82 11.66 28.11
C ASN C 227 25.82 13.17 27.90
N THR C 228 24.66 13.74 27.53
CA THR C 228 24.51 15.18 27.36
C THR C 228 23.99 15.84 28.63
N GLY C 229 23.03 15.21 29.30
CA GLY C 229 22.52 15.75 30.54
C GLY C 229 21.19 15.12 30.90
N LYS C 230 20.66 15.56 32.03
CA LYS C 230 19.34 15.13 32.48
C LYS C 230 18.29 15.93 31.75
N PHE C 231 17.48 15.26 30.93
CA PHE C 231 16.40 15.90 30.22
C PHE C 231 15.08 15.43 30.78
N THR C 232 14.18 16.36 31.06
CA THR C 232 12.90 16.01 31.64
C THR C 232 11.99 15.39 30.59
N CYS C 233 11.06 14.57 31.05
CA CYS C 233 10.05 13.96 30.20
C CYS C 233 8.91 13.48 31.08
N ILE C 234 7.71 13.59 30.55
CA ILE C 234 6.51 13.07 31.18
C ILE C 234 5.83 12.18 30.17
N GLU C 235 5.09 11.18 30.64
CA GLU C 235 4.47 10.26 29.71
C GLU C 235 3.06 9.92 30.17
N ALA C 236 2.29 9.38 29.24
CA ALA C 236 0.91 8.97 29.51
C ALA C 236 0.71 7.61 28.85
N ARG C 237 0.31 6.62 29.64
CA ARG C 237 0.09 5.29 29.12
C ARG C 237 -1.35 5.09 28.73
N PHE C 238 -1.57 4.41 27.63
CA PHE C 238 -2.91 4.05 27.17
C PHE C 238 -3.02 2.54 27.11
N HIS C 239 -4.05 2.00 27.74
CA HIS C 239 -4.28 0.57 27.75
C HIS C 239 -5.28 0.21 26.67
N LEU C 240 -4.90 -0.71 25.80
CA LEU C 240 -5.73 -1.15 24.69
C LEU C 240 -6.07 -2.61 24.90
N GLU C 241 -7.34 -2.95 24.71
CA GLU C 241 -7.83 -4.31 24.89
C GLU C 241 -8.45 -4.76 23.58
N ARG C 242 -7.90 -5.82 23.00
CA ARG C 242 -8.36 -6.27 21.69
C ARG C 242 -9.71 -6.96 21.81
N GLN C 243 -10.61 -6.63 20.88
CA GLN C 243 -11.89 -7.32 20.84
C GLN C 243 -11.72 -8.75 20.34
N MET C 244 -12.75 -9.55 20.54
CA MET C 244 -12.63 -11.00 20.39
C MET C 244 -13.58 -11.58 19.36
N GLY C 245 -14.75 -10.97 19.16
CA GLY C 245 -15.88 -11.62 18.51
C GLY C 245 -15.66 -12.02 17.07
N TYR C 246 -14.72 -11.40 16.38
CA TYR C 246 -14.45 -11.81 15.02
C TYR C 246 -13.66 -13.11 14.97
N TYR C 247 -12.68 -13.26 15.86
CA TYR C 247 -11.81 -14.42 15.81
C TYR C 247 -12.48 -15.67 16.32
N LEU C 248 -13.51 -15.53 17.15
CA LEU C 248 -14.26 -16.70 17.58
C LEU C 248 -15.11 -17.24 16.43
N ILE C 249 -15.85 -16.36 15.76
CA ILE C 249 -16.85 -16.79 14.79
C ILE C 249 -16.21 -17.39 13.56
N GLN C 250 -15.04 -16.91 13.16
CA GLN C 250 -14.50 -17.39 11.89
C GLN C 250 -13.19 -18.15 12.01
N MET C 251 -12.54 -18.15 13.16
CA MET C 251 -11.29 -18.90 13.24
C MET C 251 -11.27 -19.96 14.33
N TYR C 252 -11.95 -19.76 15.45
CA TYR C 252 -11.98 -20.81 16.47
C TYR C 252 -13.10 -21.80 16.23
N ILE C 253 -14.34 -21.33 16.19
CA ILE C 253 -15.53 -22.15 15.97
C ILE C 253 -15.51 -22.94 14.66
N PRO C 254 -15.08 -22.39 13.50
CA PRO C 254 -14.99 -23.28 12.32
C PRO C 254 -13.90 -24.33 12.44
N SER C 255 -12.74 -23.98 13.01
CA SER C 255 -11.74 -25.01 13.28
C SER C 255 -12.17 -25.97 14.37
N LEU C 256 -13.09 -25.55 15.23
CA LEU C 256 -13.65 -26.47 16.22
C LEU C 256 -14.55 -27.50 15.56
N LEU C 257 -15.32 -27.09 14.55
CA LEU C 257 -16.26 -28.00 13.91
C LEU C 257 -15.57 -29.02 13.02
N ILE C 258 -14.39 -28.68 12.51
CA ILE C 258 -13.65 -29.63 11.68
C ILE C 258 -13.14 -30.78 12.53
N VAL C 259 -12.81 -30.51 13.79
CA VAL C 259 -12.39 -31.56 14.70
C VAL C 259 -13.57 -32.46 15.06
N ILE C 260 -14.77 -31.89 15.13
CA ILE C 260 -15.95 -32.70 15.43
C ILE C 260 -16.28 -33.61 14.26
N LEU C 261 -16.03 -33.16 13.04
CA LEU C 261 -16.26 -34.02 11.88
C LEU C 261 -15.22 -35.11 11.74
N SER C 262 -14.13 -35.04 12.48
CA SER C 262 -13.25 -36.19 12.52
C SER C 262 -13.83 -37.31 13.37
N TRP C 263 -14.61 -36.99 14.40
CA TRP C 263 -15.05 -38.04 15.31
C TRP C 263 -16.12 -38.92 14.72
N VAL C 264 -16.78 -38.51 13.63
CA VAL C 264 -17.83 -39.35 13.07
C VAL C 264 -17.28 -40.52 12.27
N SER C 265 -15.98 -40.60 12.06
CA SER C 265 -15.42 -41.80 11.46
C SER C 265 -15.48 -42.97 12.42
N PHE C 266 -15.47 -42.70 13.72
CA PHE C 266 -15.50 -43.76 14.72
C PHE C 266 -16.88 -44.36 14.91
N TRP C 267 -17.89 -43.81 14.25
CA TRP C 267 -19.23 -44.38 14.30
C TRP C 267 -19.65 -44.99 12.98
N ILE C 268 -19.00 -44.60 11.88
CA ILE C 268 -19.14 -45.28 10.61
C ILE C 268 -18.49 -46.67 10.71
N ASN C 269 -19.04 -47.63 9.95
CA ASN C 269 -18.63 -49.03 9.95
C ASN C 269 -17.14 -49.19 9.69
N MET C 270 -16.60 -50.29 10.23
CA MET C 270 -15.19 -50.61 10.01
C MET C 270 -14.91 -50.99 8.57
N ASP C 271 -15.85 -51.68 7.94
CA ASP C 271 -15.59 -52.26 6.62
C ASP C 271 -15.69 -51.26 5.49
N ALA C 272 -16.36 -50.13 5.70
CA ALA C 272 -16.56 -49.13 4.64
C ALA C 272 -15.26 -48.35 4.46
N ALA C 273 -14.33 -48.98 3.75
CA ALA C 273 -12.99 -48.44 3.56
C ALA C 273 -12.91 -47.16 2.70
N PRO C 274 -13.68 -46.99 1.61
CA PRO C 274 -13.66 -45.67 0.96
C PRO C 274 -14.34 -44.59 1.77
N ALA C 275 -15.26 -44.94 2.66
CA ALA C 275 -15.97 -43.92 3.42
C ALA C 275 -15.11 -43.35 4.55
N ARG C 276 -14.23 -44.17 5.14
CA ARG C 276 -13.45 -43.70 6.27
C ARG C 276 -12.32 -42.78 5.81
N VAL C 277 -11.50 -43.22 4.86
CA VAL C 277 -10.39 -42.37 4.42
C VAL C 277 -10.86 -41.22 3.54
N GLY C 278 -12.01 -41.35 2.89
CA GLY C 278 -12.59 -40.21 2.19
C GLY C 278 -13.03 -39.14 3.16
N LEU C 279 -13.51 -39.54 4.33
CA LEU C 279 -13.73 -38.64 5.44
C LEU C 279 -12.45 -38.17 6.10
N GLY C 280 -11.39 -38.98 6.03
CA GLY C 280 -10.15 -38.67 6.70
C GLY C 280 -9.40 -37.49 6.10
N ILE C 281 -8.95 -37.62 4.86
CA ILE C 281 -8.10 -36.59 4.26
C ILE C 281 -8.91 -35.36 3.92
N THR C 282 -10.17 -35.52 3.56
CA THR C 282 -10.98 -34.35 3.23
C THR C 282 -11.30 -33.53 4.48
N THR C 283 -11.12 -34.11 5.66
CA THR C 283 -11.14 -33.32 6.89
C THR C 283 -9.80 -32.64 7.13
N VAL C 284 -8.68 -33.26 6.77
CA VAL C 284 -7.39 -32.58 6.97
C VAL C 284 -7.11 -31.63 5.82
N LEU C 285 -7.84 -31.76 4.71
CA LEU C 285 -7.76 -30.76 3.67
C LEU C 285 -8.49 -29.49 4.06
N THR C 286 -9.69 -29.61 4.61
CA THR C 286 -10.41 -28.42 5.04
C THR C 286 -9.84 -27.82 6.31
N MET C 287 -9.03 -28.55 7.05
CA MET C 287 -8.32 -27.96 8.17
C MET C 287 -7.14 -27.13 7.68
N THR C 288 -6.52 -27.55 6.59
CA THR C 288 -5.45 -26.76 5.98
C THR C 288 -6.03 -25.56 5.25
N THR C 289 -7.17 -25.74 4.57
CA THR C 289 -7.82 -24.67 3.84
C THR C 289 -8.32 -23.58 4.78
N GLN C 290 -8.77 -23.98 5.97
CA GLN C 290 -9.14 -23.02 7.00
C GLN C 290 -7.93 -22.21 7.46
N SER C 291 -6.79 -22.87 7.61
CA SER C 291 -5.61 -22.18 8.13
C SER C 291 -4.90 -21.36 7.06
N SER C 292 -4.94 -21.83 5.80
CA SER C 292 -4.18 -21.18 4.75
C SER C 292 -4.79 -19.85 4.33
N GLY C 293 -6.11 -19.77 4.29
CA GLY C 293 -6.75 -18.52 3.90
C GLY C 293 -6.72 -17.48 4.99
N SER C 294 -6.50 -17.91 6.23
CA SER C 294 -6.50 -17.00 7.36
C SER C 294 -5.15 -16.34 7.60
N ARG C 295 -4.13 -16.65 6.79
CA ARG C 295 -2.84 -15.99 6.95
C ARG C 295 -2.84 -14.57 6.40
N ALA C 296 -3.87 -14.15 5.69
CA ALA C 296 -3.96 -12.77 5.23
C ALA C 296 -4.49 -11.84 6.31
N SER C 297 -5.43 -12.31 7.13
CA SER C 297 -5.98 -11.47 8.18
C SER C 297 -5.06 -11.36 9.37
N LEU C 298 -4.26 -12.38 9.62
CA LEU C 298 -3.38 -12.39 10.77
C LEU C 298 -2.17 -11.49 10.52
N PRO C 299 -1.51 -11.01 11.58
CA PRO C 299 -0.26 -10.27 11.40
C PRO C 299 0.88 -11.16 10.93
N LYS C 300 1.99 -10.54 10.57
CA LYS C 300 3.09 -11.26 9.94
C LYS C 300 4.32 -11.27 10.83
N VAL C 301 4.13 -11.52 12.12
CA VAL C 301 5.29 -11.67 12.99
C VAL C 301 5.92 -13.04 12.77
N SER C 302 7.14 -13.20 13.26
CA SER C 302 7.92 -14.41 13.05
C SER C 302 8.10 -15.22 14.33
N TYR C 303 7.13 -15.15 15.23
CA TYR C 303 7.14 -15.97 16.43
C TYR C 303 5.73 -16.45 16.71
N VAL C 304 5.65 -17.53 17.48
CA VAL C 304 4.42 -18.29 17.58
C VAL C 304 3.39 -17.52 18.43
N LYS C 305 2.17 -17.45 17.93
CA LYS C 305 1.10 -16.73 18.59
C LYS C 305 0.31 -17.70 19.46
N ALA C 306 -0.86 -17.28 19.94
CA ALA C 306 -1.79 -18.20 20.57
C ALA C 306 -2.84 -18.72 19.62
N ILE C 307 -3.15 -17.99 18.56
CA ILE C 307 -4.00 -18.52 17.51
C ILE C 307 -3.25 -19.58 16.71
N ASP C 308 -1.92 -19.50 16.70
CA ASP C 308 -1.14 -20.45 15.90
C ASP C 308 -0.98 -21.77 16.63
N ILE C 309 -1.00 -21.75 17.96
CA ILE C 309 -1.02 -23.01 18.72
C ILE C 309 -2.35 -23.71 18.52
N TRP C 310 -3.44 -22.95 18.48
CA TRP C 310 -4.76 -23.55 18.27
C TRP C 310 -4.88 -24.16 16.89
N MET C 311 -4.42 -23.46 15.86
CA MET C 311 -4.54 -23.98 14.51
C MET C 311 -3.53 -25.07 14.20
N ALA C 312 -2.58 -25.33 15.09
CA ALA C 312 -1.65 -26.44 14.91
C ALA C 312 -2.01 -27.66 15.74
N VAL C 313 -2.56 -27.47 16.93
CA VAL C 313 -2.98 -28.62 17.72
C VAL C 313 -4.26 -29.21 17.14
N CYS C 314 -5.17 -28.36 16.67
CA CYS C 314 -6.36 -28.85 16.00
C CYS C 314 -6.04 -29.51 14.66
N LEU C 315 -4.87 -29.24 14.10
CA LEU C 315 -4.41 -30.03 12.97
C LEU C 315 -4.02 -31.44 13.40
N LEU C 316 -3.48 -31.58 14.62
CA LEU C 316 -3.00 -32.89 15.06
C LEU C 316 -4.14 -33.84 15.37
N PHE C 317 -5.27 -33.34 15.90
CA PHE C 317 -6.40 -34.21 16.18
C PHE C 317 -7.04 -34.74 14.90
N VAL C 318 -7.07 -33.93 13.86
CA VAL C 318 -7.53 -34.43 12.57
C VAL C 318 -6.50 -35.37 11.98
N PHE C 319 -5.23 -35.09 12.21
CA PHE C 319 -4.15 -35.97 11.78
C PHE C 319 -4.18 -37.30 12.53
N SER C 320 -4.44 -37.26 13.84
CA SER C 320 -4.47 -38.48 14.62
C SER C 320 -5.76 -39.27 14.41
N ALA C 321 -6.81 -38.64 13.87
CA ALA C 321 -8.04 -39.36 13.63
C ALA C 321 -7.97 -40.27 12.42
N LEU C 322 -6.97 -40.09 11.56
CA LEU C 322 -6.79 -41.00 10.43
C LEU C 322 -5.84 -42.13 10.77
N LEU C 323 -4.79 -41.82 11.54
CA LEU C 323 -3.84 -42.85 11.98
C LEU C 323 -4.49 -43.89 12.87
N GLU C 324 -5.59 -43.54 13.52
CA GLU C 324 -6.42 -44.54 14.19
C GLU C 324 -6.98 -45.54 13.18
N TYR C 325 -7.49 -45.04 12.05
CA TYR C 325 -8.08 -45.94 11.06
C TYR C 325 -7.01 -46.74 10.32
N ALA C 326 -5.80 -46.19 10.18
CA ALA C 326 -4.70 -46.96 9.62
C ALA C 326 -4.32 -48.12 10.54
N ALA C 327 -4.53 -47.99 11.85
CA ALA C 327 -4.37 -49.11 12.74
C ALA C 327 -5.51 -50.10 12.62
N VAL C 328 -6.75 -49.61 12.54
CA VAL C 328 -7.93 -50.48 12.51
C VAL C 328 -7.97 -51.29 11.22
N ASN C 329 -7.63 -50.65 10.10
CA ASN C 329 -7.65 -51.36 8.82
C ASN C 329 -6.54 -52.41 8.76
N PHE C 330 -5.44 -52.19 9.47
CA PHE C 330 -4.34 -53.15 9.43
C PHE C 330 -4.59 -54.33 10.36
N ILE C 331 -5.22 -54.09 11.51
CA ILE C 331 -5.50 -55.19 12.44
C ILE C 331 -6.62 -56.07 11.91
N ALA C 332 -7.66 -55.46 11.32
CA ALA C 332 -8.78 -56.24 10.82
C ALA C 332 -8.41 -57.04 9.57
N ARG C 333 -7.49 -56.53 8.76
CA ARG C 333 -7.02 -57.28 7.61
C ARG C 333 -6.06 -58.39 8.03
N GLN C 334 -5.39 -58.21 9.17
CA GLN C 334 -4.46 -59.21 9.68
C GLN C 334 -5.19 -60.49 10.05
N HIS C 335 -4.59 -61.62 9.70
CA HIS C 335 -5.17 -62.92 10.02
C HIS C 335 -4.26 -63.68 10.97
N GLU C 397 -12.74 -69.32 11.09
CA GLU C 397 -11.43 -69.54 11.68
C GLU C 397 -11.34 -68.71 12.97
N GLU C 398 -10.58 -69.20 13.95
CA GLU C 398 -10.62 -68.62 15.29
C GLU C 398 -9.91 -67.28 15.34
N MET C 399 -8.76 -67.16 14.67
CA MET C 399 -8.00 -65.92 14.74
C MET C 399 -8.63 -64.79 13.94
N ARG C 400 -9.45 -65.11 12.94
CA ARG C 400 -10.15 -64.07 12.20
C ARG C 400 -11.28 -63.44 13.01
N LYS C 401 -11.75 -64.13 14.04
CA LYS C 401 -12.73 -63.56 14.97
C LYS C 401 -12.06 -62.79 16.09
N LEU C 402 -10.86 -63.21 16.50
CA LEU C 402 -10.17 -62.55 17.59
C LEU C 402 -9.65 -61.17 17.19
N PHE C 403 -9.11 -61.05 15.97
CA PHE C 403 -8.59 -59.77 15.52
C PHE C 403 -9.71 -58.79 15.21
N ILE C 404 -10.83 -59.29 14.66
CA ILE C 404 -11.95 -58.42 14.37
C ILE C 404 -12.66 -57.96 15.64
N SER C 405 -12.45 -58.65 16.75
CA SER C 405 -12.96 -58.18 18.04
C SER C 405 -11.98 -57.26 18.74
N ARG C 406 -10.69 -57.38 18.44
CA ARG C 406 -9.72 -56.45 18.98
C ARG C 406 -9.77 -55.11 18.25
N ALA C 407 -10.06 -55.13 16.95
CA ALA C 407 -10.16 -53.89 16.20
C ALA C 407 -11.42 -53.11 16.54
N LYS C 408 -12.48 -53.80 16.96
CA LYS C 408 -13.62 -53.08 17.49
C LYS C 408 -13.37 -52.55 18.88
N ARG C 409 -12.45 -53.15 19.62
CA ARG C 409 -12.12 -52.66 20.95
C ARG C 409 -11.40 -51.32 20.87
N ILE C 410 -10.46 -51.19 19.93
CA ILE C 410 -9.73 -49.94 19.78
C ILE C 410 -10.62 -48.86 19.17
N ASP C 411 -11.74 -49.24 18.56
CA ASP C 411 -12.69 -48.25 18.08
C ASP C 411 -13.51 -47.71 19.23
N THR C 412 -14.10 -48.60 20.04
CA THR C 412 -14.96 -48.16 21.13
C THR C 412 -14.20 -47.46 22.25
N VAL C 413 -12.90 -47.72 22.37
CA VAL C 413 -12.09 -46.91 23.28
C VAL C 413 -11.92 -45.51 22.71
N SER C 414 -11.63 -45.40 21.41
CA SER C 414 -11.33 -44.12 20.81
C SER C 414 -12.56 -43.24 20.62
N ARG C 415 -13.76 -43.80 20.73
CA ARG C 415 -14.97 -42.98 20.65
C ARG C 415 -15.10 -42.09 21.87
N VAL C 416 -14.69 -42.58 23.04
CA VAL C 416 -14.84 -41.85 24.27
C VAL C 416 -13.54 -41.18 24.69
N ALA C 417 -12.43 -41.89 24.55
CA ALA C 417 -11.16 -41.42 25.13
C ALA C 417 -10.57 -40.29 24.33
N PHE C 418 -10.71 -40.29 23.02
CA PHE C 418 -10.08 -39.23 22.26
C PHE C 418 -10.83 -37.89 22.26
N PRO C 419 -12.17 -37.84 22.25
CA PRO C 419 -12.82 -36.55 22.57
C PRO C 419 -12.62 -36.10 24.01
N LEU C 420 -12.28 -37.01 24.92
CA LEU C 420 -11.93 -36.56 26.26
C LEU C 420 -10.56 -35.91 26.28
N VAL C 421 -9.65 -36.33 25.40
CA VAL C 421 -8.33 -35.72 25.34
C VAL C 421 -8.43 -34.30 24.80
N PHE C 422 -9.31 -34.08 23.82
CA PHE C 422 -9.47 -32.75 23.25
C PHE C 422 -10.07 -31.77 24.24
N LEU C 423 -10.93 -32.24 25.13
CA LEU C 423 -11.47 -31.35 26.14
C LEU C 423 -10.42 -30.97 27.18
N ILE C 424 -9.45 -31.85 27.43
CA ILE C 424 -8.36 -31.52 28.35
C ILE C 424 -7.46 -30.46 27.75
N PHE C 425 -7.21 -30.54 26.44
CA PHE C 425 -6.52 -29.45 25.75
C PHE C 425 -7.37 -28.19 25.74
N ASN C 426 -8.68 -28.34 25.61
CA ASN C 426 -9.55 -27.18 25.52
C ASN C 426 -9.69 -26.49 26.88
N ILE C 427 -9.48 -27.21 27.97
CA ILE C 427 -9.44 -26.58 29.28
C ILE C 427 -8.11 -25.88 29.50
N PHE C 428 -7.00 -26.58 29.25
CA PHE C 428 -5.67 -26.02 29.49
C PHE C 428 -5.34 -24.86 28.56
N TYR C 429 -6.03 -24.75 27.41
CA TYR C 429 -5.78 -23.62 26.52
C TYR C 429 -6.41 -22.36 27.06
N TRP C 430 -7.72 -22.40 27.35
CA TRP C 430 -8.41 -21.17 27.73
C TRP C 430 -8.09 -20.72 29.14
N ILE C 431 -7.55 -21.60 29.98
CA ILE C 431 -7.12 -21.14 31.30
C ILE C 431 -5.85 -20.32 31.18
N THR C 432 -4.86 -20.84 30.45
CA THR C 432 -3.58 -20.15 30.39
C THR C 432 -3.59 -18.92 29.48
N TYR C 433 -4.68 -18.66 28.77
CA TYR C 433 -4.80 -17.43 27.99
C TYR C 433 -5.94 -16.54 28.47
N LYS C 434 -6.43 -16.77 29.68
CA LYS C 434 -7.24 -15.79 30.37
C LYS C 434 -6.67 -15.40 31.72
N ILE C 435 -5.84 -16.24 32.33
CA ILE C 435 -5.06 -15.82 33.49
C ILE C 435 -4.03 -14.77 33.09
N ILE C 436 -3.31 -15.03 32.00
CA ILE C 436 -2.37 -14.06 31.46
C ILE C 436 -3.11 -12.91 30.80
N PRO D 31 26.46 39.34 33.52
CA PRO D 31 26.63 40.45 32.57
C PRO D 31 25.64 40.41 31.42
N MET D 32 26.15 40.45 30.20
CA MET D 32 25.32 40.45 29.01
C MET D 32 24.79 39.04 28.73
N PRO D 33 23.60 38.93 28.15
CA PRO D 33 23.00 37.61 27.92
C PRO D 33 23.76 36.84 26.85
N PRO D 34 23.66 35.50 26.86
CA PRO D 34 24.48 34.70 25.92
C PRO D 34 24.10 34.86 24.48
N SER D 35 22.86 35.24 24.18
CA SER D 35 22.47 35.42 22.79
C SER D 35 23.12 36.66 22.18
N GLU D 36 23.33 37.69 22.99
CA GLU D 36 24.05 38.86 22.48
C GLU D 36 25.55 38.63 22.49
N PHE D 37 26.04 37.74 23.36
CA PHE D 37 27.46 37.45 23.38
C PHE D 37 27.89 36.63 22.17
N LEU D 38 26.99 35.79 21.65
CA LEU D 38 27.32 35.03 20.47
C LEU D 38 27.23 35.86 19.20
N ASP D 39 26.39 36.90 19.19
CA ASP D 39 26.35 37.78 18.03
C ASP D 39 27.61 38.62 17.94
N LYS D 40 28.23 38.94 19.07
CA LYS D 40 29.56 39.53 19.04
C LYS D 40 30.60 38.54 18.56
N LEU D 41 30.42 37.27 18.90
CA LEU D 41 31.41 36.25 18.58
C LEU D 41 31.30 35.78 17.14
N MET D 42 30.11 35.84 16.54
CA MET D 42 29.89 35.31 15.20
C MET D 42 29.57 36.38 14.17
N GLY D 43 29.49 37.64 14.55
CA GLY D 43 29.03 38.68 13.64
C GLY D 43 30.07 39.12 12.65
N LYS D 44 29.83 40.30 12.05
CA LYS D 44 30.82 40.88 11.16
C LYS D 44 32.03 41.39 11.92
N VAL D 45 31.83 41.78 13.18
CA VAL D 45 32.95 41.94 14.09
C VAL D 45 33.55 40.56 14.34
N SER D 46 34.88 40.52 14.42
CA SER D 46 35.76 39.36 14.60
C SER D 46 35.81 38.45 13.39
N GLY D 47 35.07 38.75 12.32
CA GLY D 47 35.28 38.14 11.02
C GLY D 47 35.01 36.65 10.93
N TYR D 48 34.16 36.10 11.79
CA TYR D 48 33.84 34.69 11.70
C TYR D 48 32.97 34.45 10.48
N ASP D 49 33.53 33.84 9.46
CA ASP D 49 32.78 33.47 8.26
C ASP D 49 32.41 32.00 8.36
N ALA D 50 31.13 31.71 8.22
CA ALA D 50 30.61 30.35 8.39
C ALA D 50 30.83 29.48 7.16
N ARG D 51 31.54 29.98 6.14
CA ARG D 51 31.79 29.22 4.93
C ARG D 51 33.23 28.72 4.86
N ILE D 52 34.03 28.95 5.88
CA ILE D 52 35.40 28.46 5.95
C ILE D 52 35.51 27.55 7.16
N ARG D 53 36.00 26.35 6.94
CA ARG D 53 36.19 25.40 8.03
C ARG D 53 37.27 25.90 9.00
N PRO D 54 37.23 25.45 10.25
CA PRO D 54 38.32 25.77 11.17
C PRO D 54 39.63 25.12 10.74
N ASN D 55 40.72 25.72 11.22
CA ASN D 55 42.10 25.34 10.87
C ASN D 55 42.30 25.34 9.36
N PHE D 56 41.96 26.47 8.75
CA PHE D 56 42.01 26.56 7.30
C PHE D 56 43.45 26.67 6.82
N LYS D 57 43.74 25.99 5.72
CA LYS D 57 45.08 25.79 5.17
C LYS D 57 46.03 25.24 6.24
N GLY D 58 45.58 24.17 6.90
CA GLY D 58 46.38 23.54 7.92
C GLY D 58 46.03 22.08 8.06
N PRO D 59 45.96 21.58 9.29
CA PRO D 59 45.57 20.20 9.52
C PRO D 59 44.09 20.01 9.26
N PRO D 60 43.64 18.78 8.98
CA PRO D 60 42.21 18.56 8.78
C PRO D 60 41.46 18.60 10.09
N VAL D 61 40.14 18.64 9.97
CA VAL D 61 39.24 18.73 11.12
C VAL D 61 38.88 17.33 11.57
N ASN D 62 39.05 17.07 12.87
CA ASN D 62 38.81 15.74 13.43
C ASN D 62 37.42 15.72 14.05
N VAL D 63 36.42 15.53 13.19
CA VAL D 63 35.04 15.37 13.64
C VAL D 63 34.88 13.98 14.21
N THR D 64 34.40 13.88 15.43
CA THR D 64 34.09 12.59 16.04
C THR D 64 32.58 12.47 16.25
N CYS D 65 32.06 11.25 16.08
CA CYS D 65 30.63 11.03 15.99
C CYS D 65 30.22 9.84 16.84
N ASN D 66 28.98 9.89 17.33
CA ASN D 66 28.29 8.73 17.85
C ASN D 66 26.80 8.93 17.71
N ILE D 67 26.08 7.83 17.53
CA ILE D 67 24.66 7.87 17.26
C ILE D 67 23.91 7.21 18.40
N PHE D 68 22.61 7.47 18.44
CA PHE D 68 21.72 6.90 19.46
C PHE D 68 20.43 6.50 18.75
N ILE D 69 20.15 5.21 18.71
CA ILE D 69 19.03 4.70 17.92
C ILE D 69 17.79 4.70 18.79
N ASN D 70 16.82 5.55 18.46
CA ASN D 70 15.54 5.53 19.16
C ASN D 70 14.67 4.40 18.65
N SER D 71 14.29 4.46 17.38
CA SER D 71 13.44 3.46 16.77
C SER D 71 14.22 2.74 15.67
N PHE D 72 13.72 1.56 15.31
CA PHE D 72 14.38 0.71 14.34
C PHE D 72 13.36 -0.29 13.85
N GLY D 73 13.23 -0.44 12.55
CA GLY D 73 12.37 -1.51 12.06
C GLY D 73 11.76 -1.18 10.72
N SER D 74 10.68 -1.89 10.45
CA SER D 74 10.03 -1.99 9.14
C SER D 74 11.05 -2.33 8.06
N ILE D 75 11.68 -3.47 8.26
CA ILE D 75 12.71 -3.93 7.33
C ILE D 75 12.00 -4.55 6.14
N ALA D 76 11.71 -3.74 5.13
CA ALA D 76 11.07 -4.25 3.94
C ALA D 76 12.07 -5.03 3.11
N GLU D 77 11.58 -6.04 2.42
CA GLU D 77 12.43 -6.92 1.64
C GLU D 77 12.14 -6.87 0.15
N THR D 78 10.96 -6.41 -0.24
CA THR D 78 10.74 -6.06 -1.64
C THR D 78 11.52 -4.81 -2.01
N THR D 79 11.51 -3.81 -1.12
CA THR D 79 12.25 -2.59 -1.36
C THR D 79 13.72 -2.73 -0.95
N MET D 80 14.02 -3.71 -0.10
CA MET D 80 15.34 -3.96 0.49
C MET D 80 15.86 -2.71 1.20
N ASP D 81 15.15 -2.31 2.25
CA ASP D 81 15.54 -1.17 3.05
C ASP D 81 15.00 -1.35 4.47
N TYR D 82 15.33 -0.40 5.33
CA TYR D 82 14.85 -0.40 6.69
C TYR D 82 14.91 1.04 7.18
N ARG D 83 13.98 1.44 8.02
CA ARG D 83 14.01 2.79 8.51
C ARG D 83 14.44 2.82 9.97
N VAL D 84 15.10 3.90 10.34
CA VAL D 84 15.70 4.04 11.65
C VAL D 84 15.57 5.50 12.06
N ASN D 85 15.45 5.73 13.36
CA ASN D 85 15.22 7.05 13.91
C ASN D 85 16.32 7.32 14.92
N ILE D 86 17.27 8.17 14.58
CA ILE D 86 18.49 8.29 15.36
C ILE D 86 18.65 9.69 15.92
N PHE D 87 19.50 9.79 16.93
CA PHE D 87 20.18 11.02 17.28
C PHE D 87 21.56 10.96 16.66
N LEU D 88 22.11 12.12 16.32
CA LEU D 88 23.41 12.19 15.65
C LEU D 88 24.26 13.25 16.34
N ARG D 89 25.19 12.81 17.17
CA ARG D 89 26.00 13.71 17.96
C ARG D 89 27.34 13.90 17.25
N GLN D 90 27.72 15.14 17.03
CA GLN D 90 28.96 15.46 16.35
C GLN D 90 29.78 16.38 17.23
N GLN D 91 31.07 16.10 17.35
CA GLN D 91 31.96 16.92 18.15
C GLN D 91 33.19 17.28 17.32
N TRP D 92 33.52 18.56 17.26
CA TRP D 92 34.74 18.98 16.63
C TRP D 92 35.28 20.17 17.41
N ASN D 93 36.43 20.67 16.96
CA ASN D 93 37.05 21.82 17.59
C ASN D 93 37.06 22.98 16.61
N ASP D 94 36.88 24.19 17.14
CA ASP D 94 36.84 25.40 16.32
C ASP D 94 37.51 26.49 17.13
N PRO D 95 38.76 26.84 16.80
CA PRO D 95 39.49 27.82 17.62
C PRO D 95 38.96 29.23 17.48
N ARG D 96 38.18 29.52 16.45
CA ARG D 96 37.59 30.84 16.31
C ARG D 96 36.48 31.09 17.32
N LEU D 97 35.90 30.04 17.88
CA LEU D 97 34.81 30.17 18.83
C LEU D 97 35.28 30.11 20.27
N ALA D 98 36.59 30.14 20.51
CA ALA D 98 37.08 30.15 21.87
C ALA D 98 36.84 31.50 22.51
N TYR D 99 36.38 31.48 23.76
CA TYR D 99 36.08 32.71 24.48
C TYR D 99 36.60 32.59 25.90
N SER D 100 36.89 33.74 26.51
CA SER D 100 37.31 33.77 27.90
C SER D 100 36.64 34.84 28.74
N GLU D 101 36.01 35.86 28.12
CA GLU D 101 35.45 36.96 28.89
C GLU D 101 34.17 36.54 29.60
N TYR D 102 33.30 35.82 28.90
CA TYR D 102 32.04 35.40 29.49
C TYR D 102 32.30 34.34 30.55
N PRO D 103 31.64 34.43 31.71
CA PRO D 103 32.07 33.61 32.85
C PRO D 103 31.68 32.14 32.81
N ASP D 104 30.54 31.82 32.17
CA ASP D 104 30.04 30.44 32.24
C ASP D 104 30.84 29.51 31.34
N ASP D 105 30.92 28.25 31.75
CA ASP D 105 31.81 27.31 31.10
C ASP D 105 31.25 26.73 29.81
N SER D 106 29.97 26.96 29.52
CA SER D 106 29.37 26.45 28.30
C SER D 106 28.27 27.41 27.85
N LEU D 107 27.95 27.34 26.57
CA LEU D 107 26.88 28.14 25.99
C LEU D 107 25.93 27.21 25.25
N ASP D 108 24.94 27.81 24.60
CA ASP D 108 24.05 27.07 23.72
C ASP D 108 23.45 28.02 22.71
N LEU D 109 23.75 27.78 21.43
CA LEU D 109 23.18 28.59 20.37
C LEU D 109 21.75 28.16 20.10
N ASP D 110 20.88 29.13 19.93
CA ASP D 110 19.51 28.84 19.58
C ASP D 110 19.45 28.30 18.15
N PRO D 111 18.55 27.36 17.86
CA PRO D 111 18.47 26.80 16.51
C PRO D 111 18.02 27.77 15.42
N SER D 112 17.49 28.94 15.78
CA SER D 112 17.20 29.94 14.74
C SER D 112 18.48 30.54 14.18
N MET D 113 19.47 30.79 15.05
CA MET D 113 20.73 31.39 14.66
C MET D 113 21.75 30.36 14.22
N LEU D 114 21.31 29.17 13.80
CA LEU D 114 22.22 28.06 13.60
C LEU D 114 22.97 28.14 12.28
N ASP D 115 22.52 28.98 11.36
CA ASP D 115 23.17 29.10 10.06
C ASP D 115 24.47 29.91 10.10
N SER D 116 24.83 30.47 11.25
CA SER D 116 26.07 31.24 11.40
C SER D 116 27.17 30.44 12.07
N ILE D 117 27.20 29.13 11.85
CA ILE D 117 28.22 28.24 12.41
C ILE D 117 28.64 27.27 11.31
N TRP D 118 29.95 27.09 11.15
CA TRP D 118 30.44 26.04 10.27
C TRP D 118 30.02 24.69 10.80
N LYS D 119 29.32 23.93 9.99
CA LYS D 119 28.91 22.58 10.34
C LYS D 119 29.41 21.61 9.29
N PRO D 120 29.79 20.39 9.69
CA PRO D 120 30.25 19.42 8.69
C PRO D 120 29.11 18.97 7.81
N ASP D 121 29.44 18.68 6.55
CA ASP D 121 28.45 18.24 5.57
C ASP D 121 28.35 16.71 5.56
N LEU D 122 28.03 16.17 6.73
CA LEU D 122 27.84 14.74 6.88
C LEU D 122 26.57 14.31 6.15
N PHE D 123 26.66 13.19 5.44
CA PHE D 123 25.47 12.59 4.88
C PHE D 123 25.67 11.09 4.93
N PHE D 124 24.61 10.36 4.65
CA PHE D 124 24.63 8.90 4.69
C PHE D 124 24.71 8.40 3.27
N ALA D 125 25.64 7.49 3.01
CA ALA D 125 25.90 7.04 1.64
C ALA D 125 24.79 6.19 1.06
N ASN D 126 23.84 5.75 1.88
CA ASN D 126 22.71 4.96 1.42
C ASN D 126 21.42 5.49 2.05
N GLU D 127 21.19 6.80 1.92
CA GLU D 127 20.02 7.44 2.49
C GLU D 127 18.72 6.86 1.97
N LYS D 128 18.52 6.91 0.65
CA LYS D 128 17.30 6.50 -0.04
C LYS D 128 16.09 7.27 0.52
N GLY D 129 16.31 8.54 0.83
CA GLY D 129 15.29 9.38 1.44
C GLY D 129 15.46 9.54 2.93
N ALA D 130 15.37 10.77 3.43
CA ALA D 130 15.48 11.06 4.85
C ALA D 130 14.94 12.46 5.09
N ASN D 131 14.74 12.80 6.37
CA ASN D 131 14.17 14.08 6.74
C ASN D 131 14.47 14.37 8.20
N PHE D 132 14.32 15.64 8.58
CA PHE D 132 14.48 16.06 9.95
C PHE D 132 13.14 15.96 10.68
N HIS D 133 13.07 16.54 11.88
CA HIS D 133 11.82 16.71 12.60
C HIS D 133 11.73 18.15 13.07
N GLU D 134 10.62 18.80 12.79
CA GLU D 134 10.45 20.21 13.09
C GLU D 134 9.22 20.45 13.94
N VAL D 135 8.96 19.57 14.89
CA VAL D 135 7.75 19.66 15.70
C VAL D 135 8.05 20.47 16.95
N THR D 136 7.41 21.65 17.02
CA THR D 136 7.32 22.65 18.08
C THR D 136 8.62 23.45 18.19
N THR D 137 9.70 22.96 17.56
CA THR D 137 11.04 23.53 17.53
C THR D 137 11.80 22.63 16.58
N ASP D 138 12.77 23.16 15.84
CA ASP D 138 13.76 22.32 15.17
C ASP D 138 14.47 21.47 16.22
N ASN D 139 14.49 20.16 16.00
CA ASN D 139 15.16 19.25 16.94
C ASN D 139 16.65 19.25 16.64
N LYS D 140 17.29 20.35 17.04
CA LYS D 140 18.69 20.61 16.76
C LYS D 140 19.29 21.22 18.01
N LEU D 141 20.45 20.72 18.40
CA LEU D 141 21.12 21.17 19.62
C LEU D 141 22.52 21.63 19.27
N LEU D 142 22.95 22.75 19.85
CA LEU D 142 24.30 23.22 19.63
C LEU D 142 24.84 23.76 20.94
N ARG D 143 26.00 23.28 21.35
CA ARG D 143 26.66 23.79 22.55
C ARG D 143 28.09 24.17 22.20
N ILE D 144 28.58 25.22 22.82
CA ILE D 144 29.94 25.70 22.62
C ILE D 144 30.64 25.72 23.96
N SER D 145 31.69 24.93 24.08
CA SER D 145 32.48 24.94 25.30
C SER D 145 33.40 26.14 25.33
N LYS D 146 34.15 26.29 26.43
CA LYS D 146 34.97 27.48 26.60
C LYS D 146 36.21 27.43 25.73
N ASN D 147 36.84 26.28 25.61
CA ASN D 147 38.04 26.14 24.78
C ASN D 147 37.73 26.12 23.30
N GLY D 148 36.48 25.94 22.91
CA GLY D 148 36.11 25.91 21.51
C GLY D 148 35.59 24.58 21.02
N ASN D 149 35.42 23.59 21.87
CA ASN D 149 34.79 22.35 21.45
C ASN D 149 33.31 22.59 21.22
N VAL D 150 32.79 22.00 20.16
CA VAL D 150 31.42 22.23 19.71
C VAL D 150 30.68 20.91 19.71
N LEU D 151 29.56 20.85 20.39
CA LEU D 151 28.68 19.68 20.38
C LEU D 151 27.44 20.00 19.57
N TYR D 152 27.11 19.12 18.63
CA TYR D 152 25.99 19.35 17.72
C TYR D 152 25.20 18.06 17.58
N SER D 153 23.94 18.09 18.00
CA SER D 153 23.11 16.90 18.08
C SER D 153 21.78 17.16 17.39
N ILE D 154 21.42 16.32 16.43
CA ILE D 154 20.19 16.47 15.68
C ILE D 154 19.44 15.13 15.69
N ARG D 155 18.24 15.16 15.12
CA ARG D 155 17.34 14.00 15.14
C ARG D 155 16.85 13.75 13.73
N ILE D 156 17.15 12.57 13.19
CA ILE D 156 16.93 12.26 11.78
C ILE D 156 16.11 10.97 11.69
N THR D 157 15.18 10.91 10.75
CA THR D 157 14.61 9.65 10.30
C THR D 157 15.25 9.26 8.98
N LEU D 158 15.87 8.10 8.95
CA LEU D 158 16.52 7.57 7.76
C LEU D 158 15.68 6.45 7.16
N VAL D 159 15.85 6.23 5.86
CA VAL D 159 15.19 5.12 5.16
C VAL D 159 16.31 4.31 4.50
N LEU D 160 17.37 4.05 5.28
CA LEU D 160 18.59 3.38 4.82
C LEU D 160 18.33 2.08 4.07
N ALA D 161 19.18 1.81 3.08
CA ALA D 161 19.03 0.65 2.21
C ALA D 161 20.14 -0.34 2.47
N CYS D 162 19.76 -1.60 2.69
CA CYS D 162 20.74 -2.66 2.82
C CYS D 162 20.39 -3.80 1.88
N PRO D 163 21.34 -4.27 1.07
CA PRO D 163 21.05 -5.41 0.20
C PRO D 163 20.97 -6.70 1.00
N MET D 164 19.94 -7.49 0.71
CA MET D 164 19.66 -8.69 1.47
C MET D 164 19.88 -9.92 0.62
N ASP D 165 20.23 -11.02 1.27
CA ASP D 165 20.56 -12.27 0.58
C ASP D 165 19.62 -13.34 1.13
N LEU D 166 18.52 -13.57 0.43
CA LEU D 166 17.53 -14.55 0.87
C LEU D 166 17.75 -15.89 0.20
N LYS D 167 18.97 -16.43 0.24
CA LYS D 167 19.19 -17.78 -0.28
C LYS D 167 18.58 -18.82 0.63
N ASN D 168 18.88 -18.75 1.91
CA ASN D 168 18.34 -19.64 2.93
C ASN D 168 17.42 -18.82 3.81
N PHE D 169 16.13 -18.79 3.46
CA PHE D 169 15.27 -17.71 3.94
C PHE D 169 14.92 -17.77 5.43
N PRO D 170 14.47 -18.89 6.02
CA PRO D 170 14.23 -18.83 7.47
C PRO D 170 15.53 -18.86 8.24
N MET D 171 16.53 -19.56 7.74
CA MET D 171 17.82 -19.68 8.41
C MET D 171 18.80 -18.70 7.76
N ASP D 172 18.63 -17.42 8.05
CA ASP D 172 19.53 -16.42 7.49
C ASP D 172 19.99 -15.46 8.58
N VAL D 173 21.15 -14.87 8.34
CA VAL D 173 21.70 -13.81 9.19
C VAL D 173 21.92 -12.62 8.28
N GLN D 174 21.10 -11.59 8.45
CA GLN D 174 21.23 -10.39 7.64
C GLN D 174 22.18 -9.42 8.31
N THR D 175 22.89 -8.66 7.49
CA THR D 175 23.83 -7.64 7.96
C THR D 175 23.52 -6.36 7.21
N CYS D 176 23.03 -5.35 7.93
CA CYS D 176 22.66 -4.08 7.32
C CYS D 176 23.53 -2.98 7.85
N ILE D 177 24.32 -2.38 6.96
CA ILE D 177 25.33 -1.38 7.30
C ILE D 177 24.69 0.00 7.41
N MET D 178 25.48 0.96 7.90
CA MET D 178 25.03 2.33 8.07
C MET D 178 26.28 3.21 7.99
N GLN D 179 26.50 3.84 6.84
CA GLN D 179 27.77 4.51 6.57
C GLN D 179 27.58 5.99 6.34
N LEU D 180 28.55 6.77 6.81
CA LEU D 180 28.45 8.22 6.98
C LEU D 180 29.58 8.90 6.21
N GLU D 181 29.35 9.24 4.95
CA GLU D 181 30.40 9.89 4.19
C GLU D 181 30.41 11.39 4.48
N SER D 182 31.50 12.03 4.07
CA SER D 182 31.51 13.45 3.83
C SER D 182 31.13 13.69 2.37
N PHE D 183 30.67 14.90 2.07
CA PHE D 183 30.22 15.17 0.70
C PHE D 183 31.15 16.14 -0.04
N GLY D 184 31.44 17.30 0.53
CA GLY D 184 32.20 18.29 -0.19
C GLY D 184 33.67 18.32 0.16
N TYR D 185 34.00 18.04 1.41
CA TYR D 185 35.37 18.10 1.87
C TYR D 185 36.05 16.76 1.70
N THR D 186 37.29 16.79 1.22
CA THR D 186 38.03 15.57 0.94
C THR D 186 38.71 15.08 2.21
N MET D 187 39.64 14.13 2.05
CA MET D 187 40.31 13.52 3.19
C MET D 187 41.25 14.49 3.88
N ASN D 188 41.95 15.33 3.12
CA ASN D 188 42.91 16.26 3.71
C ASN D 188 42.25 17.44 4.43
N ASP D 189 40.94 17.57 4.38
CA ASP D 189 40.25 18.68 5.05
C ASP D 189 39.37 18.24 6.20
N LEU D 190 38.80 17.04 6.15
CA LEU D 190 37.82 16.64 7.14
C LEU D 190 37.88 15.13 7.31
N ILE D 191 37.97 14.67 8.56
CA ILE D 191 38.14 13.26 8.87
C ILE D 191 37.12 12.88 9.93
N PHE D 192 36.29 11.90 9.64
CA PHE D 192 35.34 11.37 10.61
C PHE D 192 35.99 10.31 11.48
N GLU D 193 35.50 10.19 12.71
CA GLU D 193 35.97 9.22 13.67
C GLU D 193 34.79 8.74 14.50
N TRP D 194 34.84 7.47 14.91
CA TRP D 194 33.98 7.03 15.99
C TRP D 194 34.69 7.35 17.30
N ASP D 195 33.96 7.92 18.24
CA ASP D 195 34.55 8.17 19.54
C ASP D 195 34.77 6.86 20.29
N GLU D 196 35.74 6.87 21.19
CA GLU D 196 36.14 5.68 21.91
C GLU D 196 35.32 5.44 23.17
N LYS D 197 34.15 6.07 23.27
CA LYS D 197 33.32 5.97 24.47
C LYS D 197 31.87 5.83 24.01
N GLY D 198 31.45 4.58 23.78
CA GLY D 198 30.08 4.29 23.41
C GLY D 198 29.68 4.83 22.05
N ALA D 199 30.20 4.23 20.98
CA ALA D 199 30.02 4.81 19.66
C ALA D 199 28.60 4.60 19.12
N VAL D 200 27.92 3.53 19.51
CA VAL D 200 26.53 3.32 19.13
C VAL D 200 25.78 2.83 20.37
N GLN D 201 24.83 3.63 20.85
CA GLN D 201 23.90 3.16 21.86
C GLN D 201 22.56 2.88 21.22
N VAL D 202 21.83 1.95 21.80
CA VAL D 202 20.50 1.57 21.34
C VAL D 202 19.55 1.78 22.51
N ALA D 203 18.34 2.27 22.22
CA ALA D 203 17.31 2.43 23.24
C ALA D 203 16.92 1.06 23.81
N ASP D 204 16.33 1.11 25.00
CA ASP D 204 16.24 -0.09 25.84
C ASP D 204 15.17 -1.05 25.34
N GLY D 205 13.91 -0.64 25.38
CA GLY D 205 12.83 -1.53 25.04
C GLY D 205 12.51 -1.53 23.55
N LEU D 206 13.42 -2.06 22.74
CA LEU D 206 13.31 -1.99 21.29
C LEU D 206 13.11 -3.38 20.73
N THR D 207 11.98 -3.58 20.05
CA THR D 207 11.61 -4.88 19.51
C THR D 207 11.49 -4.79 17.99
N LEU D 208 11.38 -5.96 17.36
CA LEU D 208 11.21 -6.10 15.92
C LEU D 208 10.17 -7.16 15.66
N PRO D 209 9.42 -7.06 14.56
CA PRO D 209 8.42 -8.09 14.28
C PRO D 209 9.00 -9.40 13.82
N GLN D 210 10.14 -9.40 13.13
CA GLN D 210 10.64 -10.64 12.57
C GLN D 210 12.06 -10.97 12.99
N PHE D 211 12.87 -9.96 13.25
CA PHE D 211 14.28 -10.16 13.54
C PHE D 211 14.56 -9.95 15.01
N ILE D 212 15.79 -10.28 15.40
CA ILE D 212 16.34 -9.83 16.68
C ILE D 212 17.64 -9.12 16.37
N LEU D 213 17.97 -8.14 17.20
CA LEU D 213 19.14 -7.30 17.01
C LEU D 213 20.20 -7.72 18.00
N LYS D 214 21.32 -8.24 17.50
CA LYS D 214 22.40 -8.66 18.36
C LYS D 214 23.11 -7.46 18.97
N GLU D 215 23.77 -7.69 20.10
CA GLU D 215 24.54 -6.64 20.76
C GLU D 215 26.00 -6.68 20.34
N GLU D 216 26.22 -6.70 19.03
CA GLU D 216 27.57 -6.73 18.46
C GLU D 216 27.58 -5.75 17.30
N LYS D 217 28.11 -4.56 17.53
CA LYS D 217 28.15 -3.51 16.53
C LYS D 217 29.58 -3.39 16.02
N ASP D 218 29.81 -3.79 14.78
CA ASP D 218 31.12 -3.59 14.17
C ASP D 218 31.31 -2.12 13.82
N LEU D 219 32.57 -1.70 13.80
CA LEU D 219 32.92 -0.31 13.54
C LEU D 219 34.16 -0.30 12.68
N ARG D 220 34.04 0.18 11.45
CA ARG D 220 35.18 0.15 10.56
C ARG D 220 35.11 1.31 9.59
N TYR D 221 36.25 1.62 9.00
CA TYR D 221 36.36 2.67 8.01
C TYR D 221 36.04 2.13 6.63
N CYS D 222 35.68 3.01 5.73
CA CYS D 222 35.44 2.58 4.37
C CYS D 222 36.19 3.39 3.32
N THR D 223 36.31 4.71 3.51
CA THR D 223 37.24 5.59 2.79
C THR D 223 36.99 5.55 1.27
N LYS D 224 35.85 6.14 0.90
CA LYS D 224 35.42 6.12 -0.49
C LYS D 224 36.37 6.87 -1.40
N HIS D 225 36.62 6.30 -2.57
CA HIS D 225 37.34 6.95 -3.65
C HIS D 225 36.38 7.24 -4.78
N TYR D 226 36.63 8.35 -5.47
CA TYR D 226 35.92 8.64 -6.71
C TYR D 226 36.93 9.22 -7.67
N ASN D 227 36.43 9.71 -8.81
CA ASN D 227 37.25 10.56 -9.66
C ASN D 227 37.28 12.00 -9.18
N THR D 228 36.59 12.30 -8.08
CA THR D 228 36.58 13.61 -7.47
C THR D 228 37.63 13.73 -6.37
N GLY D 229 37.79 12.70 -5.55
CA GLY D 229 38.80 12.73 -4.51
C GLY D 229 38.52 11.67 -3.47
N LYS D 230 39.41 11.61 -2.50
CA LYS D 230 39.25 10.72 -1.36
C LYS D 230 38.29 11.36 -0.36
N PHE D 231 37.14 10.74 -0.16
CA PHE D 231 36.17 11.22 0.81
C PHE D 231 36.10 10.25 1.98
N THR D 232 36.16 10.78 3.19
CA THR D 232 36.13 9.93 4.36
C THR D 232 34.73 9.39 4.60
N CYS D 233 34.68 8.24 5.28
CA CYS D 233 33.43 7.62 5.68
C CYS D 233 33.71 6.62 6.78
N ILE D 234 32.79 6.53 7.71
CA ILE D 234 32.82 5.53 8.77
C ILE D 234 31.50 4.79 8.72
N GLU D 235 31.51 3.53 9.15
CA GLU D 235 30.29 2.75 9.08
C GLU D 235 30.12 1.92 10.33
N ALA D 236 28.89 1.45 10.53
CA ALA D 236 28.55 0.60 11.66
C ALA D 236 27.67 -0.52 11.15
N ARG D 237 28.09 -1.75 11.39
CA ARG D 237 27.35 -2.91 10.92
C ARG D 237 26.40 -3.39 12.01
N PHE D 238 25.21 -3.79 11.60
CA PHE D 238 24.23 -4.38 12.51
C PHE D 238 23.91 -5.78 12.04
N HIS D 239 24.01 -6.74 12.94
CA HIS D 239 23.72 -8.13 12.63
C HIS D 239 22.30 -8.45 13.05
N LEU D 240 21.52 -8.95 12.10
CA LEU D 240 20.12 -9.30 12.32
C LEU D 240 19.96 -10.80 12.15
N GLU D 241 19.26 -11.42 13.09
CA GLU D 241 19.03 -12.86 13.08
C GLU D 241 17.53 -13.10 13.05
N ARG D 242 17.06 -13.76 12.01
CA ARG D 242 15.62 -13.96 11.84
C ARG D 242 15.11 -15.01 12.81
N GLN D 243 13.97 -14.72 13.43
CA GLN D 243 13.33 -15.70 14.30
C GLN D 243 12.74 -16.83 13.46
N MET D 244 12.41 -17.92 14.14
CA MET D 244 12.10 -19.18 13.47
C MET D 244 10.72 -19.71 13.77
N GLY D 245 10.17 -19.43 14.95
CA GLY D 245 9.05 -20.16 15.51
C GLY D 245 7.76 -20.10 14.73
N TYR D 246 7.59 -19.07 13.91
CA TYR D 246 6.38 -19.01 13.09
C TYR D 246 6.47 -19.96 11.91
N TYR D 247 7.62 -20.06 11.27
CA TYR D 247 7.74 -20.86 10.07
C TYR D 247 7.77 -22.35 10.37
N LEU D 248 8.15 -22.73 11.58
CA LEU D 248 8.08 -24.14 11.95
C LEU D 248 6.63 -24.57 12.15
N ILE D 249 5.86 -23.78 12.90
CA ILE D 249 4.53 -24.22 13.32
C ILE D 249 3.57 -24.26 12.16
N GLN D 250 3.72 -23.37 11.17
CA GLN D 250 2.70 -23.31 10.14
C GLN D 250 3.21 -23.67 8.75
N MET D 251 4.51 -23.80 8.53
CA MET D 251 4.95 -24.16 7.19
C MET D 251 5.80 -25.42 7.13
N TYR D 252 6.59 -25.73 8.14
CA TYR D 252 7.34 -26.97 8.11
C TYR D 252 6.55 -28.14 8.66
N ILE D 253 6.11 -28.04 9.90
CA ILE D 253 5.33 -29.08 10.59
C ILE D 253 4.03 -29.45 9.87
N PRO D 254 3.22 -28.52 9.33
CA PRO D 254 2.05 -28.99 8.55
C PRO D 254 2.43 -29.69 7.27
N SER D 255 3.44 -29.19 6.55
CA SER D 255 3.91 -29.91 5.38
C SER D 255 4.60 -31.22 5.75
N LEU D 256 5.09 -31.32 6.98
CA LEU D 256 5.65 -32.60 7.44
C LEU D 256 4.55 -33.62 7.66
N LEU D 257 3.40 -33.19 8.16
CA LEU D 257 2.31 -34.13 8.46
C LEU D 257 1.62 -34.63 7.21
N ILE D 258 1.66 -33.84 6.13
CA ILE D 258 1.05 -34.29 4.88
C ILE D 258 1.85 -35.43 4.28
N VAL D 259 3.17 -35.42 4.48
CA VAL D 259 4.01 -36.52 4.03
C VAL D 259 3.74 -37.77 4.84
N ILE D 260 3.44 -37.62 6.13
CA ILE D 260 3.13 -38.78 6.97
C ILE D 260 1.80 -39.39 6.56
N LEU D 261 0.86 -38.58 6.11
CA LEU D 261 -0.41 -39.13 5.64
C LEU D 261 -0.30 -39.79 4.29
N SER D 262 0.81 -39.62 3.59
CA SER D 262 1.01 -40.44 2.41
C SER D 262 1.39 -41.86 2.78
N TRP D 263 2.08 -42.06 3.91
CA TRP D 263 2.59 -43.39 4.19
C TRP D 263 1.50 -44.36 4.64
N VAL D 264 0.33 -43.88 5.02
CA VAL D 264 -0.72 -44.79 5.46
C VAL D 264 -1.40 -45.50 4.31
N SER D 265 -1.10 -45.14 3.06
CA SER D 265 -1.61 -45.93 1.95
C SER D 265 -0.93 -47.28 1.88
N PHE D 266 0.30 -47.38 2.37
CA PHE D 266 1.05 -48.63 2.34
C PHE D 266 0.60 -49.63 3.38
N TRP D 267 -0.31 -49.24 4.27
CA TRP D 267 -0.87 -50.15 5.25
C TRP D 267 -2.32 -50.48 4.98
N ILE D 268 -3.02 -49.64 4.21
CA ILE D 268 -4.33 -49.97 3.69
C ILE D 268 -4.19 -51.08 2.65
N ASN D 269 -5.24 -51.92 2.54
CA ASN D 269 -5.27 -53.10 1.68
C ASN D 269 -4.97 -52.75 0.23
N MET D 270 -4.43 -53.75 -0.48
CA MET D 270 -4.12 -53.60 -1.90
C MET D 270 -5.39 -53.47 -2.73
N ASP D 271 -6.43 -54.20 -2.36
CA ASP D 271 -7.61 -54.32 -3.21
C ASP D 271 -8.53 -53.12 -3.11
N ALA D 272 -8.44 -52.33 -2.03
CA ALA D 272 -9.33 -51.18 -1.83
C ALA D 272 -8.88 -50.05 -2.75
N ALA D 273 -9.26 -50.16 -4.02
CA ALA D 273 -8.84 -49.23 -5.05
C ALA D 273 -9.41 -47.81 -4.93
N PRO D 274 -10.68 -47.57 -4.54
CA PRO D 274 -11.07 -46.18 -4.28
C PRO D 274 -10.44 -45.60 -3.03
N ALA D 275 -10.03 -46.42 -2.08
CA ALA D 275 -9.45 -45.89 -0.85
C ALA D 275 -8.02 -45.42 -1.04
N ARG D 276 -7.26 -46.08 -1.92
CA ARG D 276 -5.86 -45.73 -2.10
C ARG D 276 -5.70 -44.44 -2.89
N VAL D 277 -6.32 -44.35 -4.06
CA VAL D 277 -6.16 -43.14 -4.86
C VAL D 277 -6.98 -41.98 -4.32
N GLY D 278 -8.04 -42.25 -3.56
CA GLY D 278 -8.73 -41.18 -2.86
C GLY D 278 -7.87 -40.58 -1.77
N LEU D 279 -7.04 -41.40 -1.14
CA LEU D 279 -5.98 -40.93 -0.26
C LEU D 279 -4.82 -40.31 -1.01
N GLY D 280 -4.59 -40.74 -2.25
CA GLY D 280 -3.46 -40.27 -3.03
C GLY D 280 -3.54 -38.82 -3.43
N ILE D 281 -4.52 -38.47 -4.28
CA ILE D 281 -4.58 -37.13 -4.83
C ILE D 281 -5.03 -36.13 -3.79
N THR D 282 -5.86 -36.55 -2.84
CA THR D 282 -6.31 -35.61 -1.82
C THR D 282 -5.17 -35.28 -0.85
N THR D 283 -4.11 -36.08 -0.84
CA THR D 283 -2.89 -35.69 -0.16
C THR D 283 -2.06 -34.74 -1.01
N VAL D 284 -2.03 -34.90 -2.33
CA VAL D 284 -1.26 -33.96 -3.15
C VAL D 284 -2.07 -32.70 -3.42
N LEU D 285 -3.36 -32.73 -3.17
CA LEU D 285 -4.15 -31.50 -3.20
C LEU D 285 -3.88 -30.65 -1.98
N THR D 286 -3.86 -31.25 -0.80
CA THR D 286 -3.57 -30.47 0.40
C THR D 286 -2.11 -30.09 0.52
N MET D 287 -1.22 -30.74 -0.23
CA MET D 287 0.16 -30.29 -0.29
C MET D 287 0.28 -29.06 -1.17
N THR D 288 -0.54 -28.98 -2.22
CA THR D 288 -0.56 -27.78 -3.05
C THR D 288 -1.28 -26.65 -2.34
N THR D 289 -2.36 -26.97 -1.63
CA THR D 289 -3.13 -25.96 -0.90
C THR D 289 -2.30 -25.35 0.24
N GLN D 290 -1.45 -26.17 0.86
CA GLN D 290 -0.51 -25.66 1.85
C GLN D 290 0.49 -24.70 1.23
N SER D 291 0.98 -25.01 0.03
CA SER D 291 2.01 -24.19 -0.59
C SER D 291 1.41 -22.95 -1.26
N SER D 292 0.19 -23.05 -1.78
CA SER D 292 -0.38 -21.95 -2.54
C SER D 292 -0.79 -20.79 -1.65
N GLY D 293 -1.35 -21.08 -0.48
CA GLY D 293 -1.76 -20.01 0.42
C GLY D 293 -0.60 -19.34 1.10
N SER D 294 0.55 -20.00 1.15
CA SER D 294 1.71 -19.46 1.83
C SER D 294 2.55 -18.55 0.95
N ARG D 295 2.16 -18.32 -0.29
CA ARG D 295 2.89 -17.38 -1.15
C ARG D 295 2.61 -15.93 -0.80
N ALA D 296 1.62 -15.65 0.04
CA ALA D 296 1.37 -14.29 0.47
C ALA D 296 2.28 -13.87 1.61
N SER D 297 2.60 -14.78 2.52
CA SER D 297 3.47 -14.45 3.65
C SER D 297 4.93 -14.40 3.25
N LEU D 298 5.31 -15.18 2.24
CA LEU D 298 6.70 -15.25 1.83
C LEU D 298 7.06 -14.01 1.02
N PRO D 299 8.36 -13.66 0.95
CA PRO D 299 8.78 -12.58 0.05
C PRO D 299 8.67 -12.95 -1.41
N LYS D 300 8.85 -11.97 -2.28
CA LYS D 300 8.60 -12.14 -3.70
C LYS D 300 9.88 -12.04 -4.50
N VAL D 301 10.95 -12.68 -4.03
CA VAL D 301 12.16 -12.71 -4.84
C VAL D 301 12.00 -13.74 -5.94
N SER D 302 12.90 -13.68 -6.92
CA SER D 302 12.84 -14.51 -8.11
C SER D 302 13.95 -15.54 -8.15
N TYR D 303 14.40 -15.99 -6.99
CA TYR D 303 15.39 -17.06 -6.94
C TYR D 303 15.02 -17.99 -5.78
N VAL D 304 15.54 -19.22 -5.86
CA VAL D 304 15.05 -20.29 -5.02
C VAL D 304 15.54 -20.10 -3.58
N LYS D 305 14.61 -20.23 -2.63
CA LYS D 305 14.91 -20.06 -1.22
C LYS D 305 15.26 -21.42 -0.61
N ALA D 306 15.30 -21.49 0.71
CA ALA D 306 15.39 -22.77 1.39
C ALA D 306 14.04 -23.30 1.83
N ILE D 307 13.06 -22.42 2.04
CA ILE D 307 11.71 -22.88 2.26
C ILE D 307 11.11 -23.41 0.97
N ASP D 308 11.62 -22.97 -0.18
CA ASP D 308 11.05 -23.41 -1.44
C ASP D 308 11.59 -24.78 -1.83
N ILE D 309 12.80 -25.12 -1.40
CA ILE D 309 13.29 -26.48 -1.60
C ILE D 309 12.50 -27.46 -0.76
N TRP D 310 12.16 -27.06 0.47
CA TRP D 310 11.37 -27.92 1.35
C TRP D 310 9.97 -28.14 0.80
N MET D 311 9.32 -27.09 0.33
CA MET D 311 7.96 -27.25 -0.18
C MET D 311 7.91 -27.88 -1.56
N ALA D 312 9.05 -28.10 -2.21
CA ALA D 312 9.08 -28.80 -3.49
C ALA D 312 9.51 -30.25 -3.35
N VAL D 313 10.42 -30.55 -2.44
CA VAL D 313 10.82 -31.94 -2.23
C VAL D 313 9.71 -32.69 -1.50
N CYS D 314 9.05 -32.04 -0.53
CA CYS D 314 7.91 -32.65 0.12
C CYS D 314 6.72 -32.81 -0.82
N LEU D 315 6.69 -32.08 -1.93
CA LEU D 315 5.72 -32.37 -2.97
C LEU D 315 6.07 -33.67 -3.69
N LEU D 316 7.36 -33.98 -3.84
CA LEU D 316 7.76 -35.17 -4.58
C LEU D 316 7.47 -36.45 -3.83
N PHE D 317 7.58 -36.45 -2.50
CA PHE D 317 7.28 -37.65 -1.74
C PHE D 317 5.79 -37.96 -1.76
N VAL D 318 4.94 -36.95 -1.77
CA VAL D 318 3.51 -37.20 -1.94
C VAL D 318 3.24 -37.62 -3.38
N PHE D 319 3.98 -37.06 -4.33
CA PHE D 319 3.87 -37.45 -5.72
C PHE D 319 4.36 -38.87 -5.94
N SER D 320 5.46 -39.26 -5.29
CA SER D 320 5.96 -40.61 -5.46
C SER D 320 5.17 -41.65 -4.68
N ALA D 321 4.36 -41.22 -3.71
CA ALA D 321 3.57 -42.17 -2.96
C ALA D 321 2.36 -42.66 -3.74
N LEU D 322 1.98 -41.98 -4.81
CA LEU D 322 0.89 -42.47 -5.65
C LEU D 322 1.41 -43.33 -6.79
N LEU D 323 2.55 -42.95 -7.37
CA LEU D 323 3.18 -43.74 -8.42
C LEU D 323 3.58 -45.13 -7.95
N GLU D 324 3.80 -45.29 -6.66
CA GLU D 324 3.95 -46.62 -6.09
C GLU D 324 2.67 -47.42 -6.27
N TYR D 325 1.52 -46.82 -5.99
CA TYR D 325 0.25 -47.55 -6.12
C TYR D 325 -0.12 -47.78 -7.58
N ALA D 326 0.30 -46.88 -8.48
CA ALA D 326 0.10 -47.14 -9.90
C ALA D 326 0.90 -48.34 -10.37
N ALA D 327 2.03 -48.63 -9.73
CA ALA D 327 2.74 -49.86 -10.00
C ALA D 327 2.04 -51.06 -9.39
N VAL D 328 1.58 -50.94 -8.14
CA VAL D 328 0.96 -52.07 -7.44
C VAL D 328 -0.34 -52.47 -8.09
N ASN D 329 -1.14 -51.50 -8.52
CA ASN D 329 -2.42 -51.82 -9.17
C ASN D 329 -2.21 -52.44 -10.54
N PHE D 330 -1.09 -52.13 -11.20
CA PHE D 330 -0.85 -52.69 -12.52
C PHE D 330 -0.27 -54.09 -12.43
N ILE D 331 0.57 -54.35 -11.43
CA ILE D 331 1.15 -55.69 -11.30
C ILE D 331 0.10 -56.68 -10.80
N ALA D 332 -0.74 -56.27 -9.85
CA ALA D 332 -1.75 -57.17 -9.31
C ALA D 332 -2.86 -57.46 -10.31
N ARG D 333 -3.17 -56.51 -11.19
CA ARG D 333 -4.15 -56.75 -12.24
C ARG D 333 -3.55 -57.62 -13.35
N GLN D 334 -2.24 -57.57 -13.51
CA GLN D 334 -1.56 -58.36 -14.53
C GLN D 334 -1.69 -59.85 -14.23
N HIS D 335 -1.94 -60.62 -15.28
CA HIS D 335 -2.07 -62.07 -15.15
C HIS D 335 -0.96 -62.77 -15.92
N GLU D 397 -4.94 -70.40 -10.49
CA GLU D 397 -3.92 -70.39 -11.53
C GLU D 397 -2.59 -69.94 -10.91
N GLU D 398 -1.48 -70.45 -11.45
CA GLU D 398 -0.19 -70.28 -10.78
C GLU D 398 0.33 -68.85 -10.90
N MET D 399 0.18 -68.23 -12.08
CA MET D 399 0.72 -66.90 -12.28
C MET D 399 -0.08 -65.83 -11.56
N ARG D 400 -1.36 -66.08 -11.27
CA ARG D 400 -2.16 -65.13 -10.51
C ARG D 400 -1.77 -65.09 -9.04
N LYS D 401 -1.11 -66.14 -8.55
CA LYS D 401 -0.56 -66.13 -7.20
C LYS D 401 0.83 -65.53 -7.15
N LEU D 402 1.61 -65.69 -8.23
CA LEU D 402 2.98 -65.18 -8.25
C LEU D 402 3.00 -63.66 -8.33
N PHE D 403 2.12 -63.07 -9.15
CA PHE D 403 2.10 -61.62 -9.28
C PHE D 403 1.52 -60.96 -8.04
N ILE D 404 0.53 -61.59 -7.41
CA ILE D 404 -0.05 -61.03 -6.20
C ILE D 404 0.90 -61.14 -5.02
N SER D 405 1.89 -62.02 -5.10
CA SER D 405 2.94 -62.07 -4.08
C SER D 405 4.09 -61.14 -4.39
N ARG D 406 4.29 -60.80 -5.66
CA ARG D 406 5.30 -59.80 -6.00
C ARG D 406 4.81 -58.40 -5.70
N ALA D 407 3.51 -58.15 -5.86
CA ALA D 407 2.97 -56.82 -5.57
C ALA D 407 2.91 -56.57 -4.07
N LYS D 408 2.79 -57.61 -3.26
CA LYS D 408 2.93 -57.43 -1.82
C LYS D 408 4.37 -57.22 -1.41
N ARG D 409 5.32 -57.73 -2.22
CA ARG D 409 6.72 -57.52 -1.90
C ARG D 409 7.13 -56.08 -2.08
N ILE D 410 6.65 -55.44 -3.15
CA ILE D 410 6.98 -54.03 -3.38
C ILE D 410 6.24 -53.12 -2.41
N ASP D 411 5.19 -53.64 -1.76
CA ASP D 411 4.53 -52.87 -0.71
C ASP D 411 5.34 -52.91 0.58
N THR D 412 5.72 -54.11 1.03
CA THR D 412 6.46 -54.24 2.28
C THR D 412 7.86 -53.69 2.20
N VAL D 413 8.44 -53.58 1.01
CA VAL D 413 9.69 -52.85 0.87
C VAL D 413 9.45 -51.37 1.06
N SER D 414 8.39 -50.84 0.44
CA SER D 414 8.15 -49.41 0.45
C SER D 414 7.63 -48.90 1.79
N ARG D 415 7.18 -49.79 2.67
CA ARG D 415 6.77 -49.35 4.01
C ARG D 415 7.96 -48.89 4.83
N VAL D 416 9.10 -49.55 4.66
CA VAL D 416 10.28 -49.25 5.45
C VAL D 416 11.26 -48.37 4.67
N ALA D 417 11.46 -48.67 3.39
CA ALA D 417 12.54 -48.04 2.63
C ALA D 417 12.21 -46.60 2.27
N PHE D 418 10.96 -46.31 1.99
CA PHE D 418 10.66 -44.94 1.57
C PHE D 418 10.57 -43.93 2.73
N PRO D 419 10.05 -44.25 3.92
CA PRO D 419 10.28 -43.33 5.05
C PRO D 419 11.73 -43.26 5.49
N LEU D 420 12.56 -44.23 5.14
CA LEU D 420 13.99 -44.09 5.42
C LEU D 420 14.63 -43.09 4.46
N VAL D 421 14.11 -43.00 3.23
CA VAL D 421 14.65 -42.04 2.27
C VAL D 421 14.34 -40.61 2.70
N PHE D 422 13.14 -40.40 3.26
CA PHE D 422 12.75 -39.06 3.70
C PHE D 422 13.56 -38.59 4.89
N LEU D 423 13.98 -39.51 5.76
CA LEU D 423 14.82 -39.12 6.87
C LEU D 423 16.23 -38.74 6.41
N ILE D 424 16.70 -39.36 5.32
CA ILE D 424 18.00 -38.99 4.77
C ILE D 424 17.96 -37.59 4.17
N PHE D 425 16.85 -37.24 3.50
CA PHE D 425 16.65 -35.86 3.10
C PHE D 425 16.50 -34.94 4.30
N ASN D 426 15.83 -35.42 5.35
CA ASN D 426 15.60 -34.57 6.50
C ASN D 426 16.88 -34.34 7.29
N ILE D 427 17.86 -35.24 7.19
CA ILE D 427 19.16 -35.00 7.79
C ILE D 427 19.96 -34.02 6.95
N PHE D 428 20.07 -34.29 5.65
CA PHE D 428 20.88 -33.45 4.76
C PHE D 428 20.32 -32.05 4.60
N TYR D 429 19.04 -31.85 4.88
CA TYR D 429 18.48 -30.50 4.80
C TYR D 429 18.92 -29.66 5.98
N TRP D 430 18.67 -30.13 7.20
CA TRP D 430 18.92 -29.31 8.37
C TRP D 430 20.40 -29.19 8.70
N ILE D 431 21.25 -30.06 8.17
CA ILE D 431 22.68 -29.87 8.36
C ILE D 431 23.18 -28.71 7.51
N THR D 432 22.83 -28.71 6.22
CA THR D 432 23.36 -27.70 5.33
C THR D 432 22.71 -26.34 5.50
N TYR D 433 21.68 -26.20 6.34
CA TYR D 433 21.10 -24.91 6.63
C TYR D 433 21.24 -24.53 8.10
N LYS D 434 22.11 -25.21 8.84
CA LYS D 434 22.58 -24.73 10.13
C LYS D 434 24.08 -24.57 10.18
N ILE D 435 24.83 -25.27 9.34
CA ILE D 435 26.26 -24.97 9.17
C ILE D 435 26.44 -23.61 8.51
N ILE D 436 25.67 -23.35 7.45
CA ILE D 436 25.70 -22.04 6.81
C ILE D 436 24.99 -21.02 7.68
N PRO E 31 46.50 34.74 1.49
CA PRO E 31 45.89 36.06 1.43
C PRO E 31 44.44 36.06 1.94
N MET E 32 43.53 36.57 1.12
CA MET E 32 42.13 36.65 1.48
C MET E 32 41.46 35.28 1.35
N PRO E 33 40.46 35.00 2.17
CA PRO E 33 39.82 33.67 2.15
C PRO E 33 39.03 33.46 0.86
N PRO E 34 38.80 32.20 0.47
CA PRO E 34 38.14 31.95 -0.84
C PRO E 34 36.70 32.38 -0.89
N SER E 35 36.01 32.45 0.25
CA SER E 35 34.62 32.88 0.22
C SER E 35 34.50 34.37 -0.09
N GLU E 36 35.47 35.16 0.35
CA GLU E 36 35.47 36.57 -0.02
C GLU E 36 36.01 36.79 -1.41
N PHE E 37 36.86 35.88 -1.90
CA PHE E 37 37.38 36.01 -3.25
C PHE E 37 36.33 35.70 -4.29
N LEU E 38 35.38 34.82 -3.97
CA LEU E 38 34.32 34.52 -4.91
C LEU E 38 33.24 35.60 -4.92
N ASP E 39 33.06 36.31 -3.81
CA ASP E 39 32.12 37.43 -3.82
C ASP E 39 32.64 38.59 -4.66
N LYS E 40 33.96 38.75 -4.72
CA LYS E 40 34.54 39.69 -5.68
C LYS E 40 34.35 39.20 -7.11
N LEU E 41 34.41 37.88 -7.31
CA LEU E 41 34.34 37.32 -8.64
C LEU E 41 32.91 37.25 -9.17
N MET E 42 31.93 37.12 -8.28
CA MET E 42 30.55 36.93 -8.70
C MET E 42 29.63 38.09 -8.36
N GLY E 43 30.14 39.13 -7.72
CA GLY E 43 29.29 40.20 -7.21
C GLY E 43 28.85 41.17 -8.29
N LYS E 44 28.39 42.34 -7.83
CA LYS E 44 28.03 43.40 -8.77
C LYS E 44 29.27 44.01 -9.40
N VAL E 45 30.40 43.97 -8.69
CA VAL E 45 31.68 44.20 -9.33
C VAL E 45 31.94 43.03 -10.28
N SER E 46 32.52 43.36 -11.45
CA SER E 46 32.85 42.49 -12.58
C SER E 46 31.63 41.99 -13.33
N GLY E 47 30.42 42.34 -12.92
CA GLY E 47 29.22 42.18 -13.72
C GLY E 47 28.82 40.77 -14.06
N TYR E 48 29.20 39.78 -13.24
CA TYR E 48 28.78 38.41 -13.50
C TYR E 48 27.29 38.28 -13.19
N ASP E 49 26.49 38.14 -14.22
CA ASP E 49 25.06 37.91 -14.07
C ASP E 49 24.79 36.43 -14.25
N ALA E 50 24.14 35.83 -13.28
CA ALA E 50 23.89 34.40 -13.28
C ALA E 50 22.73 33.98 -14.16
N ARG E 51 22.14 34.92 -14.90
CA ARG E 51 21.03 34.61 -15.79
C ARG E 51 21.43 34.58 -17.25
N ILE E 52 22.71 34.75 -17.55
CA ILE E 52 23.22 34.67 -18.91
C ILE E 52 24.23 33.55 -18.95
N ARG E 53 24.05 32.63 -19.90
CA ARG E 53 24.97 31.52 -20.07
C ARG E 53 26.34 32.02 -20.53
N PRO E 54 27.41 31.26 -20.27
CA PRO E 54 28.72 31.63 -20.83
C PRO E 54 28.74 31.51 -22.34
N ASN E 55 29.67 32.26 -22.94
CA ASN E 55 29.83 32.37 -24.39
C ASN E 55 28.53 32.84 -25.04
N PHE E 56 28.01 33.95 -24.52
CA PHE E 56 26.72 34.44 -24.99
C PHE E 56 26.85 35.09 -26.36
N LYS E 57 25.85 34.82 -27.21
CA LYS E 57 25.86 35.18 -28.63
C LYS E 57 27.11 34.65 -29.33
N GLY E 58 27.37 33.37 -29.12
CA GLY E 58 28.52 32.73 -29.73
C GLY E 58 28.29 31.25 -29.90
N PRO E 59 29.32 30.45 -29.65
CA PRO E 59 29.17 29.00 -29.74
C PRO E 59 28.35 28.47 -28.58
N PRO E 60 27.74 27.30 -28.72
CA PRO E 60 26.97 26.73 -27.61
C PRO E 60 27.89 26.21 -26.52
N VAL E 61 27.27 25.89 -25.38
CA VAL E 61 27.98 25.42 -24.21
C VAL E 61 28.06 23.91 -24.25
N ASN E 62 29.26 23.37 -24.09
CA ASN E 62 29.48 21.92 -24.18
C ASN E 62 29.51 21.34 -22.78
N VAL E 63 28.33 21.12 -22.23
CA VAL E 63 28.18 20.46 -20.94
C VAL E 63 28.43 18.98 -21.13
N THR E 64 29.34 18.41 -20.35
CA THR E 64 29.58 16.98 -20.35
C THR E 64 29.18 16.38 -19.02
N CYS E 65 28.66 15.17 -19.07
CA CYS E 65 27.99 14.58 -17.91
C CYS E 65 28.43 13.14 -17.72
N ASN E 66 28.40 12.70 -16.46
CA ASN E 66 28.45 11.29 -16.11
C ASN E 66 27.78 11.09 -14.77
N ILE E 67 27.17 9.92 -14.60
CA ILE E 67 26.38 9.63 -13.41
C ILE E 67 27.03 8.50 -12.64
N PHE E 68 26.61 8.35 -11.39
CA PHE E 68 27.11 7.31 -10.50
C PHE E 68 25.92 6.77 -9.73
N ILE E 69 25.58 5.51 -9.97
CA ILE E 69 24.35 4.93 -9.42
C ILE E 69 24.67 4.34 -8.05
N ASN E 70 24.12 4.95 -7.00
CA ASN E 70 24.26 4.38 -5.66
C ASN E 70 23.30 3.22 -5.46
N SER E 71 22.01 3.51 -5.51
CA SER E 71 20.98 2.51 -5.32
C SER E 71 20.17 2.36 -6.60
N PHE E 72 19.47 1.24 -6.70
CA PHE E 72 18.72 0.90 -7.89
C PHE E 72 17.73 -0.18 -7.50
N GLY E 73 16.48 -0.01 -7.86
CA GLY E 73 15.55 -1.11 -7.65
C GLY E 73 14.14 -0.62 -7.41
N SER E 74 13.37 -1.51 -6.79
CA SER E 74 11.91 -1.43 -6.66
C SER E 74 11.27 -1.16 -8.03
N ILE E 75 11.53 -2.09 -8.95
CA ILE E 75 11.01 -1.97 -10.29
C ILE E 75 9.56 -2.43 -10.27
N ALA E 76 8.65 -1.49 -10.03
CA ALA E 76 7.24 -1.82 -10.03
C ALA E 76 6.75 -2.03 -11.45
N GLU E 77 5.79 -2.92 -11.60
CA GLU E 77 5.28 -3.28 -12.91
C GLU E 77 3.82 -2.92 -13.11
N THR E 78 3.08 -2.71 -12.02
CA THR E 78 1.76 -2.09 -12.13
C THR E 78 1.91 -0.61 -12.48
N THR E 79 2.85 0.07 -11.84
CA THR E 79 3.12 1.46 -12.11
C THR E 79 4.02 1.64 -13.33
N MET E 80 4.77 0.60 -13.69
CA MET E 80 5.78 0.59 -14.75
C MET E 80 6.82 1.70 -14.54
N ASP E 81 7.56 1.57 -13.45
CA ASP E 81 8.61 2.52 -13.12
C ASP E 81 9.66 1.83 -12.27
N TYR E 82 10.71 2.56 -11.94
CA TYR E 82 11.77 2.06 -11.09
C TYR E 82 12.44 3.27 -10.48
N ARG E 83 12.92 3.15 -9.25
CA ARG E 83 13.57 4.27 -8.64
C ARG E 83 15.07 4.02 -8.55
N VAL E 84 15.82 5.10 -8.62
CA VAL E 84 17.27 5.06 -8.69
C VAL E 84 17.81 6.25 -7.91
N ASN E 85 18.98 6.08 -7.32
CA ASN E 85 19.58 7.09 -6.47
C ASN E 85 20.97 7.37 -7.02
N ILE E 86 21.15 8.52 -7.66
CA ILE E 86 22.35 8.76 -8.44
C ILE E 86 23.11 9.95 -7.89
N PHE E 87 24.38 10.01 -8.28
CA PHE E 87 25.15 11.24 -8.33
C PHE E 87 25.10 11.76 -9.77
N LEU E 88 25.17 13.07 -9.93
CA LEU E 88 25.07 13.68 -11.25
C LEU E 88 26.18 14.71 -11.40
N ARG E 89 27.23 14.35 -12.11
CA ARG E 89 28.39 15.20 -12.27
C ARG E 89 28.28 15.94 -13.59
N GLN E 90 28.41 17.26 -13.54
CA GLN E 90 28.32 18.08 -14.73
C GLN E 90 29.58 18.92 -14.84
N GLN E 91 30.14 19.00 -16.04
CA GLN E 91 31.33 19.80 -16.27
C GLN E 91 31.10 20.69 -17.47
N TRP E 92 31.36 21.98 -17.32
CA TRP E 92 31.31 22.90 -18.44
C TRP E 92 32.41 23.93 -18.25
N ASN E 93 32.52 24.84 -19.21
CA ASN E 93 33.50 25.90 -19.14
C ASN E 93 32.77 27.23 -19.03
N ASP E 94 33.37 28.16 -18.28
CA ASP E 94 32.79 29.48 -18.05
C ASP E 94 33.94 30.46 -17.99
N PRO E 95 34.17 31.23 -19.06
CA PRO E 95 35.34 32.12 -19.09
C PRO E 95 35.23 33.30 -18.16
N ARG E 96 34.02 33.62 -17.69
CA ARG E 96 33.86 34.71 -16.74
C ARG E 96 34.39 34.36 -15.36
N LEU E 97 34.52 33.06 -15.06
CA LEU E 97 34.99 32.62 -13.76
C LEU E 97 36.48 32.31 -13.75
N ALA E 98 37.20 32.65 -14.81
CA ALA E 98 38.63 32.43 -14.81
C ALA E 98 39.32 33.44 -13.91
N TYR E 99 40.28 32.96 -13.12
CA TYR E 99 41.00 33.80 -12.19
C TYR E 99 42.47 33.47 -12.25
N SER E 100 43.31 34.43 -11.89
CA SER E 100 44.75 34.22 -11.82
C SER E 100 45.41 34.79 -10.58
N GLU E 101 44.75 35.71 -9.86
CA GLU E 101 45.40 36.35 -8.72
C GLU E 101 45.49 35.42 -7.52
N TYR E 102 44.42 34.69 -7.24
CA TYR E 102 44.40 33.79 -6.10
C TYR E 102 45.33 32.60 -6.38
N PRO E 103 46.13 32.19 -5.42
CA PRO E 103 47.23 31.24 -5.73
C PRO E 103 46.81 29.79 -5.93
N ASP E 104 45.75 29.34 -5.25
CA ASP E 104 45.42 27.93 -5.29
C ASP E 104 44.76 27.53 -6.61
N ASP E 105 44.98 26.29 -7.00
CA ASP E 105 44.60 25.84 -8.33
C ASP E 105 43.13 25.50 -8.45
N SER E 106 42.41 25.42 -7.34
CA SER E 106 40.98 25.11 -7.37
C SER E 106 40.29 25.79 -6.20
N LEU E 107 38.99 25.99 -6.35
CA LEU E 107 38.17 26.58 -5.30
C LEU E 107 37.00 25.65 -5.03
N ASP E 108 36.11 26.10 -4.14
CA ASP E 108 34.86 25.40 -3.91
C ASP E 108 33.83 26.37 -3.36
N LEU E 109 32.76 26.58 -4.09
CA LEU E 109 31.70 27.44 -3.63
C LEU E 109 30.84 26.71 -2.63
N ASP E 110 30.49 27.40 -1.56
CA ASP E 110 29.59 26.84 -0.56
C ASP E 110 28.19 26.71 -1.16
N PRO E 111 27.44 25.66 -0.79
CA PRO E 111 26.10 25.49 -1.36
C PRO E 111 25.08 26.55 -0.95
N SER E 112 25.37 27.38 0.06
CA SER E 112 24.46 28.49 0.35
C SER E 112 24.54 29.55 -0.73
N MET E 113 25.73 29.84 -1.23
CA MET E 113 25.95 30.85 -2.25
C MET E 113 25.80 30.31 -3.66
N LEU E 114 25.08 29.21 -3.83
CA LEU E 114 25.07 28.50 -5.10
C LEU E 114 24.17 29.14 -6.14
N ASP E 115 23.27 30.03 -5.72
CA ASP E 115 22.37 30.68 -6.66
C ASP E 115 23.02 31.78 -7.49
N SER E 116 24.30 32.09 -7.25
CA SER E 116 25.01 33.11 -8.01
C SER E 116 25.93 32.50 -9.06
N ILE E 117 25.56 31.37 -9.63
CA ILE E 117 26.32 30.69 -10.68
C ILE E 117 25.34 30.22 -11.74
N TRP E 118 25.66 30.47 -13.01
CA TRP E 118 24.90 29.87 -14.09
C TRP E 118 25.03 28.36 -14.05
N LYS E 119 23.90 27.69 -13.96
CA LYS E 119 23.88 26.24 -13.98
C LYS E 119 22.97 25.76 -15.10
N PRO E 120 23.29 24.64 -15.74
CA PRO E 120 22.42 24.15 -16.82
C PRO E 120 21.11 23.65 -16.25
N ASP E 121 20.05 23.80 -17.04
CA ASP E 121 18.72 23.38 -16.64
C ASP E 121 18.44 21.95 -17.10
N LEU E 122 19.30 21.05 -16.65
CA LEU E 122 19.14 19.64 -16.96
C LEU E 122 17.93 19.09 -16.23
N PHE E 123 17.16 18.27 -16.94
CA PHE E 123 16.11 17.52 -16.29
C PHE E 123 16.01 16.19 -16.99
N PHE E 124 15.24 15.29 -16.40
CA PHE E 124 15.06 13.94 -16.93
C PHE E 124 13.73 13.87 -17.63
N ALA E 125 13.71 13.38 -18.86
CA ALA E 125 12.50 13.41 -19.68
C ALA E 125 11.42 12.47 -19.19
N ASN E 126 11.74 11.57 -18.27
CA ASN E 126 10.77 10.65 -17.70
C ASN E 126 10.92 10.60 -16.18
N GLU E 127 10.91 11.77 -15.55
CA GLU E 127 11.08 11.88 -14.10
C GLU E 127 10.02 11.11 -13.34
N LYS E 128 8.75 11.46 -13.56
CA LYS E 128 7.58 10.92 -12.84
C LYS E 128 7.74 11.13 -11.33
N GLY E 129 8.30 12.28 -10.97
CA GLY E 129 8.58 12.60 -9.58
C GLY E 129 10.03 12.39 -9.20
N ALA E 130 10.63 13.36 -8.53
CA ALA E 130 12.02 13.29 -8.07
C ALA E 130 12.23 14.35 -7.01
N ASN E 131 13.36 14.27 -6.32
CA ASN E 131 13.67 15.18 -5.23
C ASN E 131 15.16 15.14 -4.93
N PHE E 132 15.63 16.16 -4.23
CA PHE E 132 17.00 16.23 -3.79
C PHE E 132 17.14 15.57 -2.42
N HIS E 133 18.30 15.75 -1.78
CA HIS E 133 18.49 15.36 -0.39
C HIS E 133 19.10 16.53 0.35
N GLU E 134 18.51 16.89 1.48
CA GLU E 134 18.93 18.06 2.24
C GLU E 134 19.26 17.71 3.67
N VAL E 135 19.91 16.56 3.88
CA VAL E 135 20.19 16.08 5.22
C VAL E 135 21.56 16.59 5.64
N THR E 136 21.55 17.47 6.65
CA THR E 136 22.64 18.09 7.42
C THR E 136 23.36 19.16 6.60
N THR E 137 23.13 19.19 5.30
CA THR E 137 23.69 20.10 4.31
C THR E 137 22.98 19.73 3.01
N ASP E 138 22.75 20.70 2.12
CA ASP E 138 22.41 20.39 0.74
C ASP E 138 23.51 19.52 0.14
N ASN E 139 23.13 18.38 -0.42
CA ASN E 139 24.10 17.48 -1.05
C ASN E 139 24.41 17.99 -2.45
N LYS E 140 25.17 19.08 -2.49
CA LYS E 140 25.51 19.79 -3.71
C LYS E 140 26.97 20.18 -3.63
N LEU E 141 27.70 19.95 -4.70
CA LEU E 141 29.13 20.22 -4.75
C LEU E 141 29.41 21.14 -5.92
N LEU E 142 30.26 22.14 -5.71
CA LEU E 142 30.66 23.01 -6.80
C LEU E 142 32.14 23.33 -6.66
N ARG E 143 32.90 23.10 -7.73
CA ARG E 143 34.31 23.43 -7.75
C ARG E 143 34.60 24.28 -8.98
N ILE E 144 35.52 25.22 -8.83
CA ILE E 144 35.91 26.10 -9.92
C ILE E 144 37.40 25.96 -10.10
N SER E 145 37.82 25.51 -11.28
CA SER E 145 39.23 25.40 -11.59
C SER E 145 39.79 26.77 -11.95
N LYS E 146 41.09 26.82 -12.22
CA LYS E 146 41.74 28.11 -12.45
C LYS E 146 41.40 28.65 -13.83
N ASN E 147 41.39 27.79 -14.84
CA ASN E 147 41.07 28.24 -16.19
C ASN E 147 39.60 28.52 -16.40
N GLY E 148 38.73 28.10 -15.49
CA GLY E 148 37.30 28.35 -15.61
C GLY E 148 36.46 27.12 -15.79
N ASN E 149 37.03 25.92 -15.73
CA ASN E 149 36.22 24.71 -15.76
C ASN E 149 35.47 24.58 -14.44
N VAL E 150 34.22 24.16 -14.52
CA VAL E 150 33.32 24.12 -13.39
C VAL E 150 32.84 22.69 -13.23
N LEU E 151 33.03 22.13 -12.04
CA LEU E 151 32.50 20.81 -11.70
C LEU E 151 31.33 20.97 -10.75
N TYR E 152 30.22 20.31 -11.05
CA TYR E 152 29.00 20.45 -10.28
C TYR E 152 28.39 19.07 -10.09
N SER E 153 28.28 18.63 -8.84
CA SER E 153 27.85 17.28 -8.53
C SER E 153 26.77 17.33 -7.47
N ILE E 154 25.62 16.71 -7.77
CA ILE E 154 24.48 16.69 -6.86
C ILE E 154 24.00 15.26 -6.70
N ARG E 155 23.04 15.08 -5.80
CA ARG E 155 22.54 13.76 -5.43
C ARG E 155 21.02 13.77 -5.53
N ILE E 156 20.48 12.91 -6.39
CA ILE E 156 19.06 12.94 -6.74
C ILE E 156 18.48 11.54 -6.52
N THR E 157 17.25 11.48 -6.02
CA THR E 157 16.44 10.27 -6.11
C THR E 157 15.42 10.45 -7.23
N LEU E 158 15.46 9.57 -8.21
CA LEU E 158 14.55 9.58 -9.34
C LEU E 158 13.52 8.48 -9.19
N VAL E 159 12.37 8.67 -9.83
CA VAL E 159 11.31 7.65 -9.87
C VAL E 159 11.03 7.40 -11.35
N LEU E 160 12.10 7.25 -12.14
CA LEU E 160 12.05 7.10 -13.60
C LEU E 160 11.08 6.04 -14.08
N ALA E 161 10.46 6.29 -15.22
CA ALA E 161 9.44 5.42 -15.78
C ALA E 161 9.96 4.75 -17.03
N CYS E 162 9.83 3.43 -17.10
CA CYS E 162 10.18 2.70 -18.30
C CYS E 162 9.01 1.80 -18.70
N PRO E 163 8.56 1.85 -19.95
CA PRO E 163 7.50 0.95 -20.38
C PRO E 163 8.01 -0.47 -20.53
N MET E 164 7.24 -1.41 -20.01
CA MET E 164 7.65 -2.80 -19.95
C MET E 164 6.77 -3.64 -20.85
N ASP E 165 7.33 -4.73 -21.37
CA ASP E 165 6.65 -5.60 -22.31
C ASP E 165 6.64 -7.00 -21.72
N LEU E 166 5.55 -7.33 -21.05
CA LEU E 166 5.40 -8.63 -20.39
C LEU E 166 4.68 -9.63 -21.29
N LYS E 167 5.12 -9.79 -22.54
CA LYS E 167 4.53 -10.82 -23.38
C LYS E 167 4.97 -12.20 -22.94
N ASN E 168 6.27 -12.40 -22.78
CA ASN E 168 6.86 -13.64 -22.31
C ASN E 168 7.43 -13.39 -20.93
N PHE E 169 6.62 -13.64 -19.90
CA PHE E 169 6.88 -13.01 -18.60
C PHE E 169 8.09 -13.56 -17.85
N PRO E 170 8.29 -14.89 -17.67
CA PRO E 170 9.53 -15.28 -16.99
C PRO E 170 10.73 -15.15 -17.90
N MET E 171 10.56 -15.38 -19.19
CA MET E 171 11.64 -15.29 -20.15
C MET E 171 11.57 -13.96 -20.87
N ASP E 172 11.95 -12.89 -20.16
CA ASP E 172 11.95 -11.57 -20.76
C ASP E 172 13.25 -10.85 -20.48
N VAL E 173 13.58 -9.91 -21.36
CA VAL E 173 14.71 -9.01 -21.19
C VAL E 173 14.15 -7.60 -21.24
N GLN E 174 14.13 -6.93 -20.09
CA GLN E 174 13.62 -5.57 -20.02
C GLN E 174 14.74 -4.58 -20.30
N THR E 175 14.38 -3.46 -20.91
CA THR E 175 15.31 -2.38 -21.21
C THR E 175 14.70 -1.10 -20.70
N CYS E 176 15.32 -0.50 -19.69
CA CYS E 176 14.79 0.72 -19.09
C CYS E 176 15.79 1.85 -19.30
N ILE E 177 15.36 2.86 -20.05
CA ILE E 177 16.21 3.98 -20.46
C ILE E 177 16.28 5.03 -19.37
N MET E 178 17.16 6.01 -19.56
CA MET E 178 17.34 7.10 -18.61
C MET E 178 17.87 8.29 -19.42
N GLN E 179 17.00 9.24 -19.74
CA GLN E 179 17.34 10.28 -20.69
C GLN E 179 17.28 11.66 -20.06
N LEU E 180 18.20 12.53 -20.50
CA LEU E 180 18.53 13.79 -19.83
C LEU E 180 18.36 14.94 -20.81
N GLU E 181 17.17 15.53 -20.88
CA GLU E 181 16.98 16.62 -21.80
C GLU E 181 17.45 17.93 -21.18
N SER E 182 17.60 18.93 -22.03
CA SER E 182 17.58 20.32 -21.60
C SER E 182 16.16 20.82 -21.64
N PHE E 183 15.88 21.88 -20.89
CA PHE E 183 14.51 22.37 -20.82
C PHE E 183 14.33 23.72 -21.52
N GLY E 184 15.13 24.72 -21.17
CA GLY E 184 14.91 26.04 -21.71
C GLY E 184 15.80 26.40 -22.88
N TYR E 185 17.02 25.90 -22.88
CA TYR E 185 17.98 26.22 -23.92
C TYR E 185 17.88 25.23 -25.06
N THR E 186 17.92 25.74 -26.28
CA THR E 186 17.78 24.90 -27.46
C THR E 186 19.13 24.29 -27.85
N MET E 187 19.20 23.73 -29.05
CA MET E 187 20.41 23.06 -29.50
C MET E 187 21.55 24.04 -29.76
N ASN E 188 21.24 25.21 -30.31
CA ASN E 188 22.28 26.17 -30.63
C ASN E 188 22.86 26.88 -29.40
N ASP E 189 22.33 26.65 -28.22
CA ASP E 189 22.83 27.28 -27.00
C ASP E 189 23.48 26.32 -26.03
N LEU E 190 23.04 25.07 -25.98
CA LEU E 190 23.51 24.15 -24.95
C LEU E 190 23.47 22.74 -25.51
N ILE E 191 24.56 22.01 -25.36
CA ILE E 191 24.70 20.67 -25.92
C ILE E 191 25.24 19.75 -24.83
N PHE E 192 24.50 18.68 -24.54
CA PHE E 192 24.94 17.67 -23.60
C PHE E 192 25.83 16.65 -24.28
N GLU E 193 26.75 16.07 -23.51
CA GLU E 193 27.66 15.05 -23.98
C GLU E 193 27.89 14.05 -22.87
N TRP E 194 28.09 12.79 -23.23
CA TRP E 194 28.69 11.85 -22.30
C TRP E 194 30.20 12.00 -22.39
N ASP E 195 30.86 12.06 -21.25
CA ASP E 195 32.32 12.11 -21.28
C ASP E 195 32.88 10.77 -21.71
N GLU E 196 34.09 10.80 -22.29
CA GLU E 196 34.71 9.62 -22.84
C GLU E 196 35.52 8.84 -21.81
N LYS E 197 35.25 9.05 -20.52
CA LYS E 197 36.01 8.41 -19.46
C LYS E 197 35.00 7.99 -18.38
N GLY E 198 34.46 6.78 -18.53
CA GLY E 198 33.54 6.22 -17.55
C GLY E 198 32.24 6.97 -17.43
N ALA E 199 31.37 6.86 -18.44
CA ALA E 199 30.18 7.68 -18.48
C ALA E 199 29.12 7.25 -17.48
N VAL E 200 29.05 5.96 -17.15
CA VAL E 200 28.14 5.47 -16.12
C VAL E 200 28.91 4.48 -15.25
N GLN E 201 29.10 4.82 -13.99
CA GLN E 201 29.59 3.84 -13.02
C GLN E 201 28.45 3.38 -12.15
N VAL E 202 28.56 2.16 -11.66
CA VAL E 202 27.57 1.55 -10.78
C VAL E 202 28.30 1.16 -9.50
N ALA E 203 27.66 1.35 -8.35
CA ALA E 203 28.21 0.92 -7.07
C ALA E 203 28.38 -0.59 -7.04
N ASP E 204 29.25 -1.04 -6.13
CA ASP E 204 29.80 -2.39 -6.23
C ASP E 204 28.80 -3.45 -5.79
N GLY E 205 28.41 -3.44 -4.52
CA GLY E 205 27.55 -4.48 -4.01
C GLY E 205 26.08 -4.17 -4.20
N LEU E 206 25.61 -4.18 -5.43
CA LEU E 206 24.25 -3.75 -5.76
C LEU E 206 23.45 -4.94 -6.26
N THR E 207 22.38 -5.27 -5.55
CA THR E 207 21.54 -6.42 -5.88
C THR E 207 20.12 -5.96 -6.20
N LEU E 208 19.34 -6.90 -6.73
CA LEU E 208 17.95 -6.69 -7.09
C LEU E 208 17.15 -7.90 -6.64
N PRO E 209 15.87 -7.72 -6.28
CA PRO E 209 15.08 -8.88 -5.86
C PRO E 209 14.69 -9.80 -7.00
N GLN E 210 14.50 -9.29 -8.21
CA GLN E 210 14.00 -10.14 -9.28
C GLN E 210 14.88 -10.15 -10.51
N PHE E 211 15.59 -9.06 -10.78
CA PHE E 211 16.36 -8.92 -12.00
C PHE E 211 17.84 -9.04 -11.72
N ILE E 212 18.62 -9.11 -12.78
CA ILE E 212 20.05 -8.88 -12.71
C ILE E 212 20.39 -7.77 -13.70
N LEU E 213 21.41 -7.00 -13.36
CA LEU E 213 21.80 -5.84 -14.15
C LEU E 213 23.06 -6.19 -14.92
N LYS E 214 22.95 -6.21 -16.25
CA LYS E 214 24.09 -6.52 -17.08
C LYS E 214 25.10 -5.38 -17.08
N GLU E 215 26.34 -5.71 -17.38
CA GLU E 215 27.40 -4.70 -17.47
C GLU E 215 27.57 -4.21 -18.90
N GLU E 216 26.46 -3.81 -19.52
CA GLU E 216 26.46 -3.31 -20.89
C GLU E 216 25.54 -2.09 -20.90
N LYS E 217 26.13 -0.90 -20.87
CA LYS E 217 25.39 0.34 -20.83
C LYS E 217 25.50 1.00 -22.21
N ASP E 218 24.39 1.03 -22.94
CA ASP E 218 24.38 1.75 -24.20
C ASP E 218 24.35 3.25 -23.94
N LEU E 219 24.88 4.00 -24.91
CA LEU E 219 24.97 5.45 -24.79
C LEU E 219 24.65 6.04 -26.16
N ARG E 220 23.56 6.77 -26.26
CA ARG E 220 23.19 7.31 -27.56
C ARG E 220 22.45 8.62 -27.36
N TYR E 221 22.39 9.39 -28.44
CA TYR E 221 21.68 10.65 -28.47
C TYR E 221 20.22 10.43 -28.82
N CYS E 222 19.41 11.38 -28.45
CA CYS E 222 18.00 11.28 -28.83
C CYS E 222 17.46 12.52 -29.52
N THR E 223 17.87 13.72 -29.08
CA THR E 223 17.70 15.00 -29.81
C THR E 223 16.21 15.29 -30.07
N LYS E 224 15.53 15.61 -28.99
CA LYS E 224 14.09 15.84 -29.04
C LYS E 224 13.74 17.05 -29.89
N HIS E 225 12.68 16.90 -30.69
CA HIS E 225 12.07 18.00 -31.41
C HIS E 225 10.71 18.29 -30.82
N TYR E 226 10.34 19.57 -30.84
CA TYR E 226 8.99 19.97 -30.51
C TYR E 226 8.57 21.06 -31.49
N ASN E 227 7.43 21.66 -31.23
CA ASN E 227 7.08 22.90 -31.90
C ASN E 227 7.75 24.11 -31.25
N THR E 228 8.53 23.89 -30.20
CA THR E 228 9.28 24.94 -29.52
C THR E 228 10.70 25.06 -30.06
N GLY E 229 11.35 23.93 -30.32
CA GLY E 229 12.69 23.96 -30.87
C GLY E 229 13.37 22.63 -30.68
N LYS E 230 14.61 22.57 -31.18
CA LYS E 230 15.45 21.40 -31.01
C LYS E 230 16.07 21.45 -29.62
N PHE E 231 15.74 20.49 -28.78
CA PHE E 231 16.30 20.40 -27.44
C PHE E 231 17.20 19.17 -27.37
N THR E 232 18.40 19.35 -26.86
CA THR E 232 19.34 18.25 -26.77
C THR E 232 18.95 17.28 -25.66
N CYS E 233 19.37 16.04 -25.82
CA CYS E 233 19.16 15.00 -24.82
C CYS E 233 20.13 13.86 -25.09
N ILE E 234 20.61 13.26 -24.02
CA ILE E 234 21.45 12.08 -24.08
C ILE E 234 20.78 11.03 -23.21
N GLU E 235 20.99 9.76 -23.54
CA GLU E 235 20.34 8.72 -22.77
C GLU E 235 21.31 7.56 -22.53
N ALA E 236 20.94 6.73 -21.56
CA ALA E 236 21.71 5.55 -21.21
C ALA E 236 20.75 4.40 -21.01
N ARG E 237 20.94 3.32 -21.74
CA ARG E 237 20.06 2.17 -21.66
C ARG E 237 20.62 1.16 -20.66
N PHE E 238 19.73 0.57 -19.88
CA PHE E 238 20.09 -0.49 -18.95
C PHE E 238 19.34 -1.75 -19.34
N HIS E 239 20.06 -2.85 -19.49
CA HIS E 239 19.46 -4.12 -19.83
C HIS E 239 19.24 -4.94 -18.58
N LEU E 240 18.01 -5.37 -18.36
CA LEU E 240 17.62 -6.15 -17.20
C LEU E 240 17.19 -7.52 -17.65
N GLU E 241 17.68 -8.55 -16.96
CA GLU E 241 17.36 -9.93 -17.29
C GLU E 241 16.72 -10.56 -16.06
N ARG E 242 15.49 -11.03 -16.21
CA ARG E 242 14.77 -11.58 -15.08
C ARG E 242 15.30 -12.95 -14.71
N GLN E 243 15.47 -13.17 -13.41
CA GLN E 243 15.87 -14.49 -12.93
C GLN E 243 14.72 -15.49 -13.08
N MET E 244 15.05 -16.76 -12.98
CA MET E 244 14.13 -17.82 -13.37
C MET E 244 13.79 -18.79 -12.26
N GLY E 245 14.71 -19.00 -11.30
CA GLY E 245 14.67 -20.15 -10.42
C GLY E 245 13.47 -20.24 -9.50
N TYR E 246 12.81 -19.12 -9.23
CA TYR E 246 11.61 -19.19 -8.41
C TYR E 246 10.43 -19.73 -9.19
N TYR E 247 10.28 -19.32 -10.44
CA TYR E 247 9.11 -19.71 -11.22
C TYR E 247 9.18 -21.14 -11.68
N LEU E 248 10.37 -21.71 -11.78
CA LEU E 248 10.48 -23.13 -12.11
C LEU E 248 10.03 -23.98 -10.94
N ILE E 249 10.54 -23.69 -9.74
CA ILE E 249 10.35 -24.57 -8.60
C ILE E 249 8.90 -24.57 -8.12
N GLN E 250 8.20 -23.45 -8.25
CA GLN E 250 6.87 -23.41 -7.66
C GLN E 250 5.75 -23.22 -8.67
N MET E 251 6.04 -22.91 -9.92
CA MET E 251 4.93 -22.76 -10.86
C MET E 251 5.01 -23.66 -12.08
N TYR E 252 6.20 -24.00 -12.57
CA TYR E 252 6.28 -24.92 -13.70
C TYR E 252 6.30 -26.36 -13.25
N ILE E 253 7.28 -26.74 -12.43
CA ILE E 253 7.45 -28.09 -11.92
C ILE E 253 6.24 -28.61 -11.12
N PRO E 254 5.57 -27.83 -10.24
CA PRO E 254 4.35 -28.40 -9.64
C PRO E 254 3.22 -28.58 -10.62
N SER E 255 3.03 -27.65 -11.56
CA SER E 255 2.03 -27.86 -12.60
C SER E 255 2.44 -28.96 -13.56
N LEU E 256 3.74 -29.25 -13.64
CA LEU E 256 4.19 -30.39 -14.45
C LEU E 256 3.81 -31.70 -13.79
N LEU E 257 3.89 -31.77 -12.47
CA LEU E 257 3.62 -33.02 -11.76
C LEU E 257 2.13 -33.34 -11.72
N ILE E 258 1.28 -32.32 -11.80
CA ILE E 258 -0.15 -32.56 -11.82
C ILE E 258 -0.57 -33.23 -13.13
N VAL E 259 0.13 -32.90 -14.22
CA VAL E 259 -0.14 -33.55 -15.50
C VAL E 259 0.32 -35.00 -15.46
N ILE E 260 1.41 -35.29 -14.74
CA ILE E 260 1.88 -36.67 -14.62
C ILE E 260 0.91 -37.51 -13.81
N LEU E 261 0.26 -36.90 -12.82
CA LEU E 261 -0.74 -37.64 -12.06
C LEU E 261 -2.03 -37.86 -12.82
N SER E 262 -2.22 -37.20 -13.94
CA SER E 262 -3.33 -37.58 -14.79
C SER E 262 -3.05 -38.88 -15.52
N TRP E 263 -1.79 -39.17 -15.86
CA TRP E 263 -1.53 -40.32 -16.69
C TRP E 263 -1.68 -41.64 -15.95
N VAL E 264 -1.72 -41.64 -14.62
CA VAL E 264 -1.85 -42.89 -13.90
C VAL E 264 -3.27 -43.43 -13.92
N SER E 265 -4.23 -42.68 -14.44
CA SER E 265 -5.56 -43.26 -14.62
C SER E 265 -5.56 -44.29 -15.73
N PHE E 266 -4.65 -44.17 -16.70
CA PHE E 266 -4.59 -45.09 -17.81
C PHE E 266 -3.94 -46.42 -17.45
N TRP E 267 -3.43 -46.56 -16.24
CA TRP E 267 -2.89 -47.81 -15.78
C TRP E 267 -3.74 -48.46 -14.70
N ILE E 268 -4.59 -47.68 -14.03
CA ILE E 268 -5.61 -48.21 -13.16
C ILE E 268 -6.67 -48.93 -14.01
N ASN E 269 -7.29 -49.96 -13.42
CA ASN E 269 -8.27 -50.82 -14.09
C ASN E 269 -9.42 -50.03 -14.69
N MET E 270 -10.01 -50.60 -15.74
CA MET E 270 -11.16 -50.00 -16.40
C MET E 270 -12.39 -50.02 -15.49
N ASP E 271 -12.56 -51.09 -14.73
CA ASP E 271 -13.79 -51.30 -14.00
C ASP E 271 -13.89 -50.48 -12.73
N ALA E 272 -12.76 -50.02 -12.19
CA ALA E 272 -12.76 -49.27 -10.93
C ALA E 272 -13.24 -47.86 -11.20
N ALA E 273 -14.56 -47.74 -11.30
CA ALA E 273 -15.21 -46.47 -11.66
C ALA E 273 -15.11 -45.36 -10.60
N PRO E 274 -15.21 -45.61 -9.28
CA PRO E 274 -14.91 -44.50 -8.35
C PRO E 274 -13.45 -44.12 -8.31
N ALA E 275 -12.55 -45.02 -8.66
CA ALA E 275 -11.12 -44.70 -8.59
C ALA E 275 -10.68 -43.81 -9.74
N ARG E 276 -11.29 -43.96 -10.92
CA ARG E 276 -10.85 -43.20 -12.08
C ARG E 276 -11.33 -41.75 -11.99
N VAL E 277 -12.62 -41.53 -11.79
CA VAL E 277 -13.12 -40.16 -11.74
C VAL E 277 -12.77 -39.47 -10.43
N GLY E 278 -12.51 -40.23 -9.37
CA GLY E 278 -11.99 -39.62 -8.16
C GLY E 278 -10.58 -39.12 -8.35
N LEU E 279 -9.80 -39.81 -9.18
CA LEU E 279 -8.53 -39.31 -9.65
C LEU E 279 -8.67 -38.21 -10.69
N GLY E 280 -9.77 -38.20 -11.43
CA GLY E 280 -9.98 -37.24 -12.50
C GLY E 280 -10.17 -35.82 -12.04
N ILE E 281 -11.27 -35.55 -11.31
CA ILE E 281 -11.60 -34.19 -10.94
C ILE E 281 -10.67 -33.67 -9.86
N THR E 282 -10.19 -34.55 -8.98
CA THR E 282 -9.29 -34.09 -7.93
C THR E 282 -7.93 -33.71 -8.51
N THR E 283 -7.62 -34.15 -9.73
CA THR E 283 -6.48 -33.63 -10.44
C THR E 283 -6.78 -32.28 -11.10
N VAL E 284 -8.01 -32.08 -11.59
CA VAL E 284 -8.33 -30.77 -12.18
C VAL E 284 -8.69 -29.77 -11.11
N LEU E 285 -8.97 -30.23 -9.89
CA LEU E 285 -9.12 -29.32 -8.77
C LEU E 285 -7.78 -28.78 -8.32
N THR E 286 -6.77 -29.65 -8.18
CA THR E 286 -5.47 -29.17 -7.78
C THR E 286 -4.74 -28.44 -8.89
N MET E 287 -5.17 -28.59 -10.14
CA MET E 287 -4.63 -27.76 -11.20
C MET E 287 -5.21 -26.36 -11.14
N THR E 288 -6.46 -26.23 -10.72
CA THR E 288 -7.05 -24.92 -10.53
C THR E 288 -6.52 -24.26 -9.26
N THR E 289 -6.33 -25.05 -8.20
CA THR E 289 -5.81 -24.55 -6.94
C THR E 289 -4.37 -24.05 -7.10
N GLN E 290 -3.60 -24.73 -7.94
CA GLN E 290 -2.25 -24.26 -8.27
C GLN E 290 -2.30 -22.92 -8.99
N SER E 291 -3.25 -22.75 -9.91
CA SER E 291 -3.29 -21.54 -10.71
C SER E 291 -3.95 -20.39 -9.94
N SER E 292 -4.91 -20.69 -9.08
CA SER E 292 -5.67 -19.62 -8.42
C SER E 292 -4.84 -18.92 -7.35
N GLY E 293 -4.02 -19.66 -6.61
CA GLY E 293 -3.22 -19.04 -5.57
C GLY E 293 -2.04 -18.27 -6.13
N SER E 294 -1.66 -18.57 -7.37
CA SER E 294 -0.51 -17.93 -7.98
C SER E 294 -0.85 -16.60 -8.66
N ARG E 295 -2.11 -16.17 -8.63
CA ARG E 295 -2.46 -14.87 -9.19
C ARG E 295 -2.04 -13.70 -8.31
N ALA E 296 -1.62 -13.96 -7.08
CA ALA E 296 -1.12 -12.89 -6.23
C ALA E 296 0.33 -12.55 -6.53
N SER E 297 1.14 -13.54 -6.86
CA SER E 297 2.55 -13.30 -7.15
C SER E 297 2.75 -12.73 -8.54
N LEU E 298 1.88 -13.07 -9.47
CA LEU E 298 2.02 -12.62 -10.84
C LEU E 298 1.60 -11.16 -10.96
N PRO E 299 2.09 -10.45 -11.99
CA PRO E 299 1.60 -9.09 -12.25
C PRO E 299 0.17 -9.07 -12.75
N LYS E 300 -0.41 -7.89 -12.82
CA LYS E 300 -1.83 -7.74 -13.11
C LYS E 300 -2.06 -7.07 -14.45
N VAL E 301 -1.31 -7.47 -15.47
CA VAL E 301 -1.58 -6.95 -16.79
C VAL E 301 -2.80 -7.64 -17.38
N SER E 302 -3.33 -7.06 -18.45
CA SER E 302 -4.57 -7.53 -19.05
C SER E 302 -4.33 -8.15 -20.43
N TYR E 303 -3.17 -8.75 -20.63
CA TYR E 303 -2.89 -9.47 -21.85
C TYR E 303 -2.12 -10.73 -21.52
N VAL E 304 -2.17 -11.69 -22.44
CA VAL E 304 -1.74 -13.05 -22.13
C VAL E 304 -0.23 -13.12 -22.05
N LYS E 305 0.27 -13.76 -20.99
CA LYS E 305 1.69 -13.90 -20.74
C LYS E 305 2.19 -15.21 -21.36
N ALA E 306 3.40 -15.62 -21.00
CA ALA E 306 3.87 -16.96 -21.34
C ALA E 306 3.67 -17.94 -20.20
N ILE E 307 3.60 -17.47 -18.96
CA ILE E 307 3.23 -18.34 -17.87
C ILE E 307 1.74 -18.65 -17.94
N ASP E 308 0.96 -17.79 -18.58
CA ASP E 308 -0.48 -18.01 -18.64
C ASP E 308 -0.84 -19.02 -19.73
N ILE E 309 -0.03 -19.10 -20.78
CA ILE E 309 -0.22 -20.16 -21.77
C ILE E 309 0.11 -21.52 -21.16
N TRP E 310 1.15 -21.58 -20.33
CA TRP E 310 1.52 -22.83 -19.69
C TRP E 310 0.45 -23.29 -18.71
N MET E 311 -0.08 -22.37 -17.91
CA MET E 311 -1.08 -22.77 -16.93
C MET E 311 -2.45 -23.00 -17.54
N ALA E 312 -2.64 -22.69 -18.82
CA ALA E 312 -3.90 -22.99 -19.50
C ALA E 312 -3.82 -24.23 -20.36
N VAL E 313 -2.68 -24.50 -20.99
CA VAL E 313 -2.54 -25.72 -21.76
C VAL E 313 -2.41 -26.92 -20.84
N CYS E 314 -1.69 -26.77 -19.73
CA CYS E 314 -1.62 -27.83 -18.74
C CYS E 314 -2.95 -28.06 -18.05
N LEU E 315 -3.88 -27.11 -18.11
CA LEU E 315 -5.24 -27.37 -17.68
C LEU E 315 -5.96 -28.27 -18.68
N LEU E 316 -5.63 -28.15 -19.98
CA LEU E 316 -6.34 -28.93 -20.99
C LEU E 316 -5.95 -30.40 -20.96
N PHE E 317 -4.69 -30.72 -20.66
CA PHE E 317 -4.29 -32.12 -20.57
C PHE E 317 -4.93 -32.82 -19.40
N VAL E 318 -5.12 -32.13 -18.28
CA VAL E 318 -5.86 -32.72 -17.18
C VAL E 318 -7.33 -32.80 -17.53
N PHE E 319 -7.83 -31.81 -18.28
CA PHE E 319 -9.20 -31.84 -18.76
C PHE E 319 -9.42 -32.94 -19.77
N SER E 320 -8.47 -33.17 -20.67
CA SER E 320 -8.63 -34.22 -21.66
C SER E 320 -8.37 -35.60 -21.10
N ALA E 321 -7.73 -35.71 -19.94
CA ALA E 321 -7.50 -37.01 -19.33
C ALA E 321 -8.74 -37.59 -18.70
N LEU E 322 -9.77 -36.78 -18.46
CA LEU E 322 -11.02 -37.32 -17.93
C LEU E 322 -11.99 -37.66 -19.06
N LEU E 323 -12.02 -36.83 -20.11
CA LEU E 323 -12.86 -37.09 -21.27
C LEU E 323 -12.48 -38.39 -21.98
N GLU E 324 -11.23 -38.83 -21.83
CA GLU E 324 -10.85 -40.16 -22.26
C GLU E 324 -11.63 -41.21 -21.49
N TYR E 325 -11.73 -41.05 -20.16
CA TYR E 325 -12.44 -42.04 -19.37
C TYR E 325 -13.94 -41.98 -19.57
N ALA E 326 -14.48 -40.80 -19.90
CA ALA E 326 -15.89 -40.71 -20.26
C ALA E 326 -16.18 -41.46 -21.55
N ALA E 327 -15.20 -41.58 -22.44
CA ALA E 327 -15.36 -42.43 -23.60
C ALA E 327 -15.24 -43.91 -23.23
N VAL E 328 -14.27 -44.26 -22.38
CA VAL E 328 -14.03 -45.66 -22.03
C VAL E 328 -15.20 -46.22 -21.24
N ASN E 329 -15.75 -45.44 -20.32
CA ASN E 329 -16.86 -45.93 -19.52
C ASN E 329 -18.13 -46.07 -20.36
N PHE E 330 -18.26 -45.29 -21.43
CA PHE E 330 -19.45 -45.38 -22.26
C PHE E 330 -19.36 -46.52 -23.25
N ILE E 331 -18.16 -46.80 -23.76
CA ILE E 331 -18.01 -47.91 -24.72
C ILE E 331 -18.11 -49.25 -24.00
N ALA E 332 -17.51 -49.36 -22.82
CA ALA E 332 -17.53 -50.62 -22.09
C ALA E 332 -18.92 -50.94 -21.54
N ARG E 333 -19.69 -49.92 -21.19
CA ARG E 333 -21.06 -50.13 -20.75
C ARG E 333 -21.97 -50.46 -21.92
N GLN E 334 -21.60 -50.01 -23.12
CA GLN E 334 -22.39 -50.26 -24.31
C GLN E 334 -22.39 -51.75 -24.65
N HIS E 335 -23.55 -52.25 -25.03
CA HIS E 335 -23.69 -53.65 -25.40
C HIS E 335 -24.07 -53.78 -26.87
N GLU E 397 -21.77 -63.39 -24.45
CA GLU E 397 -22.33 -62.81 -25.66
C GLU E 397 -21.18 -62.20 -26.48
N GLU E 398 -21.32 -62.19 -27.80
CA GLU E 398 -20.20 -61.85 -28.67
C GLU E 398 -19.89 -60.36 -28.64
N MET E 399 -20.93 -59.52 -28.65
CA MET E 399 -20.71 -58.07 -28.71
C MET E 399 -20.22 -57.51 -27.39
N ARG E 400 -20.47 -58.19 -26.27
CA ARG E 400 -19.96 -57.75 -24.99
C ARG E 400 -18.45 -57.99 -24.86
N LYS E 401 -17.90 -58.90 -25.67
CA LYS E 401 -16.46 -59.10 -25.72
C LYS E 401 -15.80 -58.16 -26.72
N LEU E 402 -16.50 -57.80 -27.79
CA LEU E 402 -15.92 -56.94 -28.81
C LEU E 402 -15.76 -55.50 -28.31
N PHE E 403 -16.76 -54.99 -27.58
CA PHE E 403 -16.68 -53.63 -27.06
C PHE E 403 -15.67 -53.52 -25.94
N ILE E 404 -15.57 -54.55 -25.10
CA ILE E 404 -14.61 -54.52 -24.00
C ILE E 404 -13.18 -54.67 -24.52
N SER E 405 -13.00 -55.18 -25.73
CA SER E 405 -11.68 -55.20 -26.35
C SER E 405 -11.39 -53.93 -27.12
N ARG E 406 -12.42 -53.22 -27.57
CA ARG E 406 -12.19 -51.93 -28.21
C ARG E 406 -11.89 -50.85 -27.17
N ALA E 407 -12.51 -50.95 -25.98
CA ALA E 407 -12.25 -49.96 -24.94
C ALA E 407 -10.87 -50.14 -24.33
N LYS E 408 -10.34 -51.36 -24.34
CA LYS E 408 -8.94 -51.54 -23.94
C LYS E 408 -7.99 -51.04 -25.02
N ARG E 409 -8.43 -51.03 -26.28
CA ARG E 409 -7.58 -50.53 -27.35
C ARG E 409 -7.37 -49.03 -27.23
N ILE E 410 -8.43 -48.29 -26.91
CA ILE E 410 -8.31 -46.84 -26.77
C ILE E 410 -7.58 -46.48 -25.48
N ASP E 411 -7.46 -47.42 -24.54
CA ASP E 411 -6.64 -47.18 -23.37
C ASP E 411 -5.16 -47.34 -23.68
N THR E 412 -4.79 -48.45 -24.32
CA THR E 412 -3.38 -48.71 -24.62
C THR E 412 -2.83 -47.77 -25.68
N VAL E 413 -3.68 -47.20 -26.52
CA VAL E 413 -3.22 -46.12 -27.39
C VAL E 413 -2.93 -44.87 -26.58
N SER E 414 -3.81 -44.52 -25.66
CA SER E 414 -3.68 -43.28 -24.92
C SER E 414 -2.59 -43.32 -23.86
N ARG E 415 -2.08 -44.50 -23.51
CA ARG E 415 -0.97 -44.57 -22.58
C ARG E 415 0.30 -44.04 -23.21
N VAL E 416 0.49 -44.26 -24.50
CA VAL E 416 1.71 -43.86 -25.18
C VAL E 416 1.51 -42.57 -25.97
N ALA E 417 0.37 -42.44 -26.65
CA ALA E 417 0.19 -41.35 -27.59
C ALA E 417 -0.06 -40.03 -26.91
N PHE E 418 -0.74 -40.04 -25.79
CA PHE E 418 -1.04 -38.76 -25.16
C PHE E 418 0.11 -38.15 -24.36
N PRO E 419 0.96 -38.92 -23.64
CA PRO E 419 2.20 -38.31 -23.16
C PRO E 419 3.18 -37.94 -24.27
N LEU E 420 3.05 -38.52 -25.46
CA LEU E 420 3.86 -38.05 -26.57
C LEU E 420 3.39 -36.70 -27.07
N VAL E 421 2.08 -36.42 -26.98
CA VAL E 421 1.55 -35.13 -27.39
C VAL E 421 2.04 -34.02 -26.46
N PHE E 422 2.11 -34.32 -25.16
CA PHE E 422 2.55 -33.33 -24.20
C PHE E 422 4.02 -32.98 -24.37
N LEU E 423 4.85 -33.94 -24.80
CA LEU E 423 6.24 -33.64 -25.05
C LEU E 423 6.41 -32.77 -26.29
N ILE E 424 5.51 -32.90 -27.27
CA ILE E 424 5.57 -32.04 -28.45
C ILE E 424 5.21 -30.61 -28.09
N PHE E 425 4.23 -30.43 -27.20
CA PHE E 425 3.98 -29.10 -26.65
C PHE E 425 5.15 -28.62 -25.81
N ASN E 426 5.78 -29.53 -25.08
CA ASN E 426 6.86 -29.13 -24.20
C ASN E 426 8.12 -28.76 -24.99
N ILE E 427 8.27 -29.28 -26.21
CA ILE E 427 9.35 -28.85 -27.08
C ILE E 427 9.03 -27.51 -27.69
N PHE E 428 7.85 -27.37 -28.30
CA PHE E 428 7.48 -26.14 -28.97
C PHE E 428 7.32 -24.95 -28.03
N TYR E 429 7.11 -25.20 -26.74
CA TYR E 429 7.03 -24.10 -25.79
C TYR E 429 8.39 -23.51 -25.50
N TRP E 430 9.34 -24.36 -25.07
CA TRP E 430 10.62 -23.84 -24.63
C TRP E 430 11.51 -23.39 -25.78
N ILE E 431 11.23 -23.81 -27.01
CA ILE E 431 11.97 -23.29 -28.14
C ILE E 431 11.55 -21.85 -28.42
N THR E 432 10.26 -21.61 -28.51
CA THR E 432 9.79 -20.28 -28.89
C THR E 432 9.89 -19.25 -27.77
N TYR E 433 10.29 -19.66 -26.57
CA TYR E 433 10.52 -18.70 -25.49
C TYR E 433 11.96 -18.72 -25.01
N LYS E 434 12.87 -19.29 -25.80
CA LYS E 434 14.29 -19.06 -25.64
C LYS E 434 14.96 -18.49 -26.88
N ILE E 435 14.37 -18.70 -28.05
CA ILE E 435 14.81 -17.98 -29.24
C ILE E 435 14.48 -16.49 -29.12
N ILE E 436 13.25 -16.18 -28.69
CA ILE E 436 12.86 -14.81 -28.43
C ILE E 436 13.54 -14.30 -27.16
C1 NAG F . -10.40 37.68 -28.08
C2 NAG F . -10.32 39.08 -28.67
C3 NAG F . -11.68 39.69 -28.75
C4 NAG F . -12.72 38.83 -29.42
C5 NAG F . -12.69 37.38 -28.92
C6 NAG F . -13.49 36.47 -29.81
C7 NAG F . -8.10 40.10 -28.11
C8 NAG F . -7.21 40.97 -27.23
N2 NAG F . -9.50 39.94 -27.78
O3 NAG F . -11.55 40.93 -29.49
O4 NAG F . -13.99 39.42 -29.11
O5 NAG F . -11.33 36.83 -28.89
O6 NAG F . -12.60 35.75 -30.62
O7 NAG F . -7.65 39.53 -29.05
C1 NAG F . -14.61 39.92 -30.31
C2 NAG F . -15.91 40.64 -29.96
C3 NAG F . -16.61 41.13 -31.18
C4 NAG F . -15.73 41.99 -32.06
C5 NAG F . -14.37 41.35 -32.34
C6 NAG F . -13.48 42.39 -32.95
C7 NAG F . -17.38 38.49 -29.50
C8 NAG F . -18.26 37.77 -28.48
N2 NAG F . -16.80 39.78 -29.11
O3 NAG F . -17.77 41.90 -30.77
O4 NAG F . -16.40 42.20 -33.30
O5 NAG F . -13.72 40.83 -31.12
O6 NAG F . -12.66 42.91 -31.95
O7 NAG F . -17.21 37.98 -30.55
C1 NAG G . -24.08 39.25 14.03
C2 NAG G . -24.39 40.71 14.28
C3 NAG G . -24.89 40.92 15.66
C4 NAG G . -26.02 40.01 16.06
C5 NAG G . -25.77 38.55 15.66
C6 NAG G . -27.02 37.73 15.75
C7 NAG G . -22.86 42.13 12.87
C8 NAG G . -21.59 42.96 12.67
N2 NAG G . -23.13 41.51 14.14
O3 NAG G . -25.33 42.30 15.77
O4 NAG G . -26.14 40.12 17.49
O5 NAG G . -25.30 38.43 14.27
O6 NAG G . -27.52 37.54 14.46
O7 NAG G . -23.63 42.01 11.98
C1 NAG G . -27.40 40.72 17.84
C2 NAG G . -27.47 40.91 19.35
C3 NAG G . -28.78 41.49 19.76
C4 NAG G . -29.12 42.76 19.03
C5 NAG G . -28.94 42.63 17.51
C6 NAG G . -29.00 44.01 16.92
C7 NAG G . -27.93 38.39 20.01
C8 NAG G . -27.45 37.21 20.84
N2 NAG G . -27.18 39.63 20.08
O3 NAG G . -28.74 41.77 21.19
O4 NAG G . -30.48 43.10 19.31
O5 NAG G . -27.66 42.03 17.13
O6 NAG G . -27.70 44.46 16.70
O7 NAG G . -28.91 38.25 19.34
C1 NAG H . 9.25 25.52 39.76
C2 NAG H . 9.57 26.71 40.64
C3 NAG H . 10.67 26.38 41.59
C4 NAG H . 10.46 25.11 42.38
C5 NAG H . 9.99 23.95 41.50
C6 NAG H . 9.47 22.81 42.34
C7 NAG H . 9.09 28.83 39.38
C8 NAG H . 9.51 29.99 38.51
N2 NAG H . 10.05 27.83 39.79
O3 NAG H . 10.79 27.50 42.51
O4 NAG H . 11.73 24.79 42.97
O5 NAG H . 8.88 24.34 40.61
O6 NAG H . 8.07 22.84 42.30
O7 NAG H . 7.96 28.72 39.73
C1 NAG H . 11.65 24.90 44.41
C2 NAG H . 13.03 24.65 45.01
C3 NAG H . 12.99 24.70 46.50
C4 NAG H . 12.38 25.97 47.03
C5 NAG H . 11.04 26.32 46.36
C6 NAG H . 10.68 27.72 46.72
C7 NAG H . 13.08 22.02 44.71
C8 NAG H . 13.86 20.84 44.12
N2 NAG H . 13.63 23.36 44.52
O3 NAG H . 14.34 24.58 47.01
O4 NAG H . 12.15 25.82 48.43
O5 NAG H . 11.10 26.21 44.89
O6 NAG H . 11.05 28.57 45.67
O7 NAG H . 12.08 21.80 45.31
C1 NAG I . 43.52 15.47 13.56
C2 NAG I . 44.62 16.43 13.98
C3 NAG I . 45.86 16.18 13.20
C4 NAG I . 46.32 14.74 13.17
C5 NAG I . 45.16 13.77 12.89
C6 NAG I . 45.55 12.36 13.19
C7 NAG I . 43.59 18.57 14.77
C8 NAG I . 43.13 20.00 14.55
N2 NAG I . 44.19 17.81 13.70
O3 NAG I . 46.92 16.99 13.78
O4 NAG I . 47.29 14.65 12.12
O5 NAG I . 43.98 14.06 13.72
O6 NAG I . 44.99 11.99 14.42
O7 NAG I . 43.46 18.06 15.83
C1 NAG I . 48.59 14.33 12.68
C2 NAG I . 49.63 14.34 11.56
C3 NAG I . 50.98 13.97 12.09
C4 NAG I . 51.40 14.83 13.25
C5 NAG I . 50.34 14.95 14.33
C6 NAG I . 50.72 16.04 15.28
C7 NAG I . 48.99 12.01 10.47
C8 NAG I . 48.58 11.31 9.18
N2 NAG I . 49.22 13.46 10.42
O3 NAG I . 51.96 14.11 11.02
O4 NAG I . 52.59 14.25 13.83
O5 NAG I . 49.00 15.27 13.79
O6 NAG I . 50.03 17.20 14.93
O7 NAG I . 49.12 11.36 11.46
C1 NAG J . 31.37 22.99 -28.38
C2 NAG J . 32.32 24.06 -28.87
C3 NAG J . 32.05 24.39 -30.29
C4 NAG J . 31.98 23.21 -31.22
C5 NAG J . 31.15 22.06 -30.64
C6 NAG J . 31.36 20.79 -31.40
C7 NAG J . 32.97 25.53 -26.94
C8 NAG J . 32.79 26.77 -26.08
N2 NAG J . 32.11 25.30 -28.08
O3 NAG J . 33.11 25.29 -30.74
O4 NAG J . 31.40 23.68 -32.44
O5 NAG J . 31.50 21.76 -29.25
O6 NAG J . 32.21 19.96 -30.66
O7 NAG J . 33.81 24.74 -26.68
C1 NAG J . 32.36 23.62 -33.51
C2 NAG J . 31.75 24.22 -34.77
C3 NAG J . 32.68 24.13 -35.93
C4 NAG J . 34.03 24.73 -35.64
C5 NAG J . 34.63 24.23 -34.31
C6 NAG J . 35.79 25.09 -33.97
C7 NAG J . 30.16 22.19 -35.40
C8 NAG J . 28.72 21.76 -35.70
N2 NAG J . 30.42 23.59 -35.09
O3 NAG J . 32.11 24.81 -37.06
O4 NAG J . 34.92 24.37 -36.70
O5 NAG J . 33.67 24.29 -33.20
O6 NAG J . 35.38 26.07 -33.05
O7 NAG J . 31.00 21.36 -35.44
C1 UNL K . -36.02 -33.27 -17.71
C2 UNL K . -35.98 -31.95 -18.46
C3 UNL K . -35.79 -30.82 -17.46
C4 UNL K . -35.89 -29.47 -18.16
C5 UNL K . -35.45 -28.41 -17.15
C6 UNL K . -35.43 -27.04 -17.81
C7 UNL K . -33.98 -26.64 -18.07
C8 UNL K . -33.20 -26.56 -16.76
C9 UNL K . -31.71 -26.41 -17.07
C10 UNL K . -31.03 -25.42 -16.13
C1 UNL L . -38.62 -34.65 -12.82
C2 UNL L . -37.85 -33.56 -13.55
C3 UNL L . -36.52 -33.32 -12.84
C4 UNL L . -35.92 -32.01 -13.35
C5 UNL L . -34.69 -31.66 -12.52
C6 UNL L . -34.93 -30.31 -11.86
C7 UNL L . -33.65 -29.49 -11.86
C8 UNL L . -33.92 -28.16 -11.17
C9 UNL L . -32.73 -27.23 -11.33
C1 UNL M . -38.68 -36.43 -7.75
C2 UNL M . -37.89 -35.95 -6.53
C3 UNL M . -36.97 -34.81 -6.95
C4 UNL M . -36.15 -34.37 -5.75
C5 UNL M . -35.38 -33.10 -6.10
C6 UNL M . -34.61 -32.63 -4.86
C7 UNL M . -34.54 -31.11 -4.87
C8 UNL M . -34.16 -30.63 -3.47
C9 UNL M . -34.61 -29.18 -3.29
C1 UNL N . -35.73 -32.03 -26.33
C2 UNL N . -36.08 -31.02 -25.24
C3 UNL N . -35.35 -29.71 -25.52
C4 UNL N . -35.66 -28.71 -24.42
C5 UNL N . -35.10 -27.33 -24.79
C1 UNL O . -30.57 -15.80 -19.55
C2 UNL O . -29.73 -14.65 -20.11
C3 UNL O . -29.55 -13.59 -19.02
C4 UNL O . -28.72 -12.43 -19.59
C5 UNL O . -28.66 -11.31 -18.55
C1 TAU P . 10.52 21.63 -22.86
C2 TAU P . 9.95 22.98 -23.25
N1 TAU P . 10.61 20.82 -24.05
S TAU P . 8.51 22.66 -24.29
O1 TAU P . 8.05 23.90 -25.00
O2 TAU P . 7.41 22.05 -23.47
O3 TAU P . 8.86 21.77 -25.45
C20 UNL Q . -14.15 -18.55 -27.08
C21 UNL Q . -15.40 -17.89 -26.50
C22 UNL Q . -15.88 -16.81 -27.45
C23 UNL Q . -14.87 -15.66 -27.47
C24 UNL Q . -15.39 -14.56 -28.38
C25 UNL Q . -14.47 -13.35 -28.26
C26 UNL Q . -15.04 -12.21 -29.11
C1 UNL R . -3.42 -24.02 -27.62
C2 UNL R . -4.62 -23.31 -26.98
C3 UNL R . -4.27 -21.85 -26.74
C4 UNL R . -5.55 -21.07 -26.50
C5 UNL R . -5.24 -19.58 -26.68
C6 UNL R . -6.53 -18.82 -26.99
C7 UNL R . -6.20 -17.33 -27.10
C8 UNL R . -7.48 -16.51 -27.00
C9 UNL R . -7.13 -15.03 -27.11
C1 UNL S . -19.70 -14.75 -30.76
C2 UNL S . -20.49 -16.04 -30.64
C3 UNL S . -19.67 -17.07 -29.87
C4 UNL S . -20.40 -18.41 -29.85
C5 UNL S . -19.56 -19.44 -29.10
C1 UNL T . -22.98 -35.78 -28.34
C2 UNL T . -24.47 -35.61 -28.54
C3 UNL T . -24.87 -34.19 -28.16
C4 UNL T . -24.22 -33.20 -29.13
C5 UNL T . -24.72 -31.80 -28.82
C6 UNL T . -24.02 -30.79 -29.74
C7 UNL T . -24.38 -29.37 -29.33
C8 UNL T . -25.87 -29.15 -29.55
C1 TAU U . -13.61 29.02 -8.53
C2 TAU U . -13.99 30.22 -7.67
N1 TAU U . -14.79 28.63 -9.28
S TAU U . -15.54 29.79 -6.84
O1 TAU U . -16.19 30.99 -6.21
O2 TAU U . -15.30 28.69 -5.84
O3 TAU U . -16.58 29.38 -7.83
C20 UNL V . -32.83 -13.85 -2.75
C21 UNL V . -32.69 -13.75 -1.24
C22 UNL V . -33.58 -12.63 -0.72
C23 UNL V . -33.05 -11.29 -1.20
C24 UNL V . -33.90 -10.17 -0.62
C25 UNL V . -33.27 -8.82 -0.95
C26 UNL V . -34.10 -7.72 -0.31
C1 UNL W . -29.99 -15.67 -14.33
C2 UNL W . -29.77 -15.54 -12.82
C3 UNL W . -29.20 -14.15 -12.52
C4 UNL W . -29.35 -13.86 -11.03
C5 UNL W . -29.19 -12.36 -10.82
C6 UNL W . -29.85 -11.94 -9.51
C7 UNL W . -29.61 -10.45 -9.30
C8 UNL W . -29.89 -10.09 -7.85
C9 UNL W . -29.64 -8.60 -7.65
C1 UNL X . -37.77 -10.94 2.34
C2 UNL X . -38.15 -12.39 2.61
C3 UNL X . -37.28 -13.30 1.75
C4 UNL X . -37.75 -14.74 1.91
C5 UNL X . -36.89 -15.66 1.03
C1 UNL Y . -39.91 -31.87 -1.65
C2 UNL Y . -40.64 -32.09 -0.33
C3 UNL Y . -40.24 -31.00 0.65
C4 UNL Y . -40.73 -29.65 0.14
C5 UNL Y . -40.43 -28.57 1.18
C6 UNL Y . -40.85 -27.21 0.64
C7 UNL Y . -40.41 -26.11 1.61
C8 UNL Y . -41.16 -26.27 2.92
C1 UNL Z . -34.90 -36.11 14.03
C2 UNL Z . -35.38 -34.68 14.24
C3 UNL Z . -34.22 -33.86 14.79
C4 UNL Z . -34.70 -32.46 15.15
C5 UNL Z . -33.46 -31.64 15.46
C6 UNL Z . -33.84 -30.18 15.74
C7 UNL Z . -33.47 -29.34 14.52
C8 UNL Z . -31.97 -29.39 14.27
C9 UNL Z . -31.66 -28.76 12.92
C10 UNL Z . -30.40 -27.90 12.97
C1 UNL AA . -31.65 -39.45 17.33
C2 UNL AA . -31.86 -38.02 16.82
C3 UNL AA . -30.67 -37.62 15.96
C4 UNL AA . -30.71 -36.11 15.75
C5 UNL AA . -29.42 -35.66 15.06
C6 UNL AA . -28.72 -34.66 15.96
C7 UNL AA . -28.10 -33.54 15.13
C8 UNL AA . -27.39 -32.58 16.07
C9 UNL AA . -26.94 -31.34 15.32
C1 UNL BA . -27.31 -42.46 18.32
C2 UNL BA . -25.82 -42.12 18.18
C3 UNL BA . -25.68 -40.69 17.65
C4 UNL BA . -24.21 -40.38 17.47
C5 UNL BA . -24.05 -38.89 17.14
C6 UNL BA . -22.56 -38.58 17.03
C7 UNL BA . -22.31 -37.16 17.51
C8 UNL BA . -20.82 -36.99 17.79
C9 UNL BA . -20.61 -35.83 18.76
C1 UNL CA . -42.46 -32.58 11.52
C2 UNL CA . -41.45 -32.04 12.54
C3 UNL CA . -41.24 -30.56 12.29
C4 UNL CA . -40.20 -30.02 13.27
C5 UNL CA . -40.13 -28.49 13.16
C1 UNL DA . -31.92 -18.00 15.00
C2 UNL DA . -31.93 -16.55 14.51
C3 UNL DA . -30.71 -15.81 15.06
C4 UNL DA . -30.74 -14.36 14.59
C5 UNL DA . -29.62 -13.59 15.26
C1 TAU EA . -8.76 25.13 19.79
C2 TAU EA . -7.95 25.88 20.83
N1 TAU EA . -9.95 24.63 20.45
S TAU EA . -7.85 24.83 22.29
O1 TAU EA . -7.35 25.58 23.49
O2 TAU EA . -7.01 23.61 22.00
O3 TAU EA . -9.22 24.42 22.76
C20 UNL FA . -17.19 -21.36 22.93
C21 UNL FA . -15.74 -21.62 23.31
C22 UNL FA . -15.45 -21.00 24.66
C23 UNL FA . -15.48 -19.47 24.53
C24 UNL FA . -15.12 -18.85 25.87
C25 UNL FA . -14.98 -17.34 25.70
C26 UNL FA . -14.54 -16.72 27.02
C1 UNL GA . -26.91 -19.12 16.16
C2 UNL GA . -25.43 -19.33 16.49
C3 UNL GA . -24.73 -17.98 16.59
C4 UNL GA . -23.40 -18.16 17.29
C5 UNL GA . -22.92 -16.79 17.75
C6 UNL GA . -21.92 -16.94 18.90
C7 UNL GA . -21.42 -15.55 19.29
C8 UNL GA . -20.14 -15.68 20.11
C9 UNL GA . -19.65 -14.29 20.50
C1 UNL HA . -14.02 -21.45 29.91
C2 UNL HA . -14.14 -22.96 29.81
C3 UNL HA . -14.71 -23.32 28.44
C4 UNL HA . -14.96 -24.83 28.38
C5 UNL HA . -15.56 -25.19 27.02
C1 UNL IA . -21.55 -40.25 22.95
C2 UNL IA . -20.66 -41.01 23.93
C3 UNL IA . -19.45 -40.16 24.27
C4 UNL IA . -19.91 -38.92 25.04
C5 UNL IA . -18.68 -38.12 25.49
C6 UNL IA . -19.15 -36.84 26.19
C7 UNL IA . -17.94 -35.96 26.49
C8 UNL IA . -17.04 -36.67 27.50
C1 UNL JA . -5.94 -46.93 21.93
C2 UNL JA . -5.72 -45.81 22.94
C3 UNL JA . -4.66 -44.88 22.39
C4 UNL JA . -4.31 -43.82 23.44
C5 UNL JA . -3.42 -42.79 22.75
C6 UNL JA . -3.11 -41.63 23.69
C7 UNL JA . -3.95 -40.42 23.30
C8 UNL JA . -3.60 -39.98 21.88
C9 UNL JA . -4.63 -38.94 21.41
C10 UNL JA . -3.96 -37.81 20.64
C1 UNL KA . -2.17 -49.96 18.91
C2 UNL KA . -2.50 -48.58 19.45
C3 UNL KA . -2.77 -47.63 18.28
C4 UNL KA . -2.76 -46.19 18.79
C5 UNL KA . -2.82 -45.23 17.62
C6 UNL KA . -1.57 -44.35 17.65
C7 UNL KA . -1.93 -42.93 17.25
C8 UNL KA . -0.66 -42.09 17.27
C9 UNL KA . -1.00 -40.62 17.08
C1 UNL LA . -0.03 -51.76 14.32
C2 UNL LA . 0.47 -50.98 13.10
C3 UNL LA . 0.25 -49.50 13.32
C4 UNL LA . 0.69 -48.73 12.09
C5 UNL LA . 0.68 -47.24 12.39
C6 UNL LA . 1.19 -46.49 11.15
C7 UNL LA . 1.93 -45.25 11.60
C8 UNL LA . 2.80 -44.74 10.45
C9 UNL LA . 3.93 -43.88 10.99
C1 UNL MA . -10.62 -45.16 29.07
C2 UNL MA . -9.22 -44.65 28.70
C3 UNL MA . -9.16 -43.15 28.97
C4 UNL MA . -7.78 -42.63 28.57
C5 UNL MA . -7.63 -41.18 29.02
C1 UNL NA . -1.26 -29.67 26.19
C2 UNL NA . -1.50 -28.21 26.57
C3 UNL NA . -0.41 -27.33 25.95
C4 UNL NA . -0.64 -25.88 26.36
C5 UNL NA . 0.51 -25.02 25.85
C1 TAU OA . 18.34 15.32 23.01
C2 TAU OA . 19.71 15.97 22.90
N1 TAU OA . 18.41 14.35 24.08
S TAU OA . 20.93 14.64 22.89
O1 TAU OA . 22.32 15.15 23.09
O2 TAU OA . 20.80 13.83 21.61
O3 TAU OA . 20.77 13.75 24.09
C20 UNL PA . 11.16 -30.69 14.54
C21 UNL PA . 12.02 -30.63 13.28
C22 UNL PA . 13.47 -30.33 13.68
C23 UNL PA . 13.55 -28.91 14.22
C24 UNL PA . 15.00 -28.59 14.55
C25 UNL PA . 15.11 -27.11 14.91
C26 UNL PA . 16.58 -26.78 15.18
C1 UNL QA . 1.57 -29.59 21.77
C2 UNL QA . 2.40 -29.45 20.48
C3 UNL QA . 2.96 -28.04 20.39
C4 UNL QA . 4.10 -28.01 19.38
C5 UNL QA . 4.90 -26.74 19.60
C6 UNL QA . 6.31 -26.90 19.02
C7 UNL QA . 7.06 -25.59 19.21
C8 UNL QA . 8.29 -25.56 18.30
C9 UNL QA . 9.03 -24.25 18.50
C1 UNL RA . 18.73 -31.75 13.90
C2 UNL RA . 18.37 -33.15 13.42
C3 UNL RA . 16.84 -33.28 13.38
C4 UNL RA . 16.47 -34.72 13.02
C5 UNL RA . 14.96 -34.86 13.00
C1 UNL SA . 6.73 -49.34 11.52
C2 UNL SA . 7.86 -50.05 10.77
C3 UNL SA . 8.76 -49.01 10.12
C4 UNL SA . 9.46 -48.20 11.21
C5 UNL SA . 10.47 -47.24 10.58
C6 UNL SA . 11.11 -46.38 11.65
C7 UNL SA . 11.98 -45.31 11.01
C8 UNL SA . 13.14 -45.98 10.28
C1 UNL TA . 10.83 -50.76 -4.95
C2 UNL TA . 12.00 -49.94 -4.42
C3 UNL TA . 12.06 -48.63 -5.19
C4 UNL TA . 13.29 -47.84 -4.78
C5 UNL TA . 13.15 -46.45 -5.40
C6 UNL TA . 14.30 -45.55 -4.96
C7 UNL TA . 13.80 -44.58 -3.91
C8 UNL TA . 12.70 -43.69 -4.50
C9 UNL TA . 12.03 -42.90 -3.37
C10 UNL TA . 11.74 -41.46 -3.79
C1 UNL UA . 9.10 -51.66 -10.31
C2 UNL UA . 9.66 -50.63 -9.35
C3 UNL UA . 8.63 -49.52 -9.13
C4 UNL UA . 9.31 -48.33 -8.47
C5 UNL UA . 8.36 -47.15 -8.42
C6 UNL UA . 8.99 -45.99 -9.18
C7 UNL UA . 8.70 -44.68 -8.48
C8 UNL UA . 9.32 -43.55 -9.30
C9 UNL UA . 9.25 -42.24 -8.52
C1 UNL VA . 5.46 -51.48 -14.27
C2 UNL VA . 4.66 -50.30 -14.81
C3 UNL VA . 5.00 -49.05 -14.00
C4 UNL VA . 4.15 -47.89 -14.51
C5 UNL VA . 4.64 -46.61 -13.86
C6 UNL VA . 3.82 -45.44 -14.42
C7 UNL VA . 4.70 -44.20 -14.49
C8 UNL VA . 4.04 -43.18 -15.42
C9 UNL VA . 5.11 -42.21 -15.93
C1 UNL WA . 15.80 -52.37 2.03
C2 UNL WA . 16.07 -51.41 0.88
C3 UNL WA . 16.56 -50.08 1.44
C4 UNL WA . 16.80 -49.10 0.29
C5 UNL WA . 17.48 -47.85 0.84
C1 UNL XA . 19.04 -34.69 -1.47
C2 UNL XA . 19.51 -33.50 -0.61
C3 UNL XA . 19.48 -32.23 -1.44
C4 UNL XA . 19.97 -31.06 -0.58
C5 UNL XA . 20.10 -29.82 -1.45
C1 TAU YA . 30.27 13.16 -3.36
C2 TAU YA . 30.78 14.17 -4.37
N1 TAU YA . 31.12 12.00 -3.44
S TAU YA . 31.05 13.30 -5.93
O1 TAU YA . 31.84 14.11 -6.90
O2 TAU YA . 29.73 12.87 -6.50
O3 TAU YA . 31.95 12.11 -5.72
C20 UNL ZA . 13.06 -28.97 -16.39
C21 UNL ZA . 12.25 -28.33 -17.51
C22 UNL ZA . 13.21 -27.75 -18.55
C23 UNL ZA . 13.95 -26.56 -17.94
C24 UNL ZA . 14.85 -25.94 -18.99
C25 UNL ZA . 15.45 -24.65 -18.44
C26 UNL ZA . 16.30 -24.00 -19.53
C1 UNL AB . 16.11 -32.61 -5.31
C2 UNL AB . 15.28 -31.92 -6.39
C3 UNL AB . 15.62 -30.43 -6.39
C4 UNL AB . 15.14 -29.80 -7.69
C5 UNL AB . 15.84 -28.46 -7.88
C6 UNL AB . 15.83 -28.06 -9.35
C7 UNL AB . 16.48 -26.69 -9.48
C8 UNL AB . 16.12 -26.08 -10.83
C9 UNL AB . 16.78 -24.70 -10.94
C1 UNL BB . 15.24 -27.61 -23.62
C2 UNL BB . 14.45 -28.89 -23.95
C3 UNL BB . 13.81 -29.43 -22.69
C4 UNL BB . 13.13 -30.76 -22.99
C5 UNL BB . 12.51 -31.31 -21.71
C1 UNL CB . 5.88 -46.57 -20.20
C2 UNL CB . 5.52 -46.71 -21.68
C3 UNL CB . 5.44 -45.32 -22.31
C4 UNL CB . 6.82 -44.67 -22.29
C5 UNL CB . 6.76 -43.34 -23.02
C6 UNL CB . 8.12 -42.65 -22.93
C7 UNL CB . 8.02 -41.24 -23.52
C8 UNL CB . 7.70 -41.34 -25.00
C1 UNL DB . -7.78 -42.31 -29.45
C2 UNL DB . -6.72 -41.37 -30.02
C3 UNL DB . -7.21 -39.93 -29.82
C4 UNL DB . -6.25 -38.96 -30.50
C5 UNL DB . -6.66 -37.57 -30.07
C6 UNL DB . -5.69 -36.53 -30.62
C7 UNL DB . -4.78 -36.05 -29.49
C8 UNL DB . -5.61 -35.39 -28.39
C9 UNL DB . -4.72 -35.16 -27.17
C10 UNL DB . -5.00 -33.80 -26.52
C1 UNL EB . -13.46 -42.21 -29.93
C2 UNL EB . -12.21 -41.34 -29.75
C3 UNL EB . -12.26 -40.67 -28.38
C4 UNL EB . -11.21 -39.58 -28.34
C5 UNL EB . -11.36 -38.76 -27.06
C6 UNL EB . -11.65 -37.32 -27.44
C7 UNL EB . -10.92 -36.37 -26.47
C8 UNL EB . -11.26 -34.95 -26.87
C9 UNL EB . -10.38 -33.97 -26.08
C1 UNL FB . -18.45 -42.00 -27.91
C2 UNL FB . -19.07 -41.00 -26.94
C3 UNL FB . -18.03 -39.97 -26.54
C4 UNL FB . -18.64 -39.01 -25.53
C5 UNL FB . -17.67 -37.86 -25.29
C6 UNL FB . -18.33 -36.88 -24.33
C7 UNL FB . -17.86 -35.46 -24.66
C8 UNL FB . -18.81 -34.46 -24.02
C9 UNL FB . -18.73 -33.13 -24.76
C1 UNL GB . 0.25 -44.26 -32.22
C2 UNL GB . -0.55 -42.98 -32.47
C3 UNL GB . 0.35 -41.77 -32.25
C4 UNL GB . -0.46 -40.49 -32.46
C5 UNL GB . 0.49 -39.30 -32.43
C1 UNL HB . 0.92 -26.11 -29.75
C2 UNL HB . 2.04 -25.13 -29.46
C3 UNL HB . 1.47 -23.73 -29.24
C4 UNL HB . 2.62 -22.75 -28.98
C5 UNL HB . 2.05 -21.34 -28.90
#